data_1X5F
#
_entry.id   1X5F
#
_entity_poly.entity_id   1
_entity_poly.type   'polypeptide(L)'
_entity_poly.pdbx_seq_one_letter_code
;GSSGSSGEHAPATTGPLPSAPRDVVASLVSTRFIKLTWRTPASDPHGDNLTYSVFYTKEGIARERVENTSHPGEMQVTIQ
NLMPATVYIFRVMAQNKHGSGESSAPLRVETQPESGPSSG
;
_entity_poly.pdbx_strand_id   A
#
# COMPACT_ATOMS: atom_id res chain seq x y z
N GLY A 1 16.64 -1.13 8.39
CA GLY A 1 16.95 -2.54 8.54
C GLY A 1 18.25 -2.92 7.88
N SER A 2 19.34 -2.32 8.35
CA SER A 2 20.66 -2.60 7.80
C SER A 2 20.65 -2.55 6.28
N SER A 3 19.91 -1.58 5.73
CA SER A 3 19.79 -1.43 4.29
C SER A 3 21.18 -1.44 3.63
N GLY A 4 21.19 -1.55 2.31
CA GLY A 4 22.45 -1.58 1.58
C GLY A 4 22.43 -0.65 0.38
N SER A 5 23.40 -0.83 -0.51
CA SER A 5 23.50 0.00 -1.71
C SER A 5 24.12 -0.78 -2.86
N SER A 6 23.91 -0.29 -4.08
CA SER A 6 24.44 -0.94 -5.27
C SER A 6 24.71 0.07 -6.38
N GLY A 7 25.32 -0.40 -7.46
CA GLY A 7 25.63 0.49 -8.57
C GLY A 7 24.69 0.29 -9.75
N GLU A 8 24.47 -0.97 -10.12
CA GLU A 8 23.58 -1.29 -11.24
C GLU A 8 22.52 -2.30 -10.82
N HIS A 9 21.95 -2.10 -9.64
CA HIS A 9 20.92 -3.01 -9.13
C HIS A 9 21.40 -4.45 -9.15
N ALA A 10 22.70 -4.63 -8.96
CA ALA A 10 23.29 -5.98 -8.96
C ALA A 10 22.36 -6.98 -8.29
N PRO A 11 22.34 -8.21 -8.82
CA PRO A 11 21.49 -9.29 -8.29
C PRO A 11 21.97 -9.78 -6.94
N ALA A 12 21.05 -10.31 -6.15
CA ALA A 12 21.37 -10.82 -4.82
C ALA A 12 20.62 -12.11 -4.53
N THR A 13 21.28 -13.03 -3.81
CA THR A 13 20.67 -14.31 -3.47
C THR A 13 19.58 -14.14 -2.42
N THR A 14 18.37 -14.56 -2.76
CA THR A 14 17.24 -14.44 -1.84
C THR A 14 16.24 -15.58 -2.05
N GLY A 15 15.56 -15.98 -0.98
CA GLY A 15 14.59 -17.05 -1.07
C GLY A 15 13.34 -16.63 -1.82
N PRO A 16 12.27 -17.45 -1.70
CA PRO A 16 11.00 -17.18 -2.36
C PRO A 16 10.27 -15.98 -1.76
N LEU A 17 9.37 -15.39 -2.53
CA LEU A 17 8.60 -14.24 -2.08
C LEU A 17 7.11 -14.51 -2.14
N PRO A 18 6.34 -13.84 -1.26
CA PRO A 18 4.89 -14.00 -1.19
C PRO A 18 4.19 -13.40 -2.41
N SER A 19 2.87 -13.23 -2.30
CA SER A 19 2.08 -12.66 -3.40
C SER A 19 1.13 -11.60 -2.88
N ALA A 20 1.07 -10.46 -3.58
CA ALA A 20 0.19 -9.38 -3.19
C ALA A 20 -1.17 -9.91 -2.70
N PRO A 21 -1.84 -9.11 -1.87
CA PRO A 21 -3.15 -9.47 -1.32
C PRO A 21 -4.24 -9.45 -2.38
N ARG A 22 -5.42 -9.97 -2.02
CA ARG A 22 -6.55 -10.02 -2.94
C ARG A 22 -7.70 -9.16 -2.43
N ASP A 23 -8.78 -9.11 -3.20
CA ASP A 23 -9.95 -8.33 -2.82
C ASP A 23 -9.56 -6.90 -2.45
N VAL A 24 -8.59 -6.35 -3.19
CA VAL A 24 -8.12 -4.99 -2.94
C VAL A 24 -9.18 -3.96 -3.33
N VAL A 25 -9.85 -3.41 -2.32
CA VAL A 25 -10.89 -2.42 -2.56
C VAL A 25 -10.84 -1.31 -1.51
N ALA A 26 -11.56 -0.23 -1.77
CA ALA A 26 -11.59 0.90 -0.85
C ALA A 26 -12.88 0.91 -0.04
N SER A 27 -12.80 0.53 1.23
CA SER A 27 -13.96 0.49 2.10
C SER A 27 -14.64 1.85 2.16
N LEU A 28 -13.86 2.91 2.04
CA LEU A 28 -14.39 4.26 2.07
C LEU A 28 -13.46 5.23 1.34
N VAL A 29 -14.04 6.30 0.80
CA VAL A 29 -13.26 7.30 0.07
C VAL A 29 -13.50 8.70 0.63
N SER A 30 -12.56 9.17 1.44
CA SER A 30 -12.68 10.50 2.05
C SER A 30 -12.11 11.57 1.12
N THR A 31 -12.44 12.83 1.41
CA THR A 31 -11.97 13.94 0.60
C THR A 31 -10.51 14.25 0.89
N ARG A 32 -10.03 13.83 2.06
CA ARG A 32 -8.65 14.07 2.45
C ARG A 32 -7.90 12.75 2.65
N PHE A 33 -8.63 11.65 2.49
CA PHE A 33 -8.04 10.33 2.66
C PHE A 33 -8.92 9.25 2.00
N ILE A 34 -8.48 8.01 2.09
CA ILE A 34 -9.22 6.89 1.50
C ILE A 34 -9.00 5.60 2.29
N LYS A 35 -10.08 4.97 2.69
CA LYS A 35 -10.02 3.73 3.45
C LYS A 35 -9.85 2.53 2.52
N LEU A 36 -8.82 1.73 2.77
CA LEU A 36 -8.55 0.55 1.96
C LEU A 36 -8.89 -0.73 2.72
N THR A 37 -9.20 -1.80 1.98
CA THR A 37 -9.54 -3.07 2.59
C THR A 37 -9.30 -4.22 1.63
N TRP A 38 -8.48 -5.18 2.05
CA TRP A 38 -8.16 -6.33 1.22
C TRP A 38 -8.14 -7.62 2.05
N ARG A 39 -8.06 -8.75 1.37
CA ARG A 39 -8.03 -10.05 2.05
C ARG A 39 -6.62 -10.62 2.05
N THR A 40 -6.46 -11.80 2.66
CA THR A 40 -5.16 -12.46 2.73
C THR A 40 -4.75 -12.99 1.37
N PRO A 41 -3.45 -12.87 1.06
CA PRO A 41 -2.90 -13.35 -0.21
C PRO A 41 -2.88 -14.86 -0.32
N ALA A 42 -2.85 -15.37 -1.54
CA ALA A 42 -2.83 -16.81 -1.78
C ALA A 42 -1.63 -17.47 -1.10
N SER A 43 -0.49 -16.78 -1.14
CA SER A 43 0.73 -17.30 -0.53
C SER A 43 0.60 -17.37 0.99
N ASP A 44 -0.10 -16.38 1.55
CA ASP A 44 -0.30 -16.32 2.99
C ASP A 44 -1.78 -16.13 3.33
N PRO A 45 -2.46 -17.23 3.67
CA PRO A 45 -3.89 -17.21 4.02
C PRO A 45 -4.14 -16.51 5.35
N HIS A 46 -3.06 -16.24 6.09
CA HIS A 46 -3.19 -15.58 7.39
C HIS A 46 -2.53 -14.21 7.35
N GLY A 47 -1.55 -14.04 6.46
CA GLY A 47 -0.86 -12.77 6.34
C GLY A 47 -0.75 -12.04 7.67
N ASP A 48 -0.54 -12.80 8.74
CA ASP A 48 -0.42 -12.22 10.07
C ASP A 48 1.05 -12.01 10.44
N ASN A 49 1.94 -12.67 9.71
CA ASN A 49 3.37 -12.57 9.96
C ASN A 49 4.05 -11.71 8.90
N LEU A 50 3.24 -11.02 8.09
CA LEU A 50 3.76 -10.17 7.03
C LEU A 50 3.01 -8.83 6.99
N THR A 51 3.76 -7.74 6.92
CA THR A 51 3.17 -6.41 6.88
C THR A 51 2.65 -6.09 5.48
N TYR A 52 1.79 -5.08 5.38
CA TYR A 52 1.21 -4.68 4.11
C TYR A 52 1.58 -3.24 3.78
N SER A 53 2.10 -3.03 2.57
CA SER A 53 2.50 -1.69 2.13
C SER A 53 1.56 -1.18 1.05
N VAL A 54 1.15 0.08 1.18
CA VAL A 54 0.25 0.70 0.22
C VAL A 54 0.92 1.87 -0.49
N PHE A 55 1.04 1.78 -1.80
CA PHE A 55 1.66 2.82 -2.59
C PHE A 55 0.61 3.61 -3.37
N TYR A 56 0.50 4.91 -3.06
CA TYR A 56 -0.46 5.77 -3.73
C TYR A 56 0.24 6.82 -4.58
N THR A 57 -0.31 7.08 -5.76
CA THR A 57 0.27 8.06 -6.67
C THR A 57 -0.77 8.55 -7.69
N LYS A 58 -0.89 9.86 -7.80
CA LYS A 58 -1.85 10.46 -8.74
C LYS A 58 -1.71 9.83 -10.12
N GLU A 59 -2.85 9.62 -10.79
CA GLU A 59 -2.85 9.03 -12.12
C GLU A 59 -1.82 9.71 -13.02
N GLY A 60 -0.88 8.93 -13.52
CA GLY A 60 0.15 9.46 -14.38
C GLY A 60 1.46 9.69 -13.67
N ILE A 61 1.38 10.23 -12.45
CA ILE A 61 2.57 10.51 -11.65
C ILE A 61 3.29 9.23 -11.28
N ALA A 62 4.62 9.25 -11.35
CA ALA A 62 5.43 8.09 -11.02
C ALA A 62 5.81 8.09 -9.54
N ARG A 63 5.92 9.28 -8.97
CA ARG A 63 6.30 9.42 -7.56
C ARG A 63 5.17 8.92 -6.66
N GLU A 64 5.39 7.78 -6.02
CA GLU A 64 4.39 7.20 -5.13
C GLU A 64 4.95 7.02 -3.72
N ARG A 65 4.09 7.16 -2.72
CA ARG A 65 4.51 7.01 -1.33
C ARG A 65 3.92 5.75 -0.72
N VAL A 66 4.74 5.04 0.07
CA VAL A 66 4.30 3.81 0.72
C VAL A 66 3.84 4.08 2.15
N GLU A 67 2.78 3.39 2.55
CA GLU A 67 2.23 3.56 3.89
C GLU A 67 2.11 2.21 4.59
N ASN A 68 3.04 1.96 5.53
CA ASN A 68 3.04 0.70 6.27
C ASN A 68 1.91 0.67 7.29
N THR A 69 1.09 -0.37 7.24
CA THR A 69 -0.03 -0.51 8.16
C THR A 69 0.42 -0.34 9.60
N SER A 70 -0.23 0.56 10.32
CA SER A 70 0.10 0.82 11.71
C SER A 70 0.44 -0.47 12.45
N HIS A 71 -0.13 -1.57 11.98
CA HIS A 71 0.10 -2.87 12.58
C HIS A 71 0.13 -3.98 11.52
N PRO A 72 0.99 -4.98 11.73
CA PRO A 72 1.13 -6.11 10.80
C PRO A 72 -0.10 -7.02 10.81
N GLY A 73 -0.55 -7.40 9.62
CA GLY A 73 -1.71 -8.27 9.50
C GLY A 73 -2.98 -7.50 9.23
N GLU A 74 -2.95 -6.19 9.48
CA GLU A 74 -4.11 -5.35 9.27
C GLU A 74 -4.62 -5.47 7.83
N MET A 75 -5.81 -6.03 7.68
CA MET A 75 -6.41 -6.22 6.36
C MET A 75 -7.01 -4.92 5.85
N GLN A 76 -6.78 -3.83 6.60
CA GLN A 76 -7.30 -2.52 6.22
C GLN A 76 -6.34 -1.41 6.62
N VAL A 77 -6.32 -0.34 5.85
CA VAL A 77 -5.45 0.80 6.13
C VAL A 77 -6.03 2.10 5.59
N THR A 78 -5.65 3.21 6.20
CA THR A 78 -6.14 4.52 5.78
C THR A 78 -5.01 5.39 5.25
N ILE A 79 -5.28 6.09 4.15
CA ILE A 79 -4.28 6.96 3.55
C ILE A 79 -4.70 8.43 3.63
N GLN A 80 -4.22 9.11 4.67
CA GLN A 80 -4.55 10.52 4.87
C GLN A 80 -3.58 11.42 4.10
N ASN A 81 -3.82 12.72 4.15
CA ASN A 81 -2.97 13.69 3.47
C ASN A 81 -3.13 13.57 1.96
N LEU A 82 -4.38 13.41 1.51
CA LEU A 82 -4.67 13.29 0.08
C LEU A 82 -5.45 14.50 -0.41
N MET A 83 -5.54 14.63 -1.73
CA MET A 83 -6.28 15.74 -2.34
C MET A 83 -7.65 15.29 -2.82
N PRO A 84 -8.67 16.12 -2.55
CA PRO A 84 -10.05 15.82 -2.95
C PRO A 84 -10.26 15.90 -4.46
N ALA A 85 -11.25 15.18 -4.96
CA ALA A 85 -11.54 15.18 -6.39
C ALA A 85 -10.28 14.93 -7.21
N THR A 86 -9.45 14.01 -6.74
CA THR A 86 -8.21 13.68 -7.42
C THR A 86 -7.99 12.17 -7.48
N VAL A 87 -7.80 11.64 -8.68
CA VAL A 87 -7.59 10.22 -8.87
C VAL A 87 -6.25 9.78 -8.27
N TYR A 88 -6.23 8.61 -7.65
CA TYR A 88 -5.02 8.08 -7.05
C TYR A 88 -4.93 6.57 -7.22
N ILE A 89 -3.77 6.09 -7.66
CA ILE A 89 -3.56 4.66 -7.86
C ILE A 89 -2.99 4.01 -6.62
N PHE A 90 -3.83 3.26 -5.91
CA PHE A 90 -3.41 2.58 -4.70
C PHE A 90 -2.99 1.14 -4.99
N ARG A 91 -1.81 0.76 -4.50
CA ARG A 91 -1.29 -0.59 -4.72
C ARG A 91 -0.88 -1.22 -3.40
N VAL A 92 -1.53 -2.34 -3.06
CA VAL A 92 -1.23 -3.05 -1.83
C VAL A 92 -0.26 -4.19 -2.07
N MET A 93 0.66 -4.39 -1.13
CA MET A 93 1.66 -5.45 -1.24
C MET A 93 1.97 -6.05 0.12
N ALA A 94 2.33 -7.33 0.13
CA ALA A 94 2.66 -8.03 1.36
C ALA A 94 4.17 -8.05 1.61
N GLN A 95 4.56 -8.14 2.86
CA GLN A 95 5.97 -8.17 3.23
C GLN A 95 6.22 -9.10 4.41
N ASN A 96 7.12 -10.05 4.23
CA ASN A 96 7.44 -11.01 5.29
C ASN A 96 8.93 -10.99 5.62
N LYS A 97 9.36 -11.88 6.49
CA LYS A 97 10.76 -11.97 6.88
C LYS A 97 11.68 -11.75 5.69
N HIS A 98 11.19 -12.11 4.50
CA HIS A 98 11.96 -11.94 3.27
C HIS A 98 12.00 -10.47 2.85
N GLY A 99 10.86 -9.96 2.40
CA GLY A 99 10.79 -8.57 1.97
C GLY A 99 9.54 -8.29 1.15
N SER A 100 9.69 -7.42 0.15
CA SER A 100 8.57 -7.06 -0.71
C SER A 100 8.36 -8.09 -1.81
N GLY A 101 7.21 -8.75 -1.79
CA GLY A 101 6.91 -9.76 -2.78
C GLY A 101 6.39 -9.17 -4.08
N GLU A 102 5.09 -9.28 -4.31
CA GLU A 102 4.48 -8.75 -5.52
C GLU A 102 3.49 -7.64 -5.19
N SER A 103 3.50 -6.58 -5.99
CA SER A 103 2.60 -5.45 -5.78
C SER A 103 1.24 -5.73 -6.40
N SER A 104 0.20 -5.74 -5.56
CA SER A 104 -1.15 -5.99 -6.02
C SER A 104 -1.49 -5.12 -7.23
N ALA A 105 -2.64 -5.39 -7.85
CA ALA A 105 -3.07 -4.64 -9.01
C ALA A 105 -3.37 -3.18 -8.64
N PRO A 106 -3.14 -2.28 -9.59
CA PRO A 106 -3.37 -0.84 -9.40
C PRO A 106 -4.86 -0.51 -9.31
N LEU A 107 -5.27 -0.01 -8.15
CA LEU A 107 -6.67 0.34 -7.94
C LEU A 107 -6.89 1.84 -8.16
N ARG A 108 -7.79 2.17 -9.08
CA ARG A 108 -8.09 3.57 -9.38
C ARG A 108 -9.17 4.11 -8.45
N VAL A 109 -8.75 4.94 -7.50
CA VAL A 109 -9.68 5.52 -6.54
C VAL A 109 -9.71 7.04 -6.68
N GLU A 110 -10.91 7.59 -6.81
CA GLU A 110 -11.08 9.04 -6.95
C GLU A 110 -11.80 9.62 -5.74
N THR A 111 -11.14 10.55 -5.05
CA THR A 111 -11.72 11.18 -3.88
C THR A 111 -12.97 11.98 -4.24
N GLN A 112 -13.57 12.60 -3.23
CA GLN A 112 -14.78 13.41 -3.44
C GLN A 112 -14.46 14.89 -3.36
N PRO A 113 -15.20 15.70 -4.14
CA PRO A 113 -15.02 17.16 -4.17
C PRO A 113 -15.49 17.82 -2.89
N GLU A 114 -14.54 18.13 -2.00
CA GLU A 114 -14.86 18.77 -0.73
C GLU A 114 -15.93 19.83 -0.92
N SER A 115 -16.58 20.20 0.19
CA SER A 115 -17.64 21.20 0.15
C SER A 115 -17.08 22.56 -0.26
N GLY A 116 -15.85 22.83 0.14
CA GLY A 116 -15.22 24.10 -0.18
C GLY A 116 -14.97 24.96 1.04
N PRO A 117 -14.71 26.25 0.82
CA PRO A 117 -14.45 27.21 1.89
C PRO A 117 -15.69 27.51 2.71
N SER A 118 -16.78 27.84 2.02
CA SER A 118 -18.05 28.15 2.69
C SER A 118 -18.39 27.10 3.74
N SER A 119 -18.20 27.46 5.00
CA SER A 119 -18.48 26.54 6.11
C SER A 119 -19.93 26.10 6.08
N GLY A 120 -20.84 27.07 5.98
CA GLY A 120 -22.26 26.76 5.95
C GLY A 120 -22.69 25.91 7.13
N GLY A 1 47.03 7.21 7.78
CA GLY A 1 46.82 7.19 6.34
C GLY A 1 45.42 7.65 5.95
N SER A 2 45.09 7.49 4.68
CA SER A 2 43.78 7.90 4.18
C SER A 2 43.39 7.08 2.94
N SER A 3 42.18 6.55 2.96
CA SER A 3 41.69 5.74 1.84
C SER A 3 40.16 5.80 1.77
N GLY A 4 39.61 5.15 0.75
CA GLY A 4 38.17 5.15 0.57
C GLY A 4 37.69 6.20 -0.41
N SER A 5 37.98 6.00 -1.68
CA SER A 5 37.57 6.95 -2.72
C SER A 5 36.21 6.58 -3.30
N SER A 6 35.99 5.29 -3.50
CA SER A 6 34.73 4.81 -4.05
C SER A 6 34.27 3.55 -3.33
N GLY A 7 33.05 3.10 -3.65
CA GLY A 7 32.51 1.91 -3.02
C GLY A 7 31.40 1.28 -3.83
N GLU A 8 31.27 -0.03 -3.74
CA GLU A 8 30.24 -0.75 -4.48
C GLU A 8 29.43 -1.65 -3.54
N HIS A 9 28.17 -1.88 -3.90
CA HIS A 9 27.29 -2.72 -3.09
C HIS A 9 27.26 -4.15 -3.62
N ALA A 10 27.18 -5.11 -2.71
CA ALA A 10 27.14 -6.52 -3.10
C ALA A 10 25.79 -7.14 -2.75
N PRO A 11 24.80 -6.92 -3.63
CA PRO A 11 23.44 -7.45 -3.45
C PRO A 11 23.38 -8.96 -3.62
N ALA A 12 22.86 -9.65 -2.60
CA ALA A 12 22.75 -11.09 -2.64
C ALA A 12 21.31 -11.53 -2.95
N THR A 13 21.18 -12.65 -3.65
CA THR A 13 19.86 -13.17 -4.01
C THR A 13 19.20 -13.85 -2.83
N THR A 14 17.98 -13.44 -2.53
CA THR A 14 17.23 -14.00 -1.41
C THR A 14 16.33 -15.14 -1.88
N GLY A 15 15.67 -15.81 -0.94
CA GLY A 15 14.79 -16.90 -1.27
C GLY A 15 13.53 -16.45 -1.97
N PRO A 16 12.48 -17.27 -1.92
CA PRO A 16 11.20 -16.97 -2.55
C PRO A 16 10.45 -15.84 -1.86
N LEU A 17 9.50 -15.24 -2.56
CA LEU A 17 8.71 -14.14 -2.00
C LEU A 17 7.22 -14.44 -2.07
N PRO A 18 6.45 -13.83 -1.16
CA PRO A 18 5.00 -14.01 -1.10
C PRO A 18 4.28 -13.36 -2.28
N SER A 19 2.96 -13.46 -2.29
CA SER A 19 2.16 -12.88 -3.37
C SER A 19 1.24 -11.78 -2.84
N ALA A 20 1.03 -10.75 -3.65
CA ALA A 20 0.18 -9.64 -3.27
C ALA A 20 -1.21 -10.13 -2.85
N PRO A 21 -1.86 -9.34 -1.98
CA PRO A 21 -3.20 -9.67 -1.47
C PRO A 21 -4.28 -9.55 -2.55
N ARG A 22 -5.49 -9.96 -2.21
CA ARG A 22 -6.61 -9.89 -3.15
C ARG A 22 -7.76 -9.07 -2.57
N ASP A 23 -8.87 -9.04 -3.29
CA ASP A 23 -10.05 -8.29 -2.86
C ASP A 23 -9.67 -6.86 -2.47
N VAL A 24 -8.72 -6.29 -3.22
CA VAL A 24 -8.27 -4.93 -2.97
C VAL A 24 -9.35 -3.91 -3.33
N VAL A 25 -10.00 -3.36 -2.30
CA VAL A 25 -11.05 -2.37 -2.51
C VAL A 25 -10.93 -1.22 -1.52
N ALA A 26 -11.73 -0.19 -1.72
CA ALA A 26 -11.72 0.97 -0.84
C ALA A 26 -12.96 1.00 0.06
N SER A 27 -12.80 0.59 1.31
CA SER A 27 -13.91 0.56 2.25
C SER A 27 -14.60 1.92 2.32
N LEU A 28 -13.84 2.98 2.05
CA LEU A 28 -14.37 4.34 2.08
C LEU A 28 -13.46 5.30 1.32
N VAL A 29 -14.03 6.37 0.80
CA VAL A 29 -13.27 7.37 0.06
C VAL A 29 -13.50 8.77 0.64
N SER A 30 -12.54 9.22 1.45
CA SER A 30 -12.64 10.55 2.07
C SER A 30 -12.07 11.62 1.14
N THR A 31 -12.37 12.87 1.46
CA THR A 31 -11.90 13.99 0.64
C THR A 31 -10.42 14.28 0.91
N ARG A 32 -9.97 13.90 2.10
CA ARG A 32 -8.58 14.11 2.49
C ARG A 32 -7.85 12.78 2.68
N PHE A 33 -8.58 11.68 2.53
CA PHE A 33 -8.01 10.35 2.69
C PHE A 33 -8.89 9.30 2.02
N ILE A 34 -8.46 8.05 2.10
CA ILE A 34 -9.21 6.95 1.50
C ILE A 34 -9.00 5.65 2.28
N LYS A 35 -10.10 5.01 2.66
CA LYS A 35 -10.03 3.77 3.41
C LYS A 35 -9.87 2.58 2.47
N LEU A 36 -8.81 1.80 2.68
CA LEU A 36 -8.54 0.62 1.86
C LEU A 36 -8.86 -0.67 2.62
N THR A 37 -9.14 -1.73 1.88
CA THR A 37 -9.45 -3.02 2.48
C THR A 37 -9.15 -4.17 1.51
N TRP A 38 -8.48 -5.19 2.00
CA TRP A 38 -8.14 -6.35 1.19
C TRP A 38 -8.08 -7.62 2.03
N ARG A 39 -8.05 -8.77 1.36
CA ARG A 39 -8.01 -10.05 2.05
C ARG A 39 -6.57 -10.59 2.09
N THR A 40 -6.40 -11.74 2.73
CA THR A 40 -5.08 -12.36 2.83
C THR A 40 -4.64 -12.94 1.50
N PRO A 41 -3.32 -12.93 1.25
CA PRO A 41 -2.74 -13.46 0.01
C PRO A 41 -2.84 -14.97 -0.07
N ALA A 42 -2.85 -15.49 -1.29
CA ALA A 42 -2.93 -16.93 -1.51
C ALA A 42 -1.79 -17.66 -0.81
N SER A 43 -0.62 -17.04 -0.79
CA SER A 43 0.55 -17.62 -0.15
C SER A 43 0.40 -17.64 1.36
N ASP A 44 -0.13 -16.55 1.91
CA ASP A 44 -0.34 -16.44 3.35
C ASP A 44 -1.79 -16.10 3.68
N PRO A 45 -2.58 -17.12 4.01
CA PRO A 45 -4.01 -16.95 4.34
C PRO A 45 -4.20 -16.24 5.68
N HIS A 46 -3.11 -16.04 6.40
CA HIS A 46 -3.16 -15.37 7.70
C HIS A 46 -2.37 -14.06 7.67
N GLY A 47 -1.38 -14.00 6.77
CA GLY A 47 -0.56 -12.80 6.67
C GLY A 47 -0.37 -12.12 8.00
N ASP A 48 -0.28 -12.91 9.07
CA ASP A 48 -0.08 -12.35 10.40
C ASP A 48 1.40 -12.17 10.70
N ASN A 49 2.25 -12.80 9.89
CA ASN A 49 3.70 -12.69 10.07
C ASN A 49 4.32 -11.85 8.97
N LEU A 50 3.49 -11.07 8.30
CA LEU A 50 3.97 -10.20 7.22
C LEU A 50 3.14 -8.92 7.15
N THR A 51 3.83 -7.78 7.07
CA THR A 51 3.16 -6.49 7.00
C THR A 51 2.64 -6.21 5.59
N TYR A 52 1.81 -5.19 5.46
CA TYR A 52 1.25 -4.82 4.17
C TYR A 52 1.56 -3.37 3.83
N SER A 53 2.11 -3.15 2.64
CA SER A 53 2.45 -1.81 2.19
C SER A 53 1.44 -1.29 1.18
N VAL A 54 1.24 0.03 1.18
CA VAL A 54 0.29 0.65 0.27
C VAL A 54 0.92 1.84 -0.45
N PHE A 55 1.02 1.75 -1.77
CA PHE A 55 1.60 2.82 -2.57
C PHE A 55 0.51 3.61 -3.30
N TYR A 56 0.50 4.93 -3.07
CA TYR A 56 -0.49 5.79 -3.70
C TYR A 56 0.19 6.88 -4.54
N THR A 57 -0.47 7.28 -5.61
CA THR A 57 0.08 8.31 -6.49
C THR A 57 -0.95 8.73 -7.55
N LYS A 58 -1.06 10.04 -7.78
CA LYS A 58 -2.00 10.55 -8.77
C LYS A 58 -1.73 9.95 -10.14
N GLU A 59 -2.79 9.69 -10.89
CA GLU A 59 -2.67 9.11 -12.23
C GLU A 59 -1.74 9.96 -13.09
N GLY A 60 -0.58 9.40 -13.43
CA GLY A 60 0.38 10.11 -14.25
C GLY A 60 1.66 10.44 -13.50
N ILE A 61 1.50 10.92 -12.26
CA ILE A 61 2.64 11.28 -11.43
C ILE A 61 3.53 10.07 -11.16
N ALA A 62 4.83 10.22 -11.42
CA ALA A 62 5.78 9.14 -11.20
C ALA A 62 6.25 9.12 -9.75
N ARG A 63 5.57 9.86 -8.89
CA ARG A 63 5.92 9.93 -7.48
C ARG A 63 4.83 9.30 -6.62
N GLU A 64 5.19 8.24 -5.90
CA GLU A 64 4.23 7.56 -5.03
C GLU A 64 4.83 7.31 -3.65
N ARG A 65 3.98 7.33 -2.62
CA ARG A 65 4.43 7.10 -1.25
C ARG A 65 3.86 5.79 -0.71
N VAL A 66 4.66 5.11 0.10
CA VAL A 66 4.25 3.84 0.69
C VAL A 66 3.77 4.03 2.13
N GLU A 67 2.62 3.45 2.46
CA GLU A 67 2.07 3.55 3.80
C GLU A 67 1.95 2.18 4.45
N ASN A 68 2.85 1.90 5.39
CA ASN A 68 2.85 0.62 6.10
C ASN A 68 1.76 0.59 7.17
N THR A 69 0.93 -0.45 7.12
CA THR A 69 -0.15 -0.59 8.09
C THR A 69 0.36 -0.46 9.52
N SER A 70 -0.32 0.36 10.31
CA SER A 70 0.07 0.59 11.69
C SER A 70 0.42 -0.72 12.38
N HIS A 71 -0.22 -1.81 11.96
CA HIS A 71 0.03 -3.13 12.53
C HIS A 71 0.13 -4.18 11.43
N PRO A 72 0.96 -5.20 11.66
CA PRO A 72 1.17 -6.29 10.70
C PRO A 72 -0.05 -7.20 10.60
N GLY A 73 -0.46 -7.49 9.37
CA GLY A 73 -1.60 -8.35 9.16
C GLY A 73 -2.86 -7.56 8.86
N GLU A 74 -2.94 -6.35 9.38
CA GLU A 74 -4.11 -5.49 9.17
C GLU A 74 -4.64 -5.64 7.75
N MET A 75 -5.89 -6.10 7.64
CA MET A 75 -6.52 -6.30 6.34
C MET A 75 -7.12 -4.99 5.84
N GLN A 76 -6.61 -3.87 6.34
CA GLN A 76 -7.09 -2.56 5.93
C GLN A 76 -6.19 -1.45 6.48
N VAL A 77 -6.12 -0.35 5.75
CA VAL A 77 -5.29 0.78 6.16
C VAL A 77 -5.89 2.10 5.67
N THR A 78 -5.44 3.21 6.26
CA THR A 78 -5.92 4.53 5.88
C THR A 78 -4.81 5.36 5.25
N ILE A 79 -5.14 6.04 4.16
CA ILE A 79 -4.17 6.88 3.45
C ILE A 79 -4.55 8.35 3.54
N GLN A 80 -3.96 9.06 4.50
CA GLN A 80 -4.24 10.48 4.68
C GLN A 80 -3.31 11.33 3.83
N ASN A 81 -3.46 12.65 3.93
CA ASN A 81 -2.63 13.58 3.18
C ASN A 81 -2.89 13.45 1.68
N LEU A 82 -4.17 13.45 1.31
CA LEU A 82 -4.57 13.34 -0.09
C LEU A 82 -5.38 14.56 -0.52
N MET A 83 -5.53 14.72 -1.83
CA MET A 83 -6.29 15.84 -2.38
C MET A 83 -7.68 15.39 -2.84
N PRO A 84 -8.69 16.22 -2.55
CA PRO A 84 -10.08 15.92 -2.92
C PRO A 84 -10.31 16.02 -4.42
N ALA A 85 -11.35 15.35 -4.91
CA ALA A 85 -11.69 15.37 -6.32
C ALA A 85 -10.45 15.08 -7.18
N THR A 86 -9.62 14.15 -6.72
CA THR A 86 -8.41 13.79 -7.44
C THR A 86 -8.19 12.28 -7.42
N VAL A 87 -8.08 11.67 -8.60
CA VAL A 87 -7.87 10.24 -8.71
C VAL A 87 -6.50 9.85 -8.16
N TYR A 88 -6.42 8.64 -7.61
CA TYR A 88 -5.17 8.14 -7.05
C TYR A 88 -5.06 6.63 -7.21
N ILE A 89 -3.90 6.18 -7.71
CA ILE A 89 -3.67 4.75 -7.91
C ILE A 89 -3.03 4.11 -6.68
N PHE A 90 -3.79 3.29 -5.99
CA PHE A 90 -3.31 2.62 -4.79
C PHE A 90 -2.81 1.20 -5.13
N ARG A 91 -1.72 0.80 -4.50
CA ARG A 91 -1.15 -0.53 -4.73
C ARG A 91 -0.81 -1.20 -3.41
N VAL A 92 -1.39 -2.38 -3.19
CA VAL A 92 -1.16 -3.14 -1.96
C VAL A 92 -0.10 -4.21 -2.18
N MET A 93 0.63 -4.54 -1.12
CA MET A 93 1.67 -5.56 -1.18
C MET A 93 1.98 -6.12 0.20
N ALA A 94 2.42 -7.37 0.24
CA ALA A 94 2.74 -8.03 1.50
C ALA A 94 4.26 -8.03 1.73
N GLN A 95 4.64 -8.13 2.99
CA GLN A 95 6.06 -8.15 3.36
C GLN A 95 6.31 -9.09 4.53
N ASN A 96 7.23 -10.04 4.34
CA ASN A 96 7.56 -11.00 5.39
C ASN A 96 9.04 -10.91 5.75
N LYS A 97 9.49 -11.83 6.60
CA LYS A 97 10.88 -11.86 7.03
C LYS A 97 11.81 -11.67 5.84
N HIS A 98 11.31 -11.96 4.65
CA HIS A 98 12.11 -11.81 3.44
C HIS A 98 12.14 -10.36 2.97
N GLY A 99 11.00 -9.86 2.53
CA GLY A 99 10.92 -8.48 2.07
C GLY A 99 9.66 -8.20 1.28
N SER A 100 9.76 -7.35 0.27
CA SER A 100 8.62 -7.00 -0.56
C SER A 100 8.43 -8.02 -1.68
N GLY A 101 7.28 -8.71 -1.66
CA GLY A 101 7.00 -9.69 -2.68
C GLY A 101 6.41 -9.08 -3.94
N GLU A 102 5.23 -9.54 -4.32
CA GLU A 102 4.56 -9.02 -5.52
C GLU A 102 3.57 -7.92 -5.16
N SER A 103 3.56 -6.86 -5.96
CA SER A 103 2.66 -5.73 -5.73
C SER A 103 1.32 -5.96 -6.41
N SER A 104 0.26 -5.99 -5.61
CA SER A 104 -1.09 -6.19 -6.14
C SER A 104 -1.36 -5.26 -7.32
N ALA A 105 -2.53 -5.43 -7.94
CA ALA A 105 -2.91 -4.61 -9.07
C ALA A 105 -3.24 -3.18 -8.63
N PRO A 106 -2.95 -2.21 -9.51
CA PRO A 106 -3.21 -0.79 -9.23
C PRO A 106 -4.69 -0.47 -9.20
N LEU A 107 -5.16 0.03 -8.05
CA LEU A 107 -6.56 0.38 -7.89
C LEU A 107 -6.79 1.87 -8.17
N ARG A 108 -7.69 2.15 -9.11
CA ARG A 108 -8.00 3.53 -9.48
C ARG A 108 -9.14 4.08 -8.62
N VAL A 109 -8.78 4.91 -7.64
CA VAL A 109 -9.77 5.51 -6.75
C VAL A 109 -9.89 7.01 -6.99
N GLU A 110 -11.02 7.59 -6.60
CA GLU A 110 -11.26 9.01 -6.77
C GLU A 110 -11.90 9.61 -5.52
N THR A 111 -11.27 10.64 -4.98
CA THR A 111 -11.78 11.31 -3.78
C THR A 111 -13.03 12.13 -4.09
N GLN A 112 -13.60 12.74 -3.07
CA GLN A 112 -14.80 13.55 -3.23
C GLN A 112 -14.47 15.03 -3.09
N PRO A 113 -15.21 15.88 -3.83
CA PRO A 113 -15.02 17.33 -3.81
C PRO A 113 -15.47 17.95 -2.49
N GLU A 114 -14.51 18.50 -1.75
CA GLU A 114 -14.80 19.14 -0.47
C GLU A 114 -14.70 20.64 -0.57
N SER A 115 -15.03 21.18 -1.74
CA SER A 115 -14.98 22.63 -1.97
C SER A 115 -16.38 23.21 -2.08
N GLY A 116 -17.13 22.74 -3.08
CA GLY A 116 -18.49 23.23 -3.27
C GLY A 116 -19.46 22.67 -2.27
N PRO A 117 -20.55 23.41 -2.03
CA PRO A 117 -21.58 23.00 -1.06
C PRO A 117 -22.38 21.80 -1.55
N SER A 118 -22.13 20.64 -0.95
CA SER A 118 -22.83 19.42 -1.33
C SER A 118 -24.13 19.26 -0.55
N SER A 119 -25.17 19.96 -1.00
CA SER A 119 -26.47 19.91 -0.35
C SER A 119 -27.08 18.53 -0.46
N GLY A 120 -27.15 17.82 0.66
CA GLY A 120 -27.71 16.48 0.66
C GLY A 120 -27.14 15.62 1.78
N GLY A 1 22.95 -14.81 25.93
CA GLY A 1 24.30 -14.82 25.42
C GLY A 1 24.52 -13.77 24.34
N SER A 2 25.58 -13.95 23.56
CA SER A 2 25.91 -13.00 22.49
C SER A 2 25.91 -13.70 21.14
N SER A 3 25.03 -13.26 20.25
CA SER A 3 24.94 -13.84 18.91
C SER A 3 24.59 -12.77 17.88
N GLY A 4 24.83 -13.09 16.61
CA GLY A 4 24.53 -12.15 15.54
C GLY A 4 25.15 -12.55 14.22
N SER A 5 26.16 -11.80 13.79
CA SER A 5 26.85 -12.09 12.53
C SER A 5 27.75 -13.30 12.67
N SER A 6 28.47 -13.38 13.79
CA SER A 6 29.37 -14.49 14.03
C SER A 6 30.51 -14.51 13.01
N GLY A 7 31.05 -13.34 12.73
CA GLY A 7 32.14 -13.24 11.77
C GLY A 7 31.64 -13.24 10.33
N GLU A 8 31.79 -14.38 9.66
CA GLU A 8 31.36 -14.50 8.27
C GLU A 8 29.89 -14.92 8.19
N HIS A 9 29.26 -14.65 7.06
CA HIS A 9 27.86 -14.99 6.85
C HIS A 9 27.69 -15.83 5.60
N ALA A 10 26.50 -16.41 5.44
CA ALA A 10 26.21 -17.25 4.28
C ALA A 10 25.62 -16.42 3.14
N PRO A 11 26.08 -16.69 1.91
CA PRO A 11 25.60 -15.98 0.72
C PRO A 11 24.17 -16.33 0.37
N ALA A 12 23.62 -15.65 -0.63
CA ALA A 12 22.25 -15.89 -1.07
C ALA A 12 21.36 -16.27 0.11
N THR A 13 21.35 -15.43 1.13
CA THR A 13 20.54 -15.68 2.32
C THR A 13 19.10 -15.20 2.11
N THR A 14 18.45 -15.73 1.10
CA THR A 14 17.08 -15.35 0.79
C THR A 14 16.28 -16.55 0.28
N GLY A 15 14.95 -16.42 0.29
CA GLY A 15 14.10 -17.50 -0.18
C GLY A 15 12.97 -17.00 -1.04
N PRO A 16 11.87 -17.78 -1.11
CA PRO A 16 10.69 -17.43 -1.91
C PRO A 16 9.92 -16.26 -1.32
N LEU A 17 9.35 -15.44 -2.19
CA LEU A 17 8.58 -14.28 -1.75
C LEU A 17 7.08 -14.54 -1.87
N PRO A 18 6.30 -13.87 -1.02
CA PRO A 18 4.84 -14.01 -1.01
C PRO A 18 4.18 -13.39 -2.24
N SER A 19 2.87 -13.27 -2.21
CA SER A 19 2.12 -12.70 -3.33
C SER A 19 1.15 -11.62 -2.84
N ALA A 20 1.11 -10.50 -3.55
CA ALA A 20 0.22 -9.40 -3.20
C ALA A 20 -1.14 -9.92 -2.76
N PRO A 21 -1.84 -9.13 -1.94
CA PRO A 21 -3.16 -9.48 -1.43
C PRO A 21 -4.23 -9.45 -2.51
N ARG A 22 -5.42 -9.95 -2.18
CA ARG A 22 -6.52 -9.98 -3.13
C ARG A 22 -7.70 -9.14 -2.62
N ASP A 23 -8.75 -9.07 -3.43
CA ASP A 23 -9.94 -8.31 -3.06
C ASP A 23 -9.56 -6.90 -2.63
N VAL A 24 -8.69 -6.26 -3.41
CA VAL A 24 -8.25 -4.90 -3.12
C VAL A 24 -9.33 -3.88 -3.45
N VAL A 25 -9.94 -3.33 -2.40
CA VAL A 25 -11.00 -2.33 -2.58
C VAL A 25 -10.87 -1.21 -1.57
N ALA A 26 -11.73 -0.21 -1.69
CA ALA A 26 -11.72 0.93 -0.79
C ALA A 26 -12.96 0.96 0.09
N SER A 27 -12.81 0.57 1.36
CA SER A 27 -13.93 0.54 2.29
C SER A 27 -14.60 1.90 2.36
N LEU A 28 -13.83 2.96 2.17
CA LEU A 28 -14.36 4.32 2.21
C LEU A 28 -13.45 5.28 1.43
N VAL A 29 -14.05 6.35 0.92
CA VAL A 29 -13.30 7.35 0.16
C VAL A 29 -13.51 8.75 0.73
N SER A 30 -12.58 9.21 1.54
CA SER A 30 -12.67 10.52 2.15
C SER A 30 -12.09 11.59 1.23
N THR A 31 -12.40 12.85 1.51
CA THR A 31 -11.93 13.97 0.71
C THR A 31 -10.45 14.25 0.98
N ARG A 32 -10.01 13.95 2.20
CA ARG A 32 -8.63 14.17 2.60
C ARG A 32 -7.89 12.85 2.76
N PHE A 33 -8.61 11.74 2.60
CA PHE A 33 -8.02 10.42 2.73
C PHE A 33 -8.89 9.37 2.06
N ILE A 34 -8.47 8.11 2.12
CA ILE A 34 -9.20 7.01 1.52
C ILE A 34 -8.97 5.72 2.28
N LYS A 35 -10.07 5.07 2.70
CA LYS A 35 -9.98 3.83 3.43
C LYS A 35 -9.84 2.63 2.47
N LEU A 36 -8.80 1.83 2.68
CA LEU A 36 -8.55 0.67 1.84
C LEU A 36 -8.86 -0.62 2.59
N THR A 37 -9.16 -1.67 1.84
CA THR A 37 -9.48 -2.97 2.43
C THR A 37 -9.22 -4.11 1.45
N TRP A 38 -8.49 -5.12 1.91
CA TRP A 38 -8.18 -6.27 1.06
C TRP A 38 -8.18 -7.56 1.88
N ARG A 39 -8.13 -8.69 1.18
CA ARG A 39 -8.13 -9.99 1.84
C ARG A 39 -6.72 -10.56 1.92
N THR A 40 -6.60 -11.76 2.50
CA THR A 40 -5.31 -12.42 2.63
C THR A 40 -4.80 -12.93 1.29
N PRO A 41 -3.47 -12.92 1.10
CA PRO A 41 -2.84 -13.40 -0.13
C PRO A 41 -2.96 -14.90 -0.31
N ALA A 42 -3.03 -15.35 -1.56
CA ALA A 42 -3.15 -16.77 -1.85
C ALA A 42 -1.98 -17.55 -1.26
N SER A 43 -0.84 -16.89 -1.10
CA SER A 43 0.35 -17.52 -0.54
C SER A 43 0.27 -17.58 0.98
N ASP A 44 -0.15 -16.48 1.59
CA ASP A 44 -0.27 -16.41 3.04
C ASP A 44 -1.74 -16.28 3.46
N PRO A 45 -2.36 -17.42 3.78
CA PRO A 45 -3.77 -17.47 4.19
C PRO A 45 -3.98 -16.85 5.57
N HIS A 46 -2.89 -16.45 6.20
CA HIS A 46 -2.96 -15.84 7.53
C HIS A 46 -2.38 -14.43 7.51
N GLY A 47 -1.46 -14.18 6.58
CA GLY A 47 -0.85 -12.86 6.47
C GLY A 47 -0.72 -12.18 7.82
N ASP A 48 -0.41 -12.95 8.85
CA ASP A 48 -0.27 -12.41 10.20
C ASP A 48 1.21 -12.15 10.51
N ASN A 49 2.09 -12.79 9.75
CA ASN A 49 3.53 -12.64 9.95
C ASN A 49 4.15 -11.81 8.83
N LEU A 50 3.33 -10.99 8.19
CA LEU A 50 3.80 -10.14 7.09
C LEU A 50 3.04 -8.82 7.07
N THR A 51 3.79 -7.73 6.88
CA THR A 51 3.18 -6.41 6.83
C THR A 51 2.66 -6.08 5.43
N TYR A 52 1.75 -5.13 5.35
CA TYR A 52 1.17 -4.73 4.06
C TYR A 52 1.51 -3.28 3.74
N SER A 53 2.06 -3.05 2.55
CA SER A 53 2.44 -1.72 2.12
C SER A 53 1.46 -1.19 1.07
N VAL A 54 1.08 0.08 1.20
CA VAL A 54 0.16 0.71 0.26
C VAL A 54 0.82 1.87 -0.47
N PHE A 55 1.05 1.69 -1.76
CA PHE A 55 1.68 2.73 -2.59
C PHE A 55 0.62 3.50 -3.38
N TYR A 56 0.51 4.79 -3.08
CA TYR A 56 -0.46 5.64 -3.76
C TYR A 56 0.25 6.70 -4.61
N THR A 57 -0.40 7.13 -5.68
CA THR A 57 0.16 8.14 -6.57
C THR A 57 -0.90 8.70 -7.52
N LYS A 58 -0.65 9.89 -8.04
CA LYS A 58 -1.59 10.54 -8.96
C LYS A 58 -1.44 9.96 -10.37
N GLU A 59 -2.56 9.59 -10.97
CA GLU A 59 -2.56 9.03 -12.31
C GLU A 59 -1.55 9.76 -13.20
N GLY A 60 -1.28 11.01 -12.86
CA GLY A 60 -0.34 11.80 -13.64
C GLY A 60 1.07 11.75 -13.07
N ILE A 61 1.16 11.62 -11.76
CA ILE A 61 2.47 11.56 -11.09
C ILE A 61 3.05 10.16 -11.15
N ALA A 62 4.38 10.08 -11.25
CA ALA A 62 5.06 8.79 -11.32
C ALA A 62 5.58 8.38 -9.95
N ARG A 63 5.75 9.35 -9.06
CA ARG A 63 6.23 9.08 -7.72
C ARG A 63 5.09 8.65 -6.80
N GLU A 64 5.32 7.56 -6.06
CA GLU A 64 4.31 7.04 -5.15
C GLU A 64 4.88 6.88 -3.73
N ARG A 65 4.02 7.06 -2.74
CA ARG A 65 4.44 6.95 -1.34
C ARG A 65 3.89 5.67 -0.71
N VAL A 66 4.73 4.99 0.06
CA VAL A 66 4.33 3.76 0.73
C VAL A 66 3.92 4.01 2.17
N GLU A 67 2.77 3.46 2.57
CA GLU A 67 2.28 3.63 3.93
C GLU A 67 2.17 2.28 4.63
N ASN A 68 3.07 2.03 5.58
CA ASN A 68 3.08 0.78 6.33
C ASN A 68 1.89 0.72 7.29
N THR A 69 1.11 -0.35 7.19
CA THR A 69 -0.06 -0.52 8.05
C THR A 69 0.32 -0.40 9.52
N SER A 70 -0.43 0.41 10.26
CA SER A 70 -0.17 0.61 11.67
C SER A 70 0.14 -0.71 12.37
N HIS A 71 -0.41 -1.80 11.83
CA HIS A 71 -0.20 -3.13 12.40
C HIS A 71 0.00 -4.15 11.28
N PRO A 72 0.87 -5.14 11.55
CA PRO A 72 1.18 -6.20 10.59
C PRO A 72 0.00 -7.16 10.40
N GLY A 73 -0.39 -7.37 9.14
CA GLY A 73 -1.49 -8.26 8.85
C GLY A 73 -2.81 -7.51 8.68
N GLU A 74 -2.83 -6.26 9.09
CA GLU A 74 -4.04 -5.44 8.99
C GLU A 74 -4.62 -5.50 7.58
N MET A 75 -5.86 -5.96 7.47
CA MET A 75 -6.53 -6.08 6.19
C MET A 75 -7.18 -4.75 5.80
N GLN A 76 -6.91 -3.72 6.58
CA GLN A 76 -7.47 -2.39 6.31
C GLN A 76 -6.50 -1.30 6.74
N VAL A 77 -6.35 -0.29 5.89
CA VAL A 77 -5.44 0.83 6.17
C VAL A 77 -6.04 2.15 5.71
N THR A 78 -5.55 3.25 6.27
CA THR A 78 -6.03 4.58 5.92
C THR A 78 -4.93 5.42 5.27
N ILE A 79 -5.28 6.14 4.22
CA ILE A 79 -4.32 6.98 3.53
C ILE A 79 -4.71 8.46 3.62
N GLN A 80 -4.18 9.14 4.62
CA GLN A 80 -4.47 10.56 4.81
C GLN A 80 -3.50 11.44 4.02
N ASN A 81 -3.69 12.75 4.09
CA ASN A 81 -2.84 13.69 3.39
C ASN A 81 -3.02 13.57 1.88
N LEU A 82 -4.28 13.48 1.45
CA LEU A 82 -4.59 13.36 0.02
C LEU A 82 -5.42 14.54 -0.45
N MET A 83 -5.53 14.70 -1.76
CA MET A 83 -6.29 15.78 -2.35
C MET A 83 -7.65 15.28 -2.85
N PRO A 84 -8.70 16.07 -2.56
CA PRO A 84 -10.07 15.73 -2.98
C PRO A 84 -10.27 15.83 -4.48
N ALA A 85 -11.27 15.12 -4.99
CA ALA A 85 -11.57 15.15 -6.42
C ALA A 85 -10.31 14.89 -7.25
N THR A 86 -9.49 13.95 -6.79
CA THR A 86 -8.26 13.60 -7.47
C THR A 86 -8.02 12.10 -7.48
N VAL A 87 -8.03 11.50 -8.65
CA VAL A 87 -7.81 10.06 -8.79
C VAL A 87 -6.43 9.66 -8.28
N TYR A 88 -6.36 8.50 -7.65
CA TYR A 88 -5.10 8.00 -7.10
C TYR A 88 -4.99 6.49 -7.29
N ILE A 89 -3.83 6.04 -7.74
CA ILE A 89 -3.59 4.62 -7.97
C ILE A 89 -2.96 3.97 -6.74
N PHE A 90 -3.77 3.22 -6.00
CA PHE A 90 -3.29 2.54 -4.80
C PHE A 90 -2.84 1.11 -5.12
N ARG A 91 -1.76 0.68 -4.47
CA ARG A 91 -1.23 -0.66 -4.69
C ARG A 91 -0.85 -1.31 -3.36
N VAL A 92 -1.45 -2.47 -3.09
CA VAL A 92 -1.18 -3.19 -1.86
C VAL A 92 -0.17 -4.32 -2.09
N MET A 93 0.77 -4.47 -1.17
CA MET A 93 1.79 -5.51 -1.28
C MET A 93 2.11 -6.11 0.09
N ALA A 94 2.37 -7.40 0.13
CA ALA A 94 2.69 -8.10 1.37
C ALA A 94 4.19 -8.12 1.62
N GLN A 95 4.58 -8.12 2.88
CA GLN A 95 5.99 -8.14 3.25
C GLN A 95 6.22 -9.02 4.48
N ASN A 96 7.12 -9.99 4.35
CA ASN A 96 7.43 -10.89 5.45
C ASN A 96 8.91 -10.83 5.81
N LYS A 97 9.32 -11.69 6.73
CA LYS A 97 10.72 -11.74 7.16
C LYS A 97 11.66 -11.65 5.97
N HIS A 98 11.16 -12.00 4.79
CA HIS A 98 11.96 -11.96 3.57
C HIS A 98 12.09 -10.52 3.07
N GLY A 99 10.98 -9.95 2.61
CA GLY A 99 11.00 -8.59 2.09
C GLY A 99 9.74 -8.24 1.33
N SER A 100 9.90 -7.53 0.22
CA SER A 100 8.76 -7.12 -0.60
C SER A 100 8.49 -8.14 -1.71
N GLY A 101 7.33 -8.77 -1.66
CA GLY A 101 6.97 -9.76 -2.66
C GLY A 101 6.50 -9.12 -3.95
N GLU A 102 5.22 -9.30 -4.27
CA GLU A 102 4.65 -8.74 -5.49
C GLU A 102 3.66 -7.63 -5.17
N SER A 103 3.65 -6.59 -5.98
CA SER A 103 2.75 -5.46 -5.78
C SER A 103 1.40 -5.73 -6.43
N SER A 104 0.35 -5.77 -5.60
CA SER A 104 -1.00 -6.02 -6.09
C SER A 104 -1.33 -5.12 -7.27
N ALA A 105 -2.48 -5.36 -7.90
CA ALA A 105 -2.90 -4.57 -9.05
C ALA A 105 -3.19 -3.14 -8.64
N PRO A 106 -2.94 -2.20 -9.57
CA PRO A 106 -3.17 -0.77 -9.33
C PRO A 106 -4.66 -0.43 -9.24
N LEU A 107 -5.13 -0.15 -8.03
CA LEU A 107 -6.52 0.19 -7.80
C LEU A 107 -6.76 1.68 -8.04
N ARG A 108 -7.78 1.99 -8.83
CA ARG A 108 -8.12 3.38 -9.13
C ARG A 108 -9.18 3.91 -8.18
N VAL A 109 -8.86 4.98 -7.47
CA VAL A 109 -9.78 5.58 -6.50
C VAL A 109 -9.86 7.09 -6.69
N GLU A 110 -11.08 7.62 -6.70
CA GLU A 110 -11.28 9.06 -6.86
C GLU A 110 -11.95 9.66 -5.63
N THR A 111 -11.24 10.55 -4.95
CA THR A 111 -11.76 11.20 -3.76
C THR A 111 -13.03 11.99 -4.07
N GLN A 112 -13.56 12.66 -3.05
CA GLN A 112 -14.78 13.46 -3.21
C GLN A 112 -14.46 14.95 -3.19
N PRO A 113 -15.18 15.73 -4.01
CA PRO A 113 -15.00 17.18 -4.09
C PRO A 113 -15.46 17.89 -2.82
N GLU A 114 -14.51 18.25 -1.96
CA GLU A 114 -14.82 18.94 -0.72
C GLU A 114 -14.80 20.45 -0.92
N SER A 115 -15.55 21.17 -0.08
CA SER A 115 -15.63 22.62 -0.17
C SER A 115 -16.26 23.20 1.10
N GLY A 116 -15.76 24.37 1.50
CA GLY A 116 -16.27 25.02 2.70
C GLY A 116 -17.77 25.25 2.62
N PRO A 117 -18.40 25.45 3.79
CA PRO A 117 -19.84 25.69 3.88
C PRO A 117 -20.23 27.06 3.34
N SER A 118 -20.75 27.07 2.11
CA SER A 118 -21.17 28.31 1.46
C SER A 118 -21.91 29.21 2.45
N SER A 119 -21.73 30.52 2.31
CA SER A 119 -22.38 31.48 3.19
C SER A 119 -23.77 31.84 2.67
N GLY A 120 -24.58 32.47 3.52
CA GLY A 120 -25.92 32.86 3.12
C GLY A 120 -25.94 33.64 1.83
N GLY A 1 31.04 4.79 8.35
CA GLY A 1 29.72 4.85 7.75
C GLY A 1 28.84 5.91 8.37
N SER A 2 28.97 7.15 7.90
CA SER A 2 28.19 8.26 8.43
C SER A 2 26.70 8.04 8.17
N SER A 3 26.38 7.61 6.96
CA SER A 3 24.99 7.37 6.58
C SER A 3 24.62 5.90 6.75
N GLY A 4 25.35 5.03 6.04
CA GLY A 4 25.08 3.60 6.13
C GLY A 4 25.88 2.94 7.23
N SER A 5 25.54 1.68 7.52
CA SER A 5 26.23 0.93 8.57
C SER A 5 27.29 0.01 7.97
N SER A 6 28.38 -0.18 8.70
CA SER A 6 29.47 -1.03 8.25
C SER A 6 29.05 -2.49 8.21
N GLY A 7 29.24 -3.14 7.06
CA GLY A 7 28.87 -4.53 6.92
C GLY A 7 28.64 -4.92 5.47
N GLU A 8 28.80 -6.20 5.18
CA GLU A 8 28.62 -6.71 3.83
C GLU A 8 27.15 -6.64 3.41
N HIS A 9 26.90 -6.26 2.16
CA HIS A 9 25.55 -6.16 1.65
C HIS A 9 25.50 -6.49 0.16
N ALA A 10 24.30 -6.77 -0.34
CA ALA A 10 24.13 -7.10 -1.76
C ALA A 10 22.65 -7.19 -2.11
N PRO A 11 22.31 -6.67 -3.30
CA PRO A 11 20.93 -6.68 -3.79
C PRO A 11 20.44 -8.08 -4.16
N ALA A 12 19.73 -8.71 -3.23
CA ALA A 12 19.21 -10.06 -3.45
C ALA A 12 18.07 -10.37 -2.48
N THR A 13 17.36 -11.46 -2.76
CA THR A 13 16.24 -11.87 -1.91
C THR A 13 16.57 -13.15 -1.15
N THR A 14 16.05 -13.26 0.07
CA THR A 14 16.29 -14.43 0.90
C THR A 14 15.16 -15.44 0.77
N GLY A 15 15.37 -16.45 -0.06
CA GLY A 15 14.36 -17.48 -0.26
C GLY A 15 13.21 -17.00 -1.13
N PRO A 16 12.11 -17.76 -1.13
CA PRO A 16 10.92 -17.41 -1.92
C PRO A 16 10.19 -16.19 -1.39
N LEU A 17 9.41 -15.55 -2.24
CA LEU A 17 8.66 -14.37 -1.85
C LEU A 17 7.15 -14.62 -1.92
N PRO A 18 6.39 -13.94 -1.05
CA PRO A 18 4.93 -14.09 -0.99
C PRO A 18 4.25 -13.48 -2.21
N SER A 19 2.94 -13.27 -2.10
CA SER A 19 2.16 -12.71 -3.20
C SER A 19 1.25 -11.58 -2.71
N ALA A 20 1.02 -10.60 -3.57
CA ALA A 20 0.18 -9.47 -3.21
C ALA A 20 -1.20 -9.94 -2.74
N PRO A 21 -1.87 -9.10 -1.94
CA PRO A 21 -3.20 -9.41 -1.41
C PRO A 21 -4.28 -9.38 -2.49
N ARG A 22 -5.44 -9.96 -2.17
CA ARG A 22 -6.55 -9.99 -3.12
C ARG A 22 -7.71 -9.15 -2.63
N ASP A 23 -8.75 -9.05 -3.44
CA ASP A 23 -9.94 -8.27 -3.08
C ASP A 23 -9.55 -6.86 -2.65
N VAL A 24 -8.65 -6.24 -3.41
CA VAL A 24 -8.19 -4.89 -3.10
C VAL A 24 -9.25 -3.86 -3.46
N VAL A 25 -9.87 -3.27 -2.44
CA VAL A 25 -10.90 -2.26 -2.65
C VAL A 25 -10.81 -1.16 -1.60
N ALA A 26 -11.62 -0.12 -1.76
CA ALA A 26 -11.64 0.99 -0.83
C ALA A 26 -12.90 0.99 0.03
N SER A 27 -12.75 0.58 1.29
CA SER A 27 -13.87 0.51 2.22
C SER A 27 -14.57 1.87 2.31
N LEU A 28 -13.79 2.93 2.17
CA LEU A 28 -14.34 4.28 2.25
C LEU A 28 -13.48 5.27 1.47
N VAL A 29 -14.10 6.31 0.95
CA VAL A 29 -13.39 7.32 0.18
C VAL A 29 -13.64 8.73 0.73
N SER A 30 -12.70 9.22 1.53
CA SER A 30 -12.83 10.54 2.13
C SER A 30 -12.29 11.61 1.20
N THR A 31 -12.62 12.87 1.50
CA THR A 31 -12.16 13.99 0.67
C THR A 31 -10.71 14.33 0.98
N ARG A 32 -10.22 13.89 2.13
CA ARG A 32 -8.85 14.15 2.53
C ARG A 32 -8.07 12.84 2.67
N PHE A 33 -8.76 11.72 2.54
CA PHE A 33 -8.14 10.41 2.65
C PHE A 33 -9.02 9.33 2.01
N ILE A 34 -8.54 8.09 2.06
CA ILE A 34 -9.28 6.97 1.49
C ILE A 34 -9.00 5.69 2.26
N LYS A 35 -10.07 5.04 2.72
CA LYS A 35 -9.95 3.79 3.47
C LYS A 35 -9.82 2.59 2.53
N LEU A 36 -8.74 1.85 2.68
CA LEU A 36 -8.49 0.68 1.85
C LEU A 36 -8.83 -0.60 2.59
N THR A 37 -9.13 -1.66 1.84
CA THR A 37 -9.48 -2.95 2.44
C THR A 37 -9.22 -4.09 1.47
N TRP A 38 -8.49 -5.10 1.93
CA TRP A 38 -8.18 -6.26 1.10
C TRP A 38 -8.15 -7.53 1.92
N ARG A 39 -8.04 -8.67 1.25
CA ARG A 39 -8.01 -9.96 1.93
C ARG A 39 -6.59 -10.54 1.93
N THR A 40 -6.44 -11.70 2.54
CA THR A 40 -5.13 -12.35 2.61
C THR A 40 -4.71 -12.89 1.25
N PRO A 41 -3.40 -12.79 0.96
CA PRO A 41 -2.83 -13.26 -0.31
C PRO A 41 -2.84 -14.78 -0.43
N ALA A 42 -2.75 -15.26 -1.65
CA ALA A 42 -2.75 -16.70 -1.90
C ALA A 42 -1.56 -17.38 -1.22
N SER A 43 -0.44 -16.67 -1.18
CA SER A 43 0.77 -17.21 -0.55
C SER A 43 0.62 -17.27 0.96
N ASP A 44 -0.11 -16.31 1.52
CA ASP A 44 -0.33 -16.27 2.96
C ASP A 44 -1.82 -16.09 3.27
N PRO A 45 -2.50 -17.20 3.60
CA PRO A 45 -3.93 -17.20 3.93
C PRO A 45 -4.21 -16.51 5.26
N HIS A 46 -3.16 -16.27 6.03
CA HIS A 46 -3.30 -15.61 7.33
C HIS A 46 -2.61 -14.26 7.34
N GLY A 47 -1.60 -14.11 6.48
CA GLY A 47 -0.87 -12.85 6.40
C GLY A 47 -0.80 -12.13 7.74
N ASP A 48 -0.57 -12.90 8.80
CA ASP A 48 -0.48 -12.33 10.14
C ASP A 48 0.97 -12.09 10.53
N ASN A 49 1.89 -12.72 9.81
CA ASN A 49 3.32 -12.57 10.08
C ASN A 49 4.00 -11.76 9.00
N LEU A 50 3.21 -10.99 8.25
CA LEU A 50 3.74 -10.17 7.17
C LEU A 50 2.99 -8.84 7.07
N THR A 51 3.73 -7.75 7.03
CA THR A 51 3.14 -6.42 6.95
C THR A 51 2.62 -6.15 5.54
N TYR A 52 1.75 -5.15 5.43
CA TYR A 52 1.17 -4.78 4.14
C TYR A 52 1.43 -3.32 3.82
N SER A 53 2.07 -3.06 2.69
CA SER A 53 2.38 -1.70 2.28
C SER A 53 1.36 -1.20 1.25
N VAL A 54 1.20 0.12 1.20
CA VAL A 54 0.25 0.73 0.27
C VAL A 54 0.87 1.91 -0.46
N PHE A 55 1.07 1.76 -1.78
CA PHE A 55 1.65 2.81 -2.58
C PHE A 55 0.59 3.58 -3.35
N TYR A 56 0.46 4.88 -3.04
CA TYR A 56 -0.53 5.72 -3.68
C TYR A 56 0.15 6.80 -4.52
N THR A 57 -0.43 7.09 -5.68
CA THR A 57 0.11 8.11 -6.58
C THR A 57 -0.93 8.57 -7.59
N LYS A 58 -0.92 9.85 -7.91
CA LYS A 58 -1.86 10.42 -8.85
C LYS A 58 -1.73 9.75 -10.22
N GLU A 59 -2.86 9.52 -10.88
CA GLU A 59 -2.87 8.88 -12.19
C GLU A 59 -1.82 9.51 -13.11
N GLY A 60 -1.71 10.83 -13.06
CA GLY A 60 -0.74 11.53 -13.88
C GLY A 60 0.66 11.45 -13.32
N ILE A 61 0.79 11.66 -12.02
CA ILE A 61 2.10 11.62 -11.35
C ILE A 61 2.61 10.19 -11.26
N ALA A 62 3.92 10.03 -11.37
CA ALA A 62 4.54 8.71 -11.28
C ALA A 62 5.07 8.44 -9.89
N ARG A 63 5.34 9.51 -9.14
CA ARG A 63 5.86 9.38 -7.78
C ARG A 63 4.77 8.87 -6.84
N GLU A 64 5.10 7.83 -6.09
CA GLU A 64 4.16 7.24 -5.15
C GLU A 64 4.80 7.05 -3.77
N ARG A 65 3.99 7.18 -2.73
CA ARG A 65 4.49 7.03 -1.36
C ARG A 65 3.95 5.75 -0.73
N VAL A 66 4.78 5.09 0.07
CA VAL A 66 4.39 3.85 0.74
C VAL A 66 3.94 4.12 2.17
N GLU A 67 2.88 3.41 2.58
CA GLU A 67 2.34 3.57 3.93
C GLU A 67 2.22 2.23 4.63
N ASN A 68 3.10 1.99 5.60
CA ASN A 68 3.08 0.73 6.35
C ASN A 68 1.94 0.72 7.35
N THR A 69 1.13 -0.34 7.29
CA THR A 69 -0.01 -0.48 8.20
C THR A 69 0.43 -0.38 9.65
N SER A 70 -0.22 0.52 10.40
CA SER A 70 0.11 0.72 11.80
C SER A 70 0.51 -0.60 12.46
N HIS A 71 -0.13 -1.68 12.04
CA HIS A 71 0.15 -3.01 12.59
C HIS A 71 0.29 -4.03 11.47
N PRO A 72 1.19 -5.02 11.68
CA PRO A 72 1.44 -6.07 10.70
C PRO A 72 0.27 -7.04 10.57
N GLY A 73 -0.19 -7.24 9.35
CA GLY A 73 -1.32 -8.13 9.12
C GLY A 73 -2.60 -7.39 8.80
N GLU A 74 -2.69 -6.15 9.27
CA GLU A 74 -3.88 -5.34 9.04
C GLU A 74 -4.40 -5.52 7.62
N MET A 75 -5.63 -5.99 7.50
CA MET A 75 -6.25 -6.21 6.19
C MET A 75 -6.88 -4.92 5.67
N GLN A 76 -6.57 -3.82 6.32
CA GLN A 76 -7.10 -2.52 5.92
C GLN A 76 -6.25 -1.37 6.47
N VAL A 77 -6.18 -0.27 5.72
CA VAL A 77 -5.41 0.88 6.14
C VAL A 77 -6.02 2.18 5.63
N THR A 78 -5.57 3.30 6.17
CA THR A 78 -6.08 4.60 5.76
C THR A 78 -4.98 5.47 5.16
N ILE A 79 -5.30 6.15 4.07
CA ILE A 79 -4.33 7.01 3.40
C ILE A 79 -4.75 8.48 3.48
N GLN A 80 -4.22 9.17 4.48
CA GLN A 80 -4.53 10.59 4.68
C GLN A 80 -3.59 11.47 3.87
N ASN A 81 -3.82 12.78 3.93
CA ASN A 81 -2.99 13.73 3.19
C ASN A 81 -3.22 13.62 1.70
N LEU A 82 -4.50 13.57 1.31
CA LEU A 82 -4.85 13.46 -0.11
C LEU A 82 -5.69 14.65 -0.55
N MET A 83 -5.79 14.85 -1.86
CA MET A 83 -6.57 15.96 -2.41
C MET A 83 -7.94 15.48 -2.87
N PRO A 84 -8.98 16.28 -2.56
CA PRO A 84 -10.36 15.95 -2.95
C PRO A 84 -10.58 16.07 -4.44
N ALA A 85 -11.46 15.24 -4.97
CA ALA A 85 -11.78 15.25 -6.40
C ALA A 85 -10.54 14.96 -7.23
N THR A 86 -9.71 14.04 -6.75
CA THR A 86 -8.49 13.66 -7.45
C THR A 86 -8.27 12.15 -7.41
N VAL A 87 -8.10 11.55 -8.58
CA VAL A 87 -7.88 10.11 -8.68
C VAL A 87 -6.50 9.73 -8.14
N TYR A 88 -6.42 8.53 -7.56
CA TYR A 88 -5.16 8.05 -7.00
C TYR A 88 -5.04 6.54 -7.15
N ILE A 89 -3.92 6.08 -7.71
CA ILE A 89 -3.69 4.66 -7.91
C ILE A 89 -3.04 4.03 -6.68
N PHE A 90 -3.81 3.26 -5.94
CA PHE A 90 -3.30 2.60 -4.73
C PHE A 90 -2.83 1.19 -5.05
N ARG A 91 -1.69 0.81 -4.47
CA ARG A 91 -1.13 -0.52 -4.70
C ARG A 91 -0.78 -1.19 -3.37
N VAL A 92 -1.37 -2.35 -3.12
CA VAL A 92 -1.13 -3.09 -1.90
C VAL A 92 -0.10 -4.20 -2.12
N MET A 93 0.73 -4.45 -1.10
CA MET A 93 1.75 -5.49 -1.19
C MET A 93 2.06 -6.06 0.19
N ALA A 94 2.32 -7.36 0.24
CA ALA A 94 2.63 -8.02 1.49
C ALA A 94 4.14 -8.08 1.73
N GLN A 95 4.54 -8.15 2.99
CA GLN A 95 5.96 -8.21 3.34
C GLN A 95 6.18 -9.12 4.54
N ASN A 96 7.10 -10.06 4.40
CA ASN A 96 7.41 -11.00 5.47
C ASN A 96 8.89 -10.92 5.86
N LYS A 97 9.31 -11.80 6.74
CA LYS A 97 10.70 -11.84 7.19
C LYS A 97 11.66 -11.73 6.01
N HIS A 98 11.16 -12.05 4.82
CA HIS A 98 11.96 -11.99 3.61
C HIS A 98 12.05 -10.55 3.08
N GLY A 99 10.92 -10.04 2.61
CA GLY A 99 10.88 -8.69 2.09
C GLY A 99 9.60 -8.39 1.33
N SER A 100 9.72 -7.61 0.26
CA SER A 100 8.56 -7.24 -0.55
C SER A 100 8.37 -8.22 -1.70
N GLY A 101 7.24 -8.92 -1.70
CA GLY A 101 6.97 -9.88 -2.76
C GLY A 101 6.44 -9.22 -4.02
N GLU A 102 5.21 -9.54 -4.38
CA GLU A 102 4.59 -8.98 -5.58
C GLU A 102 3.66 -7.82 -5.22
N SER A 103 3.60 -6.81 -6.08
CA SER A 103 2.75 -5.66 -5.86
C SER A 103 1.36 -5.87 -6.45
N SER A 104 0.35 -5.85 -5.60
CA SER A 104 -1.03 -6.05 -6.03
C SER A 104 -1.35 -5.17 -7.24
N ALA A 105 -2.56 -5.31 -7.76
CA ALA A 105 -2.99 -4.53 -8.91
C ALA A 105 -3.30 -3.10 -8.52
N PRO A 106 -3.05 -2.16 -9.45
CA PRO A 106 -3.29 -0.73 -9.23
C PRO A 106 -4.78 -0.40 -9.15
N LEU A 107 -5.24 -0.06 -7.96
CA LEU A 107 -6.65 0.27 -7.76
C LEU A 107 -6.89 1.75 -8.04
N ARG A 108 -7.78 2.03 -8.99
CA ARG A 108 -8.10 3.40 -9.36
C ARG A 108 -9.21 3.95 -8.47
N VAL A 109 -8.86 4.84 -7.56
CA VAL A 109 -9.82 5.45 -6.65
C VAL A 109 -9.92 6.94 -6.87
N GLU A 110 -11.09 7.51 -6.56
CA GLU A 110 -11.31 8.93 -6.73
C GLU A 110 -12.01 9.52 -5.51
N THR A 111 -11.39 10.55 -4.92
CA THR A 111 -11.94 11.20 -3.74
C THR A 111 -13.20 11.99 -4.09
N GLN A 112 -13.82 12.59 -3.07
CA GLN A 112 -15.03 13.38 -3.27
C GLN A 112 -14.73 14.87 -3.16
N PRO A 113 -15.40 15.67 -4.01
CA PRO A 113 -15.23 17.13 -4.02
C PRO A 113 -15.78 17.80 -2.77
N GLU A 114 -14.90 18.18 -1.86
CA GLU A 114 -15.31 18.82 -0.61
C GLU A 114 -16.35 19.90 -0.89
N SER A 115 -15.98 20.89 -1.70
CA SER A 115 -16.89 21.99 -2.04
C SER A 115 -16.70 22.41 -3.49
N GLY A 116 -17.73 23.02 -4.05
CA GLY A 116 -17.67 23.47 -5.43
C GLY A 116 -19.05 23.62 -6.06
N PRO A 117 -19.10 23.58 -7.39
CA PRO A 117 -20.36 23.72 -8.14
C PRO A 117 -21.28 22.51 -7.97
N SER A 118 -20.80 21.52 -7.20
CA SER A 118 -21.57 20.31 -6.96
C SER A 118 -22.66 20.56 -5.92
N SER A 119 -23.62 21.41 -6.27
CA SER A 119 -24.71 21.74 -5.36
C SER A 119 -24.18 22.07 -3.97
N GLY A 120 -23.11 22.86 -3.92
CA GLY A 120 -22.53 23.24 -2.64
C GLY A 120 -22.29 22.04 -1.74
N GLY A 1 40.07 2.55 24.99
CA GLY A 1 38.72 2.03 24.95
C GLY A 1 38.63 0.70 24.25
N SER A 2 37.56 0.49 23.50
CA SER A 2 37.36 -0.76 22.77
C SER A 2 36.73 -0.50 21.40
N SER A 3 37.48 -0.79 20.35
CA SER A 3 37.00 -0.59 18.99
C SER A 3 35.54 -1.01 18.86
N GLY A 4 35.26 -2.26 19.21
CA GLY A 4 33.90 -2.76 19.13
C GLY A 4 33.54 -3.22 17.74
N SER A 5 32.61 -4.18 17.64
CA SER A 5 32.18 -4.70 16.36
C SER A 5 30.76 -5.26 16.45
N SER A 6 30.17 -5.56 15.29
CA SER A 6 28.82 -6.08 15.23
C SER A 6 28.63 -6.95 14.00
N GLY A 7 27.92 -8.07 14.17
CA GLY A 7 27.67 -8.97 13.06
C GLY A 7 26.42 -8.62 12.29
N GLU A 8 25.36 -8.26 13.01
CA GLU A 8 24.09 -7.90 12.38
C GLU A 8 23.89 -8.67 11.09
N HIS A 9 24.27 -9.95 11.10
CA HIS A 9 24.13 -10.80 9.92
C HIS A 9 22.84 -10.50 9.19
N ALA A 10 22.83 -10.75 7.88
CA ALA A 10 21.65 -10.51 7.06
C ALA A 10 21.36 -11.69 6.15
N PRO A 11 20.14 -11.73 5.58
CA PRO A 11 19.72 -12.79 4.67
C PRO A 11 20.44 -12.74 3.34
N ALA A 12 21.21 -13.79 3.05
CA ALA A 12 21.95 -13.87 1.79
C ALA A 12 21.29 -14.85 0.83
N THR A 13 20.89 -16.00 1.34
CA THR A 13 20.24 -17.02 0.52
C THR A 13 19.01 -16.47 -0.19
N THR A 14 18.96 -16.65 -1.50
CA THR A 14 17.83 -16.17 -2.29
C THR A 14 16.57 -16.97 -2.01
N GLY A 15 15.77 -16.50 -1.05
CA GLY A 15 14.55 -17.20 -0.70
C GLY A 15 13.36 -16.69 -1.49
N PRO A 16 12.28 -17.51 -1.53
CA PRO A 16 11.06 -17.16 -2.25
C PRO A 16 10.29 -16.02 -1.59
N LEU A 17 9.46 -15.34 -2.37
CA LEU A 17 8.67 -14.23 -1.85
C LEU A 17 7.17 -14.54 -1.96
N PRO A 18 6.38 -13.88 -1.10
CA PRO A 18 4.92 -14.06 -1.08
C PRO A 18 4.24 -13.46 -2.30
N SER A 19 2.92 -13.31 -2.24
CA SER A 19 2.16 -12.75 -3.34
C SER A 19 1.19 -11.69 -2.85
N ALA A 20 1.12 -10.57 -3.56
CA ALA A 20 0.24 -9.48 -3.21
C ALA A 20 -1.13 -9.99 -2.76
N PRO A 21 -1.82 -9.21 -1.93
CA PRO A 21 -3.14 -9.57 -1.41
C PRO A 21 -4.21 -9.53 -2.50
N ARG A 22 -5.43 -9.96 -2.15
CA ARG A 22 -6.54 -9.97 -3.08
C ARG A 22 -7.69 -9.11 -2.57
N ASP A 23 -8.79 -9.11 -3.32
CA ASP A 23 -9.97 -8.33 -2.94
C ASP A 23 -9.58 -6.92 -2.51
N VAL A 24 -8.66 -6.32 -3.26
CA VAL A 24 -8.20 -4.97 -2.96
C VAL A 24 -9.25 -3.93 -3.35
N VAL A 25 -9.92 -3.37 -2.34
CA VAL A 25 -10.94 -2.36 -2.58
C VAL A 25 -10.85 -1.23 -1.55
N ALA A 26 -11.65 -0.20 -1.75
CA ALA A 26 -11.67 0.95 -0.84
C ALA A 26 -12.92 0.94 0.02
N SER A 27 -12.76 0.56 1.29
CA SER A 27 -13.88 0.51 2.22
C SER A 27 -14.57 1.86 2.30
N LEU A 28 -13.81 2.93 2.10
CA LEU A 28 -14.36 4.27 2.15
C LEU A 28 -13.44 5.26 1.42
N VAL A 29 -14.05 6.33 0.90
CA VAL A 29 -13.29 7.35 0.17
C VAL A 29 -13.51 8.72 0.77
N SER A 30 -12.54 9.19 1.56
CA SER A 30 -12.62 10.50 2.19
C SER A 30 -12.07 11.59 1.28
N THR A 31 -12.52 12.83 1.51
CA THR A 31 -12.09 13.96 0.70
C THR A 31 -10.62 14.29 0.97
N ARG A 32 -10.12 13.85 2.12
CA ARG A 32 -8.74 14.10 2.50
C ARG A 32 -7.98 12.80 2.66
N PHE A 33 -8.68 11.68 2.51
CA PHE A 33 -8.06 10.36 2.64
C PHE A 33 -8.94 9.28 1.99
N ILE A 34 -8.47 8.05 2.06
CA ILE A 34 -9.21 6.93 1.47
C ILE A 34 -8.97 5.64 2.26
N LYS A 35 -10.04 5.01 2.69
CA LYS A 35 -9.95 3.77 3.45
C LYS A 35 -9.82 2.56 2.52
N LEU A 36 -8.75 1.80 2.69
CA LEU A 36 -8.51 0.63 1.86
C LEU A 36 -8.86 -0.65 2.62
N THR A 37 -9.15 -1.71 1.88
CA THR A 37 -9.49 -2.99 2.48
C THR A 37 -9.23 -4.15 1.51
N TRP A 38 -8.47 -5.13 1.97
CA TRP A 38 -8.15 -6.30 1.14
C TRP A 38 -8.13 -7.56 1.97
N ARG A 39 -8.07 -8.71 1.30
CA ARG A 39 -8.06 -10.00 1.97
C ARG A 39 -6.64 -10.57 2.00
N THR A 40 -6.50 -11.75 2.59
CA THR A 40 -5.20 -12.42 2.68
C THR A 40 -4.77 -12.97 1.32
N PRO A 41 -3.45 -12.90 1.05
CA PRO A 41 -2.88 -13.38 -0.20
C PRO A 41 -2.93 -14.91 -0.31
N ALA A 42 -3.01 -15.40 -1.55
CA ALA A 42 -3.05 -16.84 -1.79
C ALA A 42 -1.85 -17.54 -1.15
N SER A 43 -0.72 -16.85 -1.12
CA SER A 43 0.51 -17.40 -0.55
C SER A 43 0.41 -17.46 0.98
N ASP A 44 -0.11 -16.39 1.58
CA ASP A 44 -0.26 -16.32 3.03
C ASP A 44 -1.71 -16.11 3.42
N PRO A 45 -2.41 -17.21 3.74
CA PRO A 45 -3.82 -17.17 4.14
C PRO A 45 -4.02 -16.52 5.50
N HIS A 46 -2.97 -16.51 6.31
CA HIS A 46 -3.03 -15.93 7.65
C HIS A 46 -2.50 -14.49 7.63
N GLY A 47 -1.62 -14.21 6.67
CA GLY A 47 -1.04 -12.88 6.57
C GLY A 47 -0.83 -12.23 7.93
N ASP A 48 -0.55 -13.05 8.93
CA ASP A 48 -0.32 -12.55 10.28
C ASP A 48 1.18 -12.44 10.57
N ASN A 49 1.99 -12.97 9.67
CA ASN A 49 3.43 -12.93 9.82
C ASN A 49 4.08 -12.05 8.75
N LEU A 50 3.27 -11.20 8.13
CA LEU A 50 3.76 -10.30 7.09
C LEU A 50 2.94 -9.01 7.05
N THR A 51 3.62 -7.88 6.93
CA THR A 51 2.95 -6.59 6.87
C THR A 51 2.42 -6.30 5.48
N TYR A 52 1.80 -5.13 5.32
CA TYR A 52 1.24 -4.75 4.04
C TYR A 52 1.56 -3.28 3.72
N SER A 53 2.15 -3.06 2.54
CA SER A 53 2.53 -1.71 2.12
C SER A 53 1.56 -1.19 1.06
N VAL A 54 1.18 0.08 1.18
CA VAL A 54 0.27 0.70 0.25
C VAL A 54 0.92 1.89 -0.46
N PHE A 55 1.15 1.75 -1.75
CA PHE A 55 1.78 2.81 -2.54
C PHE A 55 0.74 3.56 -3.36
N TYR A 56 0.57 4.84 -3.06
CA TYR A 56 -0.40 5.68 -3.76
C TYR A 56 0.30 6.75 -4.58
N THR A 57 -0.36 7.20 -5.65
CA THR A 57 0.20 8.23 -6.51
C THR A 57 -0.85 8.77 -7.47
N LYS A 58 -0.68 10.02 -7.90
CA LYS A 58 -1.62 10.65 -8.81
C LYS A 58 -1.47 10.08 -10.22
N GLU A 59 -2.61 9.81 -10.86
CA GLU A 59 -2.62 9.25 -12.21
C GLU A 59 -1.58 9.95 -13.09
N GLY A 60 -1.42 11.26 -12.89
CA GLY A 60 -0.47 12.02 -13.67
C GLY A 60 0.94 11.92 -13.11
N ILE A 61 1.06 12.02 -11.79
CA ILE A 61 2.36 11.94 -11.14
C ILE A 61 2.90 10.52 -11.15
N ALA A 62 4.21 10.39 -11.34
CA ALA A 62 4.86 9.08 -11.38
C ALA A 62 5.39 8.69 -10.00
N ARG A 63 5.45 9.66 -9.10
CA ARG A 63 5.94 9.42 -7.75
C ARG A 63 4.83 8.88 -6.86
N GLU A 64 5.18 7.92 -6.01
CA GLU A 64 4.21 7.30 -5.10
C GLU A 64 4.80 7.16 -3.70
N ARG A 65 3.94 7.24 -2.70
CA ARG A 65 4.37 7.11 -1.31
C ARG A 65 3.86 5.82 -0.69
N VAL A 66 4.72 5.14 0.05
CA VAL A 66 4.36 3.89 0.70
C VAL A 66 3.91 4.11 2.13
N GLU A 67 2.81 3.47 2.51
CA GLU A 67 2.27 3.61 3.86
C GLU A 67 2.12 2.24 4.53
N ASN A 68 3.02 1.96 5.47
CA ASN A 68 3.00 0.69 6.20
C ASN A 68 1.85 0.65 7.21
N THR A 69 1.03 -0.39 7.13
CA THR A 69 -0.09 -0.54 8.04
C THR A 69 0.35 -0.40 9.49
N SER A 70 -0.28 0.52 10.21
CA SER A 70 0.05 0.76 11.61
C SER A 70 0.37 -0.55 12.32
N HIS A 71 -0.26 -1.64 11.86
CA HIS A 71 -0.04 -2.95 12.45
C HIS A 71 0.14 -4.02 11.37
N PRO A 72 0.96 -5.03 11.65
CA PRO A 72 1.23 -6.12 10.72
C PRO A 72 0.01 -7.03 10.53
N GLY A 73 -0.27 -7.38 9.28
CA GLY A 73 -1.41 -8.23 8.98
C GLY A 73 -2.68 -7.45 8.73
N GLU A 74 -2.67 -6.18 9.12
CA GLU A 74 -3.83 -5.32 8.93
C GLU A 74 -4.42 -5.49 7.53
N MET A 75 -5.66 -5.97 7.47
CA MET A 75 -6.33 -6.18 6.20
C MET A 75 -6.98 -4.89 5.71
N GLN A 76 -6.63 -3.77 6.34
CA GLN A 76 -7.17 -2.48 5.97
C GLN A 76 -6.36 -1.35 6.58
N VAL A 77 -6.22 -0.25 5.84
CA VAL A 77 -5.45 0.91 6.30
C VAL A 77 -6.04 2.20 5.77
N THR A 78 -5.65 3.32 6.39
CA THR A 78 -6.14 4.62 5.97
C THR A 78 -5.02 5.48 5.39
N ILE A 79 -5.27 6.09 4.23
CA ILE A 79 -4.29 6.93 3.58
C ILE A 79 -4.69 8.40 3.64
N GLN A 80 -4.20 9.10 4.65
CA GLN A 80 -4.51 10.51 4.82
C GLN A 80 -3.54 11.38 4.02
N ASN A 81 -3.74 12.70 4.09
CA ASN A 81 -2.89 13.63 3.37
C ASN A 81 -3.09 13.51 1.86
N LEU A 82 -4.35 13.45 1.44
CA LEU A 82 -4.69 13.34 0.03
C LEU A 82 -5.51 14.52 -0.44
N MET A 83 -5.64 14.68 -1.75
CA MET A 83 -6.40 15.77 -2.33
C MET A 83 -7.74 15.28 -2.84
N PRO A 84 -8.80 16.07 -2.56
CA PRO A 84 -10.17 15.73 -2.99
C PRO A 84 -10.35 15.85 -4.51
N ALA A 85 -11.36 15.18 -5.03
CA ALA A 85 -11.64 15.21 -6.46
C ALA A 85 -10.38 14.96 -7.28
N THR A 86 -9.56 14.02 -6.81
CA THR A 86 -8.32 13.68 -7.49
C THR A 86 -8.09 12.18 -7.51
N VAL A 87 -8.04 11.60 -8.70
CA VAL A 87 -7.82 10.17 -8.86
C VAL A 87 -6.47 9.75 -8.29
N TYR A 88 -6.44 8.58 -7.67
CA TYR A 88 -5.21 8.06 -7.08
C TYR A 88 -5.10 6.55 -7.29
N ILE A 89 -3.89 6.10 -7.64
CA ILE A 89 -3.66 4.68 -7.87
C ILE A 89 -3.00 4.03 -6.65
N PHE A 90 -3.79 3.24 -5.92
CA PHE A 90 -3.30 2.55 -4.73
C PHE A 90 -2.80 1.16 -5.08
N ARG A 91 -1.70 0.76 -4.45
CA ARG A 91 -1.12 -0.56 -4.68
C ARG A 91 -0.72 -1.22 -3.37
N VAL A 92 -1.34 -2.36 -3.07
CA VAL A 92 -1.06 -3.09 -1.85
C VAL A 92 -0.06 -4.21 -2.10
N MET A 93 0.76 -4.51 -1.11
CA MET A 93 1.77 -5.57 -1.22
C MET A 93 2.11 -6.14 0.15
N ALA A 94 2.29 -7.46 0.21
CA ALA A 94 2.62 -8.14 1.45
C ALA A 94 4.13 -8.14 1.69
N GLN A 95 4.52 -8.18 2.96
CA GLN A 95 5.94 -8.18 3.31
C GLN A 95 6.19 -9.11 4.51
N ASN A 96 7.06 -10.09 4.30
CA ASN A 96 7.39 -11.05 5.35
C ASN A 96 8.88 -11.02 5.67
N LYS A 97 9.32 -11.91 6.55
CA LYS A 97 10.72 -11.97 6.94
C LYS A 97 11.63 -11.63 5.77
N HIS A 98 11.25 -12.08 4.58
CA HIS A 98 12.03 -11.82 3.37
C HIS A 98 11.97 -10.34 3.00
N GLY A 99 10.81 -9.90 2.54
CA GLY A 99 10.65 -8.51 2.15
C GLY A 99 9.43 -8.29 1.27
N SER A 100 9.54 -7.37 0.32
CA SER A 100 8.43 -7.06 -0.58
C SER A 100 8.34 -8.10 -1.69
N GLY A 101 7.22 -8.81 -1.74
CA GLY A 101 7.02 -9.82 -2.76
C GLY A 101 6.51 -9.24 -4.06
N GLU A 102 5.20 -9.36 -4.30
CA GLU A 102 4.60 -8.85 -5.52
C GLU A 102 3.61 -7.73 -5.20
N SER A 103 3.63 -6.68 -6.01
CA SER A 103 2.74 -5.54 -5.81
C SER A 103 1.38 -5.80 -6.45
N SER A 104 0.35 -5.85 -5.61
CA SER A 104 -1.01 -6.09 -6.09
C SER A 104 -1.34 -5.19 -7.28
N ALA A 105 -2.54 -5.37 -7.83
CA ALA A 105 -2.98 -4.57 -8.97
C ALA A 105 -3.32 -3.15 -8.54
N PRO A 106 -3.08 -2.19 -9.46
CA PRO A 106 -3.36 -0.77 -9.20
C PRO A 106 -4.85 -0.48 -9.13
N LEU A 107 -5.30 0.00 -7.97
CA LEU A 107 -6.71 0.33 -7.77
C LEU A 107 -6.95 1.82 -7.99
N ARG A 108 -7.75 2.13 -9.02
CA ARG A 108 -8.08 3.51 -9.34
C ARG A 108 -9.19 4.04 -8.44
N VAL A 109 -8.84 4.95 -7.54
CA VAL A 109 -9.81 5.52 -6.62
C VAL A 109 -9.87 7.04 -6.76
N GLU A 110 -11.07 7.58 -6.86
CA GLU A 110 -11.26 9.02 -7.00
C GLU A 110 -11.95 9.60 -5.76
N THR A 111 -11.28 10.55 -5.12
CA THR A 111 -11.83 11.19 -3.92
C THR A 111 -13.08 11.98 -4.24
N GLN A 112 -13.64 12.64 -3.23
CA GLN A 112 -14.84 13.44 -3.42
C GLN A 112 -14.52 14.93 -3.30
N PRO A 113 -15.20 15.74 -4.13
CA PRO A 113 -15.00 17.19 -4.14
C PRO A 113 -15.56 17.86 -2.89
N GLU A 114 -14.67 18.42 -2.08
CA GLU A 114 -15.08 19.09 -0.85
C GLU A 114 -15.21 20.60 -1.07
N SER A 115 -16.44 21.05 -1.30
CA SER A 115 -16.70 22.46 -1.53
C SER A 115 -18.02 22.88 -0.87
N GLY A 116 -17.92 23.81 0.07
CA GLY A 116 -19.10 24.29 0.77
C GLY A 116 -18.84 24.54 2.24
N PRO A 117 -19.43 25.62 2.77
CA PRO A 117 -19.28 25.99 4.18
C PRO A 117 -19.99 25.01 5.12
N SER A 118 -19.24 24.04 5.63
CA SER A 118 -19.81 23.05 6.53
C SER A 118 -18.98 22.95 7.82
N SER A 119 -17.76 22.46 7.69
CA SER A 119 -16.87 22.32 8.84
C SER A 119 -15.48 21.88 8.40
N GLY A 120 -14.47 22.68 8.74
CA GLY A 120 -13.10 22.37 8.37
C GLY A 120 -12.32 21.74 9.52
N GLY A 1 40.09 8.71 -2.88
CA GLY A 1 39.93 8.67 -1.44
C GLY A 1 40.40 7.36 -0.84
N SER A 2 41.61 7.37 -0.29
CA SER A 2 42.18 6.17 0.33
C SER A 2 41.67 6.00 1.75
N SER A 3 41.12 4.82 2.03
CA SER A 3 40.59 4.51 3.35
C SER A 3 40.73 3.04 3.68
N GLY A 4 40.54 2.69 4.94
CA GLY A 4 40.66 1.31 5.36
C GLY A 4 39.86 1.01 6.62
N SER A 5 39.15 -0.12 6.62
CA SER A 5 38.35 -0.51 7.77
C SER A 5 37.86 -1.95 7.62
N SER A 6 37.82 -2.69 8.73
CA SER A 6 37.38 -4.07 8.73
C SER A 6 35.87 -4.15 8.93
N GLY A 7 35.19 -4.81 8.00
CA GLY A 7 33.75 -4.96 8.10
C GLY A 7 33.34 -6.13 8.97
N GLU A 8 32.04 -6.24 9.24
CA GLU A 8 31.53 -7.33 10.07
C GLU A 8 30.84 -8.38 9.21
N HIS A 9 30.65 -9.57 9.77
CA HIS A 9 30.00 -10.67 9.07
C HIS A 9 28.49 -10.67 9.34
N ALA A 10 27.74 -10.10 8.41
CA ALA A 10 26.28 -10.04 8.55
C ALA A 10 25.59 -10.82 7.45
N PRO A 11 25.45 -12.14 7.65
CA PRO A 11 24.80 -13.03 6.67
C PRO A 11 23.30 -12.78 6.56
N ALA A 12 22.64 -13.56 5.71
CA ALA A 12 21.20 -13.42 5.52
C ALA A 12 20.63 -14.65 4.81
N THR A 13 19.33 -14.88 5.00
CA THR A 13 18.67 -16.01 4.36
C THR A 13 17.72 -15.55 3.26
N THR A 14 18.17 -15.65 2.02
CA THR A 14 17.37 -15.25 0.87
C THR A 14 16.59 -16.42 0.31
N GLY A 15 15.30 -16.20 0.02
CA GLY A 15 14.47 -17.25 -0.53
C GLY A 15 13.32 -16.70 -1.36
N PRO A 16 12.25 -17.50 -1.49
CA PRO A 16 11.07 -17.11 -2.26
C PRO A 16 10.27 -16.01 -1.57
N LEU A 17 9.53 -15.24 -2.37
CA LEU A 17 8.72 -14.14 -1.84
C LEU A 17 7.24 -14.48 -1.93
N PRO A 18 6.44 -13.85 -1.05
CA PRO A 18 4.98 -14.05 -1.01
C PRO A 18 4.28 -13.47 -2.23
N SER A 19 2.96 -13.33 -2.13
CA SER A 19 2.17 -12.79 -3.23
C SER A 19 1.22 -11.71 -2.74
N ALA A 20 1.16 -10.60 -3.47
CA ALA A 20 0.29 -9.49 -3.11
C ALA A 20 -1.07 -9.99 -2.66
N PRO A 21 -1.77 -9.17 -1.85
CA PRO A 21 -3.10 -9.51 -1.32
C PRO A 21 -4.16 -9.50 -2.41
N ARG A 22 -5.37 -9.94 -2.07
CA ARG A 22 -6.47 -9.98 -3.01
C ARG A 22 -7.65 -9.16 -2.50
N ASP A 23 -8.74 -9.16 -3.27
CA ASP A 23 -9.94 -8.41 -2.89
C ASP A 23 -9.59 -6.98 -2.50
N VAL A 24 -8.67 -6.38 -3.24
CA VAL A 24 -8.24 -5.01 -2.98
C VAL A 24 -9.34 -4.02 -3.34
N VAL A 25 -9.92 -3.40 -2.32
CA VAL A 25 -10.99 -2.41 -2.53
C VAL A 25 -10.92 -1.30 -1.50
N ALA A 26 -11.61 -0.20 -1.77
CA ALA A 26 -11.62 0.94 -0.87
C ALA A 26 -12.89 0.95 -0.03
N SER A 27 -12.77 0.58 1.24
CA SER A 27 -13.90 0.54 2.15
C SER A 27 -14.62 1.89 2.18
N LEU A 28 -13.86 2.96 1.95
CA LEU A 28 -14.42 4.30 1.95
C LEU A 28 -13.48 5.28 1.24
N VAL A 29 -14.06 6.34 0.67
CA VAL A 29 -13.28 7.34 -0.03
C VAL A 29 -13.51 8.73 0.56
N SER A 30 -12.57 9.17 1.38
CA SER A 30 -12.67 10.48 2.02
C SER A 30 -12.09 11.57 1.13
N THR A 31 -12.52 12.81 1.36
CA THR A 31 -12.05 13.94 0.57
C THR A 31 -10.59 14.27 0.88
N ARG A 32 -10.15 13.86 2.07
CA ARG A 32 -8.78 14.11 2.49
C ARG A 32 -8.02 12.79 2.69
N PHE A 33 -8.73 11.68 2.51
CA PHE A 33 -8.13 10.36 2.69
C PHE A 33 -8.98 9.29 2.00
N ILE A 34 -8.54 8.04 2.10
CA ILE A 34 -9.26 6.93 1.49
C ILE A 34 -9.04 5.64 2.29
N LYS A 35 -10.13 5.00 2.69
CA LYS A 35 -10.06 3.75 3.44
C LYS A 35 -9.88 2.56 2.51
N LEU A 36 -8.82 1.79 2.73
CA LEU A 36 -8.54 0.63 1.91
C LEU A 36 -8.86 -0.66 2.68
N THR A 37 -9.17 -1.73 1.94
CA THR A 37 -9.49 -3.01 2.54
C THR A 37 -9.23 -4.15 1.57
N TRP A 38 -8.48 -5.15 2.03
CA TRP A 38 -8.16 -6.31 1.21
C TRP A 38 -8.14 -7.59 2.04
N ARG A 39 -8.06 -8.73 1.36
CA ARG A 39 -8.04 -10.02 2.04
C ARG A 39 -6.63 -10.61 2.04
N THR A 40 -6.48 -11.77 2.66
CA THR A 40 -5.19 -12.45 2.73
C THR A 40 -4.77 -12.98 1.37
N PRO A 41 -3.46 -12.91 1.08
CA PRO A 41 -2.90 -13.39 -0.18
C PRO A 41 -2.96 -14.91 -0.31
N ALA A 42 -2.87 -15.40 -1.54
CA ALA A 42 -2.92 -16.84 -1.79
C ALA A 42 -1.74 -17.55 -1.11
N SER A 43 -0.58 -16.89 -1.12
CA SER A 43 0.61 -17.46 -0.51
C SER A 43 0.48 -17.52 1.01
N ASP A 44 -0.20 -16.51 1.57
CA ASP A 44 -0.41 -16.45 3.02
C ASP A 44 -1.87 -16.20 3.35
N PRO A 45 -2.59 -17.27 3.69
CA PRO A 45 -4.02 -17.20 4.04
C PRO A 45 -4.25 -16.50 5.36
N HIS A 46 -3.18 -16.31 6.13
CA HIS A 46 -3.28 -15.65 7.43
C HIS A 46 -2.58 -14.30 7.40
N GLY A 47 -1.60 -14.16 6.51
CA GLY A 47 -0.86 -12.91 6.40
C GLY A 47 -0.70 -12.21 7.74
N ASP A 48 -0.54 -12.99 8.79
CA ASP A 48 -0.38 -12.44 10.14
C ASP A 48 1.09 -12.29 10.49
N ASN A 49 1.96 -12.91 9.68
CA ASN A 49 3.39 -12.84 9.91
C ASN A 49 4.07 -11.95 8.87
N LEU A 50 3.26 -11.19 8.14
CA LEU A 50 3.79 -10.28 7.12
C LEU A 50 2.97 -9.00 7.07
N THR A 51 3.66 -7.86 6.97
CA THR A 51 3.01 -6.57 6.92
C THR A 51 2.50 -6.27 5.51
N TYR A 52 1.80 -5.15 5.36
CA TYR A 52 1.25 -4.76 4.06
C TYR A 52 1.58 -3.30 3.76
N SER A 53 2.05 -3.05 2.54
CA SER A 53 2.40 -1.70 2.11
C SER A 53 1.41 -1.18 1.08
N VAL A 54 1.12 0.12 1.15
CA VAL A 54 0.19 0.75 0.22
C VAL A 54 0.86 1.90 -0.53
N PHE A 55 1.01 1.73 -1.84
CA PHE A 55 1.62 2.76 -2.68
C PHE A 55 0.57 3.55 -3.43
N TYR A 56 0.49 4.85 -3.14
CA TYR A 56 -0.48 5.72 -3.78
C TYR A 56 0.22 6.82 -4.57
N THR A 57 -0.33 7.14 -5.73
CA THR A 57 0.24 8.18 -6.59
C THR A 57 -0.79 8.71 -7.57
N LYS A 58 -0.76 10.01 -7.81
CA LYS A 58 -1.70 10.64 -8.74
C LYS A 58 -1.52 10.09 -10.15
N GLU A 59 -2.63 9.74 -10.78
CA GLU A 59 -2.60 9.20 -12.14
C GLU A 59 -1.61 9.97 -13.01
N GLY A 60 -0.51 9.31 -13.37
CA GLY A 60 0.50 9.94 -14.20
C GLY A 60 1.80 10.17 -13.45
N ILE A 61 1.70 10.77 -12.27
CA ILE A 61 2.87 11.06 -11.45
C ILE A 61 3.74 9.82 -11.28
N ALA A 62 5.04 9.98 -11.50
CA ALA A 62 5.98 8.87 -11.37
C ALA A 62 6.53 8.79 -9.96
N ARG A 63 5.86 9.45 -9.02
CA ARG A 63 6.29 9.46 -7.63
C ARG A 63 5.15 9.01 -6.71
N GLU A 64 5.33 7.87 -6.06
CA GLU A 64 4.32 7.34 -5.15
C GLU A 64 4.87 7.21 -3.74
N ARG A 65 3.97 7.19 -2.76
CA ARG A 65 4.37 7.08 -1.37
C ARG A 65 3.84 5.79 -0.76
N VAL A 66 4.68 5.11 0.01
CA VAL A 66 4.30 3.86 0.65
C VAL A 66 3.89 4.09 2.10
N GLU A 67 2.80 3.44 2.52
CA GLU A 67 2.31 3.58 3.89
C GLU A 67 2.18 2.21 4.56
N ASN A 68 3.07 1.93 5.51
CA ASN A 68 3.05 0.66 6.23
C ASN A 68 1.92 0.62 7.24
N THR A 69 1.10 -0.41 7.16
CA THR A 69 -0.04 -0.56 8.08
C THR A 69 0.41 -0.37 9.52
N SER A 70 -0.25 0.55 10.22
CA SER A 70 0.08 0.82 11.62
C SER A 70 0.41 -0.46 12.36
N HIS A 71 -0.17 -1.58 11.91
CA HIS A 71 0.07 -2.87 12.53
C HIS A 71 0.13 -3.97 11.49
N PRO A 72 1.02 -4.95 11.70
CA PRO A 72 1.20 -6.08 10.79
C PRO A 72 0.00 -7.04 10.80
N GLY A 73 -0.42 -7.45 9.61
CA GLY A 73 -1.54 -8.37 9.50
C GLY A 73 -2.84 -7.64 9.19
N GLU A 74 -2.90 -6.35 9.52
CA GLU A 74 -4.09 -5.55 9.28
C GLU A 74 -4.57 -5.74 7.84
N MET A 75 -5.87 -6.04 7.70
CA MET A 75 -6.46 -6.24 6.38
C MET A 75 -7.09 -4.95 5.87
N GLN A 76 -6.58 -3.81 6.35
CA GLN A 76 -7.09 -2.52 5.94
C GLN A 76 -6.21 -1.39 6.46
N VAL A 77 -6.23 -0.26 5.77
CA VAL A 77 -5.43 0.90 6.16
C VAL A 77 -5.98 2.18 5.57
N THR A 78 -5.74 3.30 6.25
CA THR A 78 -6.21 4.60 5.79
C THR A 78 -5.07 5.47 5.31
N ILE A 79 -5.24 6.07 4.13
CA ILE A 79 -4.21 6.93 3.55
C ILE A 79 -4.63 8.39 3.62
N GLN A 80 -4.20 9.09 4.67
CA GLN A 80 -4.52 10.49 4.84
C GLN A 80 -3.60 11.38 4.02
N ASN A 81 -3.70 12.69 4.21
CA ASN A 81 -2.86 13.64 3.48
C ASN A 81 -3.09 13.52 1.98
N LEU A 82 -4.35 13.44 1.58
CA LEU A 82 -4.70 13.32 0.17
C LEU A 82 -5.47 14.55 -0.30
N MET A 83 -5.62 14.68 -1.62
CA MET A 83 -6.35 15.81 -2.19
C MET A 83 -7.70 15.36 -2.74
N PRO A 84 -8.74 16.17 -2.47
CA PRO A 84 -10.10 15.88 -2.92
C PRO A 84 -10.26 16.01 -4.43
N ALA A 85 -11.23 15.30 -4.98
CA ALA A 85 -11.48 15.34 -6.42
C ALA A 85 -10.21 15.06 -7.21
N THR A 86 -9.38 14.17 -6.68
CA THR A 86 -8.13 13.81 -7.34
C THR A 86 -7.93 12.30 -7.36
N VAL A 87 -7.87 11.73 -8.56
CA VAL A 87 -7.68 10.29 -8.72
C VAL A 87 -6.36 9.84 -8.11
N TYR A 88 -6.35 8.64 -7.54
CA TYR A 88 -5.15 8.09 -6.93
C TYR A 88 -5.06 6.59 -7.13
N ILE A 89 -3.93 6.12 -7.63
CA ILE A 89 -3.72 4.69 -7.86
C ILE A 89 -3.07 4.03 -6.66
N PHE A 90 -3.86 3.31 -5.88
CA PHE A 90 -3.37 2.63 -4.70
C PHE A 90 -2.89 1.22 -5.05
N ARG A 91 -1.80 0.80 -4.42
CA ARG A 91 -1.24 -0.53 -4.67
C ARG A 91 -0.87 -1.22 -3.36
N VAL A 92 -1.50 -2.36 -3.09
CA VAL A 92 -1.23 -3.10 -1.87
C VAL A 92 -0.21 -4.22 -2.12
N MET A 93 0.71 -4.40 -1.18
CA MET A 93 1.74 -5.43 -1.30
C MET A 93 2.03 -6.06 0.05
N ALA A 94 2.37 -7.35 0.04
CA ALA A 94 2.68 -8.06 1.27
C ALA A 94 4.17 -8.05 1.56
N GLN A 95 4.54 -8.09 2.84
CA GLN A 95 5.94 -8.08 3.24
C GLN A 95 6.16 -9.00 4.43
N ASN A 96 7.12 -9.91 4.30
CA ASN A 96 7.44 -10.85 5.37
C ASN A 96 8.90 -10.73 5.79
N LYS A 97 9.33 -11.61 6.68
CA LYS A 97 10.71 -11.61 7.16
C LYS A 97 11.68 -11.42 6.00
N HIS A 98 11.24 -11.75 4.79
CA HIS A 98 12.06 -11.62 3.60
C HIS A 98 12.15 -10.18 3.16
N GLY A 99 11.05 -9.65 2.64
CA GLY A 99 11.02 -8.28 2.17
C GLY A 99 9.75 -7.93 1.43
N SER A 100 9.89 -7.41 0.22
CA SER A 100 8.74 -7.04 -0.60
C SER A 100 8.51 -8.05 -1.71
N GLY A 101 7.37 -8.73 -1.66
CA GLY A 101 7.05 -9.71 -2.68
C GLY A 101 6.46 -9.10 -3.94
N GLU A 102 5.27 -9.57 -4.32
CA GLU A 102 4.61 -9.06 -5.50
C GLU A 102 3.61 -7.96 -5.13
N SER A 103 3.54 -6.93 -5.96
CA SER A 103 2.63 -5.81 -5.72
C SER A 103 1.26 -6.06 -6.36
N SER A 104 0.22 -5.96 -5.56
CA SER A 104 -1.13 -6.18 -6.04
C SER A 104 -1.45 -5.27 -7.23
N ALA A 105 -2.61 -5.49 -7.84
CA ALA A 105 -3.03 -4.70 -8.98
C ALA A 105 -3.31 -3.25 -8.58
N PRO A 106 -3.06 -2.32 -9.50
CA PRO A 106 -3.28 -0.89 -9.26
C PRO A 106 -4.76 -0.53 -9.17
N LEU A 107 -5.18 -0.06 -8.01
CA LEU A 107 -6.58 0.31 -7.80
C LEU A 107 -6.78 1.81 -8.01
N ARG A 108 -7.76 2.15 -8.85
CA ARG A 108 -8.05 3.55 -9.14
C ARG A 108 -9.16 4.07 -8.23
N VAL A 109 -8.80 5.00 -7.34
CA VAL A 109 -9.76 5.58 -6.42
C VAL A 109 -9.77 7.10 -6.51
N GLU A 110 -10.93 7.66 -6.83
CA GLU A 110 -11.08 9.11 -6.96
C GLU A 110 -11.79 9.69 -5.75
N THR A 111 -11.16 10.66 -5.10
CA THR A 111 -11.74 11.30 -3.93
C THR A 111 -12.98 12.11 -4.29
N GLN A 112 -13.60 12.71 -3.30
CA GLN A 112 -14.79 13.52 -3.52
C GLN A 112 -14.49 15.01 -3.34
N PRO A 113 -15.14 15.84 -4.17
CA PRO A 113 -14.95 17.29 -4.13
C PRO A 113 -15.56 17.92 -2.88
N GLU A 114 -14.68 18.31 -1.95
CA GLU A 114 -15.12 18.93 -0.70
C GLU A 114 -15.28 20.43 -0.86
N SER A 115 -15.07 20.92 -2.08
CA SER A 115 -15.18 22.35 -2.36
C SER A 115 -16.26 22.61 -3.41
N GLY A 116 -16.99 23.70 -3.24
CA GLY A 116 -18.05 24.04 -4.18
C GLY A 116 -18.55 25.46 -3.98
N PRO A 117 -18.95 26.10 -5.09
CA PRO A 117 -19.46 27.48 -5.06
C PRO A 117 -20.84 27.57 -4.40
N SER A 118 -21.62 26.49 -4.50
CA SER A 118 -22.95 26.45 -3.92
C SER A 118 -23.11 25.24 -3.01
N SER A 119 -24.24 25.16 -2.32
CA SER A 119 -24.52 24.05 -1.42
C SER A 119 -25.43 23.03 -2.08
N GLY A 120 -24.84 21.89 -2.45
CA GLY A 120 -25.61 20.83 -3.09
C GLY A 120 -26.56 21.37 -4.14
N GLY A 1 57.27 -23.17 14.18
CA GLY A 1 56.02 -22.42 14.22
C GLY A 1 55.25 -22.50 12.92
N SER A 2 54.09 -21.85 12.89
CA SER A 2 53.24 -21.87 11.69
C SER A 2 52.30 -20.67 11.70
N SER A 3 51.75 -20.35 10.52
CA SER A 3 50.82 -19.24 10.40
C SER A 3 49.82 -19.50 9.27
N GLY A 4 48.82 -18.62 9.17
CA GLY A 4 47.81 -18.78 8.13
C GLY A 4 46.95 -17.54 7.99
N SER A 5 45.81 -17.69 7.31
CA SER A 5 44.90 -16.57 7.10
C SER A 5 43.48 -17.06 6.78
N SER A 6 42.50 -16.43 7.38
CA SER A 6 41.10 -16.81 7.18
C SER A 6 40.18 -15.61 7.32
N GLY A 7 39.27 -15.44 6.36
CA GLY A 7 38.34 -14.33 6.41
C GLY A 7 37.38 -14.33 5.23
N GLU A 8 36.49 -15.32 5.21
CA GLU A 8 35.51 -15.44 4.13
C GLU A 8 34.10 -15.32 4.67
N HIS A 9 33.34 -14.37 4.12
CA HIS A 9 31.96 -14.15 4.55
C HIS A 9 31.06 -15.28 4.08
N ALA A 10 29.97 -15.52 4.82
CA ALA A 10 29.03 -16.58 4.49
C ALA A 10 28.06 -16.12 3.40
N PRO A 11 28.04 -16.86 2.28
CA PRO A 11 27.17 -16.55 1.15
C PRO A 11 25.69 -16.81 1.46
N ALA A 12 25.00 -15.77 1.91
CA ALA A 12 23.58 -15.88 2.25
C ALA A 12 22.76 -16.26 1.02
N THR A 13 21.50 -16.62 1.25
CA THR A 13 20.61 -17.01 0.17
C THR A 13 19.23 -16.38 0.34
N THR A 14 18.58 -16.09 -0.78
CA THR A 14 17.25 -15.48 -0.76
C THR A 14 16.18 -16.49 -1.14
N GLY A 15 15.31 -16.81 -0.19
CA GLY A 15 14.24 -17.76 -0.46
C GLY A 15 13.12 -17.16 -1.28
N PRO A 16 11.99 -17.88 -1.34
CA PRO A 16 10.81 -17.42 -2.10
C PRO A 16 10.13 -16.22 -1.45
N LEU A 17 9.30 -15.53 -2.23
CA LEU A 17 8.58 -14.36 -1.73
C LEU A 17 7.07 -14.58 -1.80
N PRO A 18 6.33 -13.87 -0.92
CA PRO A 18 4.87 -13.96 -0.88
C PRO A 18 4.20 -13.33 -2.09
N SER A 19 2.88 -13.27 -2.07
CA SER A 19 2.13 -12.69 -3.18
C SER A 19 1.20 -11.59 -2.69
N ALA A 20 0.97 -10.59 -3.54
CA ALA A 20 0.10 -9.48 -3.19
C ALA A 20 -1.28 -9.97 -2.78
N PRO A 21 -1.95 -9.19 -1.91
CA PRO A 21 -3.29 -9.53 -1.41
C PRO A 21 -4.36 -9.40 -2.50
N ARG A 22 -5.53 -9.97 -2.25
CA ARG A 22 -6.62 -9.92 -3.20
C ARG A 22 -7.80 -9.12 -2.63
N ASP A 23 -8.88 -9.05 -3.41
CA ASP A 23 -10.06 -8.31 -2.98
C ASP A 23 -9.70 -6.89 -2.57
N VAL A 24 -8.71 -6.31 -3.24
CA VAL A 24 -8.27 -4.95 -2.95
C VAL A 24 -9.35 -3.93 -3.28
N VAL A 25 -10.02 -3.43 -2.25
CA VAL A 25 -11.08 -2.44 -2.44
C VAL A 25 -10.95 -1.31 -1.43
N ALA A 26 -11.72 -0.24 -1.65
CA ALA A 26 -11.70 0.91 -0.77
C ALA A 26 -12.94 0.95 0.12
N SER A 27 -12.79 0.52 1.37
CA SER A 27 -13.90 0.49 2.31
C SER A 27 -14.58 1.86 2.38
N LEU A 28 -13.85 2.90 2.00
CA LEU A 28 -14.39 4.26 2.02
C LEU A 28 -13.44 5.23 1.32
N VAL A 29 -14.00 6.30 0.78
CA VAL A 29 -13.20 7.30 0.08
C VAL A 29 -13.45 8.70 0.64
N SER A 30 -12.52 9.17 1.48
CA SER A 30 -12.64 10.48 2.09
C SER A 30 -12.06 11.56 1.18
N THR A 31 -12.38 12.82 1.48
CA THR A 31 -11.89 13.94 0.69
C THR A 31 -10.43 14.24 1.01
N ARG A 32 -10.00 13.88 2.22
CA ARG A 32 -8.62 14.10 2.64
C ARG A 32 -7.88 12.78 2.80
N PHE A 33 -8.60 11.67 2.63
CA PHE A 33 -8.00 10.36 2.75
C PHE A 33 -8.87 9.30 2.06
N ILE A 34 -8.43 8.05 2.12
CA ILE A 34 -9.16 6.95 1.50
C ILE A 34 -8.95 5.65 2.28
N LYS A 35 -10.06 5.02 2.66
CA LYS A 35 -10.01 3.76 3.40
C LYS A 35 -9.84 2.58 2.45
N LEU A 36 -8.82 1.77 2.71
CA LEU A 36 -8.55 0.60 1.87
C LEU A 36 -8.83 -0.68 2.64
N THR A 37 -9.10 -1.76 1.90
CA THR A 37 -9.39 -3.05 2.52
C THR A 37 -9.11 -4.19 1.54
N TRP A 38 -8.37 -5.19 2.01
CA TRP A 38 -8.03 -6.35 1.19
C TRP A 38 -7.96 -7.62 2.03
N ARG A 39 -8.08 -8.76 1.37
CA ARG A 39 -8.03 -10.04 2.06
C ARG A 39 -6.61 -10.61 2.07
N THR A 40 -6.45 -11.79 2.65
CA THR A 40 -5.14 -12.44 2.73
C THR A 40 -4.72 -12.97 1.36
N PRO A 41 -3.41 -12.89 1.07
CA PRO A 41 -2.85 -13.37 -0.19
C PRO A 41 -2.88 -14.88 -0.31
N ALA A 42 -2.90 -15.39 -1.54
CA ALA A 42 -2.93 -16.82 -1.79
C ALA A 42 -1.75 -17.52 -1.11
N SER A 43 -0.59 -16.89 -1.16
CA SER A 43 0.61 -17.45 -0.56
C SER A 43 0.47 -17.52 0.96
N ASP A 44 -0.13 -16.49 1.55
CA ASP A 44 -0.33 -16.43 2.98
C ASP A 44 -1.80 -16.16 3.33
N PRO A 45 -2.54 -17.23 3.63
CA PRO A 45 -3.96 -17.14 3.97
C PRO A 45 -4.19 -16.48 5.33
N HIS A 46 -3.10 -16.27 6.07
CA HIS A 46 -3.18 -15.66 7.38
C HIS A 46 -2.47 -14.30 7.39
N GLY A 47 -1.49 -14.16 6.51
CA GLY A 47 -0.73 -12.93 6.42
C GLY A 47 -0.60 -12.24 7.77
N ASP A 48 -0.40 -13.03 8.82
CA ASP A 48 -0.26 -12.50 10.17
C ASP A 48 1.20 -12.30 10.52
N ASN A 49 2.09 -12.84 9.69
CA ASN A 49 3.52 -12.72 9.92
C ASN A 49 4.18 -11.84 8.85
N LEU A 50 3.35 -11.08 8.13
CA LEU A 50 3.84 -10.20 7.08
C LEU A 50 3.03 -8.91 7.03
N THR A 51 3.72 -7.78 6.94
CA THR A 51 3.06 -6.48 6.89
C THR A 51 2.47 -6.23 5.51
N TYR A 52 1.85 -5.06 5.34
CA TYR A 52 1.24 -4.70 4.07
C TYR A 52 1.52 -3.23 3.73
N SER A 53 2.13 -3.01 2.56
CA SER A 53 2.45 -1.65 2.12
C SER A 53 1.44 -1.16 1.09
N VAL A 54 1.11 0.12 1.17
CA VAL A 54 0.16 0.73 0.24
C VAL A 54 0.78 1.91 -0.51
N PHE A 55 1.03 1.72 -1.79
CA PHE A 55 1.61 2.77 -2.62
C PHE A 55 0.53 3.54 -3.37
N TYR A 56 0.48 4.84 -3.12
CA TYR A 56 -0.52 5.69 -3.78
C TYR A 56 0.17 6.81 -4.57
N THR A 57 -0.32 7.03 -5.79
CA THR A 57 0.24 8.07 -6.65
C THR A 57 -0.82 8.64 -7.59
N LYS A 58 -0.74 9.93 -7.85
CA LYS A 58 -1.70 10.60 -8.73
C LYS A 58 -1.57 10.08 -10.15
N GLU A 59 -2.70 9.90 -10.83
CA GLU A 59 -2.71 9.42 -12.20
C GLU A 59 -1.80 10.26 -13.08
N GLY A 60 -0.67 9.68 -13.47
CA GLY A 60 0.27 10.39 -14.33
C GLY A 60 1.62 10.57 -13.67
N ILE A 61 1.63 10.68 -12.35
CA ILE A 61 2.87 10.85 -11.60
C ILE A 61 3.57 9.52 -11.39
N ALA A 62 4.85 9.46 -11.75
CA ALA A 62 5.63 8.25 -11.60
C ALA A 62 6.05 8.04 -10.14
N ARG A 63 5.99 9.11 -9.36
CA ARG A 63 6.37 9.04 -7.95
C ARG A 63 5.17 8.64 -7.09
N GLU A 64 5.44 7.88 -6.03
CA GLU A 64 4.38 7.42 -5.14
C GLU A 64 4.90 7.30 -3.71
N ARG A 65 3.98 7.25 -2.75
CA ARG A 65 4.35 7.13 -1.35
C ARG A 65 3.80 5.84 -0.75
N VAL A 66 4.61 5.18 0.07
CA VAL A 66 4.20 3.93 0.70
C VAL A 66 3.73 4.17 2.14
N GLU A 67 2.65 3.51 2.53
CA GLU A 67 2.11 3.66 3.87
C GLU A 67 2.08 2.30 4.59
N ASN A 68 2.98 2.13 5.55
CA ASN A 68 3.05 0.89 6.31
C ASN A 68 1.91 0.81 7.32
N THR A 69 1.15 -0.29 7.26
CA THR A 69 0.03 -0.48 8.16
C THR A 69 0.47 -0.40 9.62
N SER A 70 -0.13 0.53 10.37
CA SER A 70 0.21 0.72 11.78
C SER A 70 0.54 -0.61 12.43
N HIS A 71 -0.12 -1.68 11.98
CA HIS A 71 0.11 -3.01 12.53
C HIS A 71 0.23 -4.04 11.42
N PRO A 72 1.11 -5.03 11.61
CA PRO A 72 1.33 -6.10 10.62
C PRO A 72 0.15 -7.05 10.53
N GLY A 73 -0.26 -7.36 9.30
CA GLY A 73 -1.37 -8.26 9.09
C GLY A 73 -2.66 -7.52 8.81
N GLU A 74 -2.79 -6.33 9.38
CA GLU A 74 -3.99 -5.52 9.19
C GLU A 74 -4.52 -5.65 7.76
N MET A 75 -5.75 -6.12 7.64
CA MET A 75 -6.38 -6.28 6.32
C MET A 75 -7.02 -4.98 5.86
N GLN A 76 -6.56 -3.87 6.41
CA GLN A 76 -7.10 -2.56 6.05
C GLN A 76 -6.23 -1.45 6.61
N VAL A 77 -6.19 -0.32 5.90
CA VAL A 77 -5.40 0.83 6.33
C VAL A 77 -5.98 2.13 5.79
N THR A 78 -5.67 3.23 6.47
CA THR A 78 -6.17 4.55 6.06
C THR A 78 -5.05 5.39 5.46
N ILE A 79 -5.31 5.97 4.30
CA ILE A 79 -4.32 6.81 3.63
C ILE A 79 -4.72 8.28 3.67
N GLN A 80 -4.20 9.00 4.67
CA GLN A 80 -4.51 10.41 4.83
C GLN A 80 -3.53 11.27 4.01
N ASN A 81 -3.66 12.59 4.16
CA ASN A 81 -2.79 13.52 3.44
C ASN A 81 -2.98 13.38 1.94
N LEU A 82 -4.23 13.46 1.48
CA LEU A 82 -4.55 13.35 0.07
C LEU A 82 -5.37 14.54 -0.40
N MET A 83 -5.47 14.71 -1.72
CA MET A 83 -6.23 15.80 -2.30
C MET A 83 -7.59 15.32 -2.79
N PRO A 84 -8.64 16.11 -2.51
CA PRO A 84 -10.00 15.78 -2.91
C PRO A 84 -10.20 15.90 -4.43
N ALA A 85 -11.20 15.19 -4.94
CA ALA A 85 -11.50 15.22 -6.37
C ALA A 85 -10.24 14.96 -7.20
N THR A 86 -9.39 14.07 -6.72
CA THR A 86 -8.15 13.73 -7.41
C THR A 86 -7.93 12.22 -7.46
N VAL A 87 -7.80 11.68 -8.67
CA VAL A 87 -7.59 10.25 -8.85
C VAL A 87 -6.24 9.82 -8.27
N TYR A 88 -6.23 8.67 -7.61
CA TYR A 88 -5.01 8.16 -7.00
C TYR A 88 -4.92 6.64 -7.15
N ILE A 89 -3.83 6.17 -7.73
CA ILE A 89 -3.62 4.74 -7.94
C ILE A 89 -3.02 4.09 -6.70
N PHE A 90 -3.81 3.27 -6.02
CA PHE A 90 -3.35 2.58 -4.82
C PHE A 90 -2.84 1.19 -5.16
N ARG A 91 -1.75 0.78 -4.50
CA ARG A 91 -1.16 -0.53 -4.74
C ARG A 91 -0.81 -1.21 -3.41
N VAL A 92 -1.42 -2.36 -3.17
CA VAL A 92 -1.17 -3.11 -1.94
C VAL A 92 -0.14 -4.22 -2.17
N MET A 93 0.71 -4.45 -1.17
CA MET A 93 1.74 -5.47 -1.27
C MET A 93 2.07 -6.03 0.11
N ALA A 94 2.35 -7.33 0.17
CA ALA A 94 2.68 -7.99 1.42
C ALA A 94 4.19 -8.00 1.65
N GLN A 95 4.59 -8.11 2.91
CA GLN A 95 6.00 -8.14 3.26
C GLN A 95 6.25 -9.06 4.45
N ASN A 96 7.23 -9.94 4.32
CA ASN A 96 7.56 -10.89 5.39
C ASN A 96 9.05 -10.80 5.73
N LYS A 97 9.49 -11.69 6.62
CA LYS A 97 10.90 -11.73 7.03
C LYS A 97 11.82 -11.57 5.83
N HIS A 98 11.32 -11.94 4.65
CA HIS A 98 12.11 -11.84 3.42
C HIS A 98 12.20 -10.39 2.95
N GLY A 99 11.07 -9.86 2.48
CA GLY A 99 11.04 -8.49 2.01
C GLY A 99 9.74 -8.15 1.31
N SER A 100 9.85 -7.53 0.14
CA SER A 100 8.67 -7.14 -0.64
C SER A 100 8.39 -8.16 -1.74
N GLY A 101 7.26 -8.85 -1.62
CA GLY A 101 6.90 -9.84 -2.63
C GLY A 101 6.38 -9.21 -3.90
N GLU A 102 5.15 -9.56 -4.27
CA GLU A 102 4.55 -9.02 -5.49
C GLU A 102 3.58 -7.89 -5.16
N SER A 103 3.57 -6.87 -6.02
CA SER A 103 2.69 -5.72 -5.81
C SER A 103 1.33 -5.95 -6.46
N SER A 104 0.28 -5.91 -5.64
CA SER A 104 -1.08 -6.12 -6.12
C SER A 104 -1.37 -5.22 -7.31
N ALA A 105 -2.51 -5.45 -7.96
CA ALA A 105 -2.92 -4.65 -9.10
C ALA A 105 -3.22 -3.22 -8.69
N PRO A 106 -2.94 -2.27 -9.60
CA PRO A 106 -3.17 -0.84 -9.35
C PRO A 106 -4.66 -0.49 -9.32
N LEU A 107 -5.14 -0.11 -8.14
CA LEU A 107 -6.56 0.25 -7.98
C LEU A 107 -6.76 1.73 -8.22
N ARG A 108 -7.77 2.06 -9.02
CA ARG A 108 -8.09 3.45 -9.34
C ARG A 108 -9.15 3.99 -8.40
N VAL A 109 -8.78 5.00 -7.62
CA VAL A 109 -9.71 5.61 -6.66
C VAL A 109 -9.78 7.13 -6.86
N GLU A 110 -10.99 7.68 -6.73
CA GLU A 110 -11.19 9.11 -6.90
C GLU A 110 -11.85 9.71 -5.66
N THR A 111 -11.14 10.60 -4.99
CA THR A 111 -11.66 11.26 -3.79
C THR A 111 -12.92 12.05 -4.10
N GLN A 112 -13.48 12.68 -3.07
CA GLN A 112 -14.70 13.47 -3.24
C GLN A 112 -14.39 14.96 -3.15
N PRO A 113 -15.06 15.76 -4.00
CA PRO A 113 -14.88 17.21 -4.03
C PRO A 113 -15.44 17.90 -2.80
N GLU A 114 -14.55 18.36 -1.94
CA GLU A 114 -14.96 19.04 -0.70
C GLU A 114 -15.08 20.55 -0.93
N SER A 115 -15.78 20.93 -1.98
CA SER A 115 -15.96 22.34 -2.31
C SER A 115 -17.40 22.62 -2.76
N GLY A 116 -18.13 23.38 -1.94
CA GLY A 116 -19.51 23.70 -2.27
C GLY A 116 -19.68 25.14 -2.70
N PRO A 117 -20.82 25.45 -3.34
CA PRO A 117 -21.12 26.80 -3.81
C PRO A 117 -21.41 27.76 -2.67
N SER A 118 -22.18 27.29 -1.68
CA SER A 118 -22.53 28.12 -0.53
C SER A 118 -22.00 27.49 0.76
N SER A 119 -21.39 28.32 1.60
CA SER A 119 -20.85 27.86 2.87
C SER A 119 -21.94 27.33 3.77
N GLY A 120 -21.59 26.36 4.62
CA GLY A 120 -22.56 25.78 5.54
C GLY A 120 -23.63 24.97 4.82
N GLY A 1 28.73 22.94 -0.01
CA GLY A 1 28.75 22.00 -1.11
C GLY A 1 29.21 20.62 -0.69
N SER A 2 28.74 19.60 -1.40
CA SER A 2 29.12 18.22 -1.08
C SER A 2 28.74 17.28 -2.23
N SER A 3 29.31 16.09 -2.21
CA SER A 3 29.04 15.10 -3.26
C SER A 3 29.71 13.77 -2.92
N GLY A 4 28.93 12.70 -2.94
CA GLY A 4 29.45 11.38 -2.65
C GLY A 4 29.00 10.87 -1.29
N SER A 5 28.74 9.56 -1.21
CA SER A 5 28.28 8.95 0.03
C SER A 5 28.27 7.43 -0.09
N SER A 6 28.16 6.76 1.05
CA SER A 6 28.14 5.30 1.08
C SER A 6 27.18 4.79 2.15
N GLY A 7 27.03 3.47 2.22
CA GLY A 7 26.14 2.87 3.20
C GLY A 7 24.99 2.12 2.57
N GLU A 8 25.01 0.80 2.66
CA GLU A 8 23.96 -0.03 2.09
C GLU A 8 23.96 -1.42 2.72
N HIS A 9 22.86 -1.76 3.37
CA HIS A 9 22.72 -3.06 4.02
C HIS A 9 22.37 -4.15 3.00
N ALA A 10 22.43 -5.40 3.44
CA ALA A 10 22.12 -6.52 2.56
C ALA A 10 21.51 -7.68 3.36
N PRO A 11 20.56 -8.38 2.72
CA PRO A 11 19.88 -9.52 3.35
C PRO A 11 20.80 -10.73 3.53
N ALA A 12 20.38 -11.67 4.36
CA ALA A 12 21.17 -12.87 4.61
C ALA A 12 20.50 -14.10 4.01
N THR A 13 19.19 -14.22 4.20
CA THR A 13 18.44 -15.35 3.67
C THR A 13 17.82 -15.02 2.31
N THR A 14 17.70 -16.03 1.47
CA THR A 14 17.14 -15.85 0.14
C THR A 14 16.20 -17.00 -0.22
N GLY A 15 14.91 -16.72 -0.23
CA GLY A 15 13.93 -17.74 -0.57
C GLY A 15 12.79 -17.22 -1.41
N PRO A 16 11.66 -17.93 -1.41
CA PRO A 16 10.47 -17.54 -2.18
C PRO A 16 9.80 -16.29 -1.61
N LEU A 17 9.02 -15.62 -2.45
CA LEU A 17 8.32 -14.41 -2.03
C LEU A 17 6.81 -14.61 -2.09
N PRO A 18 6.08 -13.92 -1.18
CA PRO A 18 4.63 -14.01 -1.11
C PRO A 18 3.94 -13.35 -2.31
N SER A 19 2.63 -13.49 -2.39
CA SER A 19 1.86 -12.91 -3.48
C SER A 19 0.96 -11.78 -2.97
N ALA A 20 0.87 -10.71 -3.76
CA ALA A 20 0.04 -9.56 -3.40
C ALA A 20 -1.34 -10.01 -2.92
N PRO A 21 -1.96 -9.19 -2.07
CA PRO A 21 -3.29 -9.48 -1.52
C PRO A 21 -4.39 -9.37 -2.57
N ARG A 22 -5.54 -9.95 -2.28
CA ARG A 22 -6.67 -9.92 -3.20
C ARG A 22 -7.81 -9.09 -2.63
N ASP A 23 -8.91 -9.02 -3.38
CA ASP A 23 -10.07 -8.25 -2.95
C ASP A 23 -9.68 -6.83 -2.54
N VAL A 24 -8.70 -6.28 -3.23
CA VAL A 24 -8.22 -4.94 -2.95
C VAL A 24 -9.26 -3.88 -3.31
N VAL A 25 -9.98 -3.40 -2.31
CA VAL A 25 -11.01 -2.39 -2.52
C VAL A 25 -10.90 -1.26 -1.51
N ALA A 26 -11.74 -0.24 -1.66
CA ALA A 26 -11.74 0.90 -0.77
C ALA A 26 -12.99 0.91 0.10
N SER A 27 -12.84 0.53 1.36
CA SER A 27 -13.97 0.49 2.29
C SER A 27 -14.66 1.86 2.36
N LEU A 28 -13.92 2.90 1.98
CA LEU A 28 -14.46 4.26 2.01
C LEU A 28 -13.54 5.22 1.26
N VAL A 29 -14.12 6.29 0.72
CA VAL A 29 -13.35 7.28 -0.02
C VAL A 29 -13.59 8.68 0.55
N SER A 30 -12.64 9.15 1.35
CA SER A 30 -12.74 10.47 1.97
C SER A 30 -12.17 11.53 1.03
N THR A 31 -12.50 12.80 1.32
CA THR A 31 -12.02 13.91 0.52
C THR A 31 -10.56 14.21 0.80
N ARG A 32 -10.10 13.83 1.99
CA ARG A 32 -8.71 14.07 2.38
C ARG A 32 -7.99 12.75 2.59
N PHE A 33 -8.71 11.64 2.43
CA PHE A 33 -8.12 10.32 2.59
C PHE A 33 -8.99 9.25 1.93
N ILE A 34 -8.56 8.00 2.02
CA ILE A 34 -9.29 6.89 1.43
C ILE A 34 -9.07 5.61 2.21
N LYS A 35 -10.17 4.95 2.60
CA LYS A 35 -10.09 3.71 3.36
C LYS A 35 -9.90 2.52 2.42
N LEU A 36 -8.87 1.72 2.68
CA LEU A 36 -8.58 0.55 1.86
C LEU A 36 -8.84 -0.73 2.64
N THR A 37 -9.19 -1.80 1.92
CA THR A 37 -9.46 -3.08 2.55
C THR A 37 -9.21 -4.24 1.57
N TRP A 38 -8.50 -5.25 2.03
CA TRP A 38 -8.19 -6.41 1.20
C TRP A 38 -8.17 -7.69 2.03
N ARG A 39 -8.10 -8.83 1.35
CA ARG A 39 -8.07 -10.12 2.03
C ARG A 39 -6.66 -10.68 2.07
N THR A 40 -6.50 -11.84 2.71
CA THR A 40 -5.19 -12.48 2.82
C THR A 40 -4.75 -13.04 1.48
N PRO A 41 -3.42 -12.98 1.22
CA PRO A 41 -2.84 -13.48 -0.02
C PRO A 41 -2.88 -15.00 -0.12
N ALA A 42 -3.03 -15.51 -1.33
CA ALA A 42 -3.09 -16.95 -1.56
C ALA A 42 -1.91 -17.65 -0.88
N SER A 43 -0.76 -17.00 -0.89
CA SER A 43 0.45 -17.56 -0.29
C SER A 43 0.30 -17.66 1.23
N ASP A 44 -0.25 -16.61 1.83
CA ASP A 44 -0.44 -16.58 3.28
C ASP A 44 -1.91 -16.36 3.62
N PRO A 45 -2.58 -17.44 4.05
CA PRO A 45 -4.00 -17.39 4.42
C PRO A 45 -4.24 -16.61 5.71
N HIS A 46 -3.19 -16.44 6.49
CA HIS A 46 -3.28 -15.69 7.75
C HIS A 46 -2.60 -14.34 7.63
N GLY A 47 -1.63 -14.24 6.74
CA GLY A 47 -0.91 -13.00 6.55
C GLY A 47 -0.76 -12.22 7.84
N ASP A 48 -0.59 -12.93 8.95
CA ASP A 48 -0.43 -12.29 10.25
C ASP A 48 1.04 -12.14 10.61
N ASN A 49 1.91 -12.77 9.82
CA ASN A 49 3.34 -12.70 10.05
C ASN A 49 4.03 -11.85 8.99
N LEU A 50 3.24 -11.05 8.28
CA LEU A 50 3.77 -10.19 7.24
C LEU A 50 3.00 -8.87 7.18
N THR A 51 3.73 -7.77 7.02
CA THR A 51 3.11 -6.45 6.95
C THR A 51 2.52 -6.19 5.57
N TYR A 52 1.89 -5.03 5.41
CA TYR A 52 1.28 -4.66 4.13
C TYR A 52 1.58 -3.20 3.79
N SER A 53 2.16 -2.98 2.62
CA SER A 53 2.49 -1.63 2.17
C SER A 53 1.49 -1.14 1.14
N VAL A 54 1.25 0.17 1.14
CA VAL A 54 0.30 0.77 0.20
C VAL A 54 0.93 1.96 -0.52
N PHE A 55 1.10 1.82 -1.83
CA PHE A 55 1.69 2.88 -2.63
C PHE A 55 0.62 3.67 -3.37
N TYR A 56 0.52 4.96 -3.08
CA TYR A 56 -0.48 5.82 -3.71
C TYR A 56 0.20 6.96 -4.47
N THR A 57 -0.43 7.38 -5.57
CA THR A 57 0.11 8.46 -6.39
C THR A 57 -0.91 8.95 -7.40
N LYS A 58 -0.72 10.16 -7.90
CA LYS A 58 -1.62 10.75 -8.88
C LYS A 58 -1.45 10.07 -10.24
N GLU A 59 -2.57 9.90 -10.94
CA GLU A 59 -2.55 9.27 -12.26
C GLU A 59 -1.61 10.02 -13.20
N GLY A 60 -1.24 11.23 -12.81
CA GLY A 60 -0.35 12.04 -13.63
C GLY A 60 1.03 12.20 -13.02
N ILE A 61 1.08 12.29 -11.70
CA ILE A 61 2.34 12.44 -10.98
C ILE A 61 3.09 11.12 -10.92
N ALA A 62 4.41 11.18 -11.15
CA ALA A 62 5.25 9.99 -11.10
C ALA A 62 5.87 9.81 -9.72
N ARG A 63 5.29 10.46 -8.73
CA ARG A 63 5.79 10.37 -7.36
C ARG A 63 4.79 9.64 -6.46
N GLU A 64 5.20 8.50 -5.92
CA GLU A 64 4.34 7.71 -5.04
C GLU A 64 5.01 7.47 -3.70
N ARG A 65 4.20 7.31 -2.65
CA ARG A 65 4.71 7.07 -1.31
C ARG A 65 4.10 5.81 -0.72
N VAL A 66 4.88 5.13 0.13
CA VAL A 66 4.41 3.90 0.77
C VAL A 66 3.96 4.18 2.20
N GLU A 67 2.91 3.46 2.62
CA GLU A 67 2.38 3.64 3.97
C GLU A 67 2.23 2.29 4.67
N ASN A 68 3.15 2.01 5.60
CA ASN A 68 3.12 0.75 6.33
C ASN A 68 1.98 0.73 7.34
N THR A 69 1.16 -0.31 7.28
CA THR A 69 0.02 -0.44 8.18
C THR A 69 0.47 -0.37 9.64
N SER A 70 -0.18 0.50 10.41
CA SER A 70 0.15 0.68 11.81
C SER A 70 0.54 -0.66 12.45
N HIS A 71 -0.09 -1.73 11.98
CA HIS A 71 0.18 -3.06 12.51
C HIS A 71 0.29 -4.08 11.37
N PRO A 72 1.20 -5.05 11.53
CA PRO A 72 1.42 -6.10 10.54
C PRO A 72 0.26 -7.07 10.43
N GLY A 73 -0.21 -7.30 9.21
CA GLY A 73 -1.32 -8.20 9.01
C GLY A 73 -2.63 -7.47 8.76
N GLU A 74 -2.74 -6.26 9.29
CA GLU A 74 -3.94 -5.46 9.13
C GLU A 74 -4.50 -5.60 7.71
N MET A 75 -5.76 -6.04 7.62
CA MET A 75 -6.42 -6.22 6.34
C MET A 75 -7.09 -4.92 5.88
N GLN A 76 -6.63 -3.80 6.42
CA GLN A 76 -7.18 -2.50 6.06
C GLN A 76 -6.29 -1.38 6.56
N VAL A 77 -6.17 -0.32 5.76
CA VAL A 77 -5.35 0.83 6.13
C VAL A 77 -5.98 2.13 5.65
N THR A 78 -5.53 3.25 6.22
CA THR A 78 -6.06 4.56 5.87
C THR A 78 -4.97 5.44 5.26
N ILE A 79 -5.29 6.09 4.16
CA ILE A 79 -4.34 6.97 3.47
C ILE A 79 -4.80 8.42 3.54
N GLN A 80 -4.32 9.15 4.54
CA GLN A 80 -4.67 10.55 4.71
C GLN A 80 -3.71 11.45 3.95
N ASN A 81 -3.98 12.76 3.98
CA ASN A 81 -3.14 13.73 3.29
C ASN A 81 -3.33 13.62 1.78
N LEU A 82 -4.59 13.56 1.35
CA LEU A 82 -4.91 13.46 -0.07
C LEU A 82 -5.75 14.65 -0.52
N MET A 83 -5.85 14.84 -1.83
CA MET A 83 -6.63 15.94 -2.40
C MET A 83 -7.97 15.45 -2.91
N PRO A 84 -9.02 16.23 -2.65
CA PRO A 84 -10.39 15.89 -3.08
C PRO A 84 -10.56 16.00 -4.58
N ALA A 85 -11.50 15.23 -5.13
CA ALA A 85 -11.77 15.25 -6.55
C ALA A 85 -10.50 14.98 -7.36
N THR A 86 -9.68 14.06 -6.88
CA THR A 86 -8.44 13.71 -7.56
C THR A 86 -8.21 12.20 -7.53
N VAL A 87 -8.17 11.60 -8.72
CA VAL A 87 -7.96 10.16 -8.85
C VAL A 87 -6.58 9.77 -8.31
N TYR A 88 -6.50 8.59 -7.71
CA TYR A 88 -5.25 8.10 -7.16
C TYR A 88 -5.09 6.60 -7.42
N ILE A 89 -3.85 6.18 -7.63
CA ILE A 89 -3.56 4.78 -7.90
C ILE A 89 -2.94 4.10 -6.68
N PHE A 90 -3.76 3.38 -5.93
CA PHE A 90 -3.30 2.70 -4.73
C PHE A 90 -2.80 1.29 -5.07
N ARG A 91 -1.70 0.88 -4.45
CA ARG A 91 -1.12 -0.43 -4.68
C ARG A 91 -0.76 -1.11 -3.37
N VAL A 92 -1.43 -2.21 -3.08
CA VAL A 92 -1.18 -2.96 -1.85
C VAL A 92 -0.20 -4.11 -2.10
N MET A 93 0.67 -4.34 -1.12
CA MET A 93 1.66 -5.41 -1.23
C MET A 93 1.93 -6.04 0.14
N ALA A 94 2.41 -7.28 0.13
CA ALA A 94 2.71 -7.99 1.36
C ALA A 94 4.21 -8.05 1.61
N GLN A 95 4.59 -8.18 2.88
CA GLN A 95 5.99 -8.24 3.25
C GLN A 95 6.21 -9.17 4.44
N ASN A 96 7.07 -10.17 4.25
CA ASN A 96 7.36 -11.13 5.32
C ASN A 96 8.82 -11.07 5.73
N LYS A 97 9.23 -11.98 6.61
CA LYS A 97 10.60 -12.03 7.08
C LYS A 97 11.58 -11.90 5.92
N HIS A 98 11.11 -12.19 4.71
CA HIS A 98 11.95 -12.11 3.52
C HIS A 98 12.03 -10.66 3.02
N GLY A 99 10.91 -10.15 2.53
CA GLY A 99 10.87 -8.79 2.02
C GLY A 99 9.61 -8.50 1.24
N SER A 100 9.73 -7.66 0.21
CA SER A 100 8.59 -7.30 -0.63
C SER A 100 8.41 -8.29 -1.76
N GLY A 101 7.27 -8.97 -1.77
CA GLY A 101 6.98 -9.94 -2.81
C GLY A 101 6.42 -9.30 -4.06
N GLU A 102 5.17 -9.63 -4.37
CA GLU A 102 4.51 -9.09 -5.55
C GLU A 102 3.54 -7.98 -5.18
N SER A 103 3.54 -6.90 -5.96
CA SER A 103 2.65 -5.77 -5.70
C SER A 103 1.29 -5.98 -6.35
N SER A 104 0.24 -5.82 -5.55
CA SER A 104 -1.13 -5.99 -6.06
C SER A 104 -1.39 -5.08 -7.25
N ALA A 105 -2.54 -5.26 -7.88
CA ALA A 105 -2.92 -4.46 -9.03
C ALA A 105 -3.20 -3.01 -8.63
N PRO A 106 -2.90 -2.08 -9.53
CA PRO A 106 -3.12 -0.65 -9.29
C PRO A 106 -4.61 -0.28 -9.25
N LEU A 107 -5.10 -0.01 -8.04
CA LEU A 107 -6.51 0.35 -7.86
C LEU A 107 -6.71 1.85 -8.07
N ARG A 108 -7.65 2.20 -8.94
CA ARG A 108 -7.95 3.60 -9.22
C ARG A 108 -9.09 4.10 -8.34
N VAL A 109 -8.75 4.93 -7.35
CA VAL A 109 -9.74 5.48 -6.44
C VAL A 109 -9.81 7.00 -6.56
N GLU A 110 -11.01 7.52 -6.78
CA GLU A 110 -11.21 8.96 -6.91
C GLU A 110 -11.92 9.52 -5.68
N THR A 111 -11.32 10.57 -5.10
CA THR A 111 -11.89 11.20 -3.91
C THR A 111 -13.17 11.95 -4.24
N GLN A 112 -13.76 12.59 -3.24
CA GLN A 112 -14.98 13.36 -3.44
C GLN A 112 -14.70 14.85 -3.50
N PRO A 113 -15.38 15.55 -4.41
CA PRO A 113 -15.20 17.00 -4.60
C PRO A 113 -15.78 17.79 -3.43
N GLU A 114 -14.89 18.27 -2.55
CA GLU A 114 -15.31 19.05 -1.40
C GLU A 114 -16.21 20.20 -1.81
N SER A 115 -16.58 21.04 -0.84
CA SER A 115 -17.44 22.19 -1.11
C SER A 115 -16.86 23.06 -2.22
N GLY A 116 -17.61 23.20 -3.30
CA GLY A 116 -17.16 24.01 -4.43
C GLY A 116 -16.75 25.41 -4.00
N PRO A 117 -15.78 25.99 -4.72
CA PRO A 117 -15.29 27.34 -4.44
C PRO A 117 -16.31 28.42 -4.77
N SER A 118 -16.61 29.25 -3.78
CA SER A 118 -17.58 30.33 -3.96
C SER A 118 -17.63 31.24 -2.73
N SER A 119 -17.67 32.54 -2.98
CA SER A 119 -17.70 33.52 -1.89
C SER A 119 -18.93 33.31 -1.02
N GLY A 120 -18.77 33.54 0.28
CA GLY A 120 -19.88 33.37 1.21
C GLY A 120 -19.65 34.08 2.52
N GLY A 1 50.40 -19.69 2.82
CA GLY A 1 49.10 -19.42 2.25
C GLY A 1 48.86 -17.94 2.02
N SER A 2 47.64 -17.59 1.63
CA SER A 2 47.28 -16.20 1.38
C SER A 2 46.34 -15.68 2.45
N SER A 3 46.53 -14.42 2.85
CA SER A 3 45.70 -13.80 3.87
C SER A 3 44.56 -13.02 3.24
N GLY A 4 43.34 -13.25 3.72
CA GLY A 4 42.18 -12.56 3.20
C GLY A 4 42.39 -11.06 3.12
N SER A 5 41.53 -10.38 2.35
CA SER A 5 41.64 -8.93 2.18
C SER A 5 40.68 -8.21 3.13
N SER A 6 40.63 -8.67 4.38
CA SER A 6 39.75 -8.08 5.38
C SER A 6 38.30 -8.10 4.91
N GLY A 7 37.90 -9.19 4.29
CA GLY A 7 36.54 -9.32 3.80
C GLY A 7 36.09 -10.77 3.70
N GLU A 8 34.81 -10.98 3.46
CA GLU A 8 34.25 -12.32 3.34
C GLU A 8 33.06 -12.34 2.38
N HIS A 9 33.06 -13.31 1.47
CA HIS A 9 31.99 -13.45 0.49
C HIS A 9 30.63 -13.40 1.17
N ALA A 10 29.59 -13.11 0.39
CA ALA A 10 28.23 -13.04 0.92
C ALA A 10 27.47 -14.34 0.68
N PRO A 11 26.63 -14.72 1.65
CA PRO A 11 25.84 -15.95 1.56
C PRO A 11 24.74 -15.86 0.51
N ALA A 12 24.17 -17.01 0.14
CA ALA A 12 23.11 -17.05 -0.86
C ALA A 12 21.86 -17.73 -0.29
N THR A 13 21.31 -17.15 0.77
CA THR A 13 20.12 -17.69 1.41
C THR A 13 18.86 -17.01 0.88
N THR A 14 18.77 -16.88 -0.43
CA THR A 14 17.61 -16.25 -1.07
C THR A 14 16.45 -17.23 -1.18
N GLY A 15 15.32 -16.87 -0.57
CA GLY A 15 14.15 -17.72 -0.62
C GLY A 15 13.02 -17.11 -1.42
N PRO A 16 11.93 -17.87 -1.59
CA PRO A 16 10.75 -17.41 -2.34
C PRO A 16 10.00 -16.30 -1.62
N LEU A 17 9.37 -15.42 -2.41
CA LEU A 17 8.60 -14.31 -1.85
C LEU A 17 7.11 -14.62 -1.85
N PRO A 18 6.36 -13.95 -0.97
CA PRO A 18 4.91 -14.12 -0.86
C PRO A 18 4.16 -13.57 -2.06
N SER A 19 2.85 -13.44 -1.93
CA SER A 19 2.01 -12.93 -3.02
C SER A 19 1.20 -11.73 -2.56
N ALA A 20 0.76 -10.91 -3.51
CA ALA A 20 -0.03 -9.73 -3.21
C ALA A 20 -1.43 -10.11 -2.73
N PRO A 21 -2.06 -9.23 -1.93
CA PRO A 21 -3.39 -9.46 -1.40
C PRO A 21 -4.47 -9.38 -2.48
N ARG A 22 -5.60 -10.02 -2.22
CA ARG A 22 -6.71 -10.03 -3.17
C ARG A 22 -7.87 -9.18 -2.67
N ASP A 23 -8.92 -9.07 -3.48
CA ASP A 23 -10.09 -8.29 -3.11
C ASP A 23 -9.69 -6.89 -2.65
N VAL A 24 -8.77 -6.27 -3.38
CA VAL A 24 -8.30 -4.94 -3.04
C VAL A 24 -9.32 -3.88 -3.42
N VAL A 25 -10.02 -3.36 -2.40
CA VAL A 25 -11.03 -2.33 -2.62
C VAL A 25 -10.93 -1.22 -1.59
N ALA A 26 -11.76 -0.19 -1.74
CA ALA A 26 -11.77 0.93 -0.80
C ALA A 26 -13.01 0.92 0.07
N SER A 27 -12.84 0.54 1.33
CA SER A 27 -13.95 0.48 2.28
C SER A 27 -14.62 1.84 2.41
N LEU A 28 -13.87 2.90 2.12
CA LEU A 28 -14.40 4.25 2.21
C LEU A 28 -13.50 5.24 1.47
N VAL A 29 -14.09 6.31 0.96
CA VAL A 29 -13.35 7.33 0.23
C VAL A 29 -13.59 8.72 0.81
N SER A 30 -12.60 9.23 1.54
CA SER A 30 -12.71 10.55 2.15
C SER A 30 -12.19 11.63 1.21
N THR A 31 -12.51 12.88 1.53
CA THR A 31 -12.09 14.01 0.71
C THR A 31 -10.61 14.34 0.95
N ARG A 32 -10.09 13.89 2.09
CA ARG A 32 -8.70 14.14 2.44
C ARG A 32 -7.93 12.82 2.55
N PHE A 33 -8.64 11.71 2.43
CA PHE A 33 -8.03 10.39 2.51
C PHE A 33 -8.92 9.33 1.89
N ILE A 34 -8.47 8.09 1.93
CA ILE A 34 -9.23 6.97 1.37
C ILE A 34 -8.96 5.68 2.13
N LYS A 35 -10.03 5.04 2.61
CA LYS A 35 -9.91 3.80 3.35
C LYS A 35 -9.81 2.61 2.41
N LEU A 36 -8.76 1.81 2.58
CA LEU A 36 -8.54 0.64 1.74
C LEU A 36 -8.83 -0.65 2.51
N THR A 37 -9.12 -1.72 1.79
CA THR A 37 -9.42 -3.00 2.41
C THR A 37 -9.17 -4.16 1.43
N TRP A 38 -8.42 -5.15 1.89
CA TRP A 38 -8.10 -6.31 1.06
C TRP A 38 -8.06 -7.58 1.90
N ARG A 39 -8.04 -8.72 1.22
CA ARG A 39 -7.99 -10.02 1.90
C ARG A 39 -6.58 -10.56 1.93
N THR A 40 -6.42 -11.73 2.55
CA THR A 40 -5.11 -12.38 2.65
C THR A 40 -4.65 -12.92 1.31
N PRO A 41 -3.35 -12.83 1.05
CA PRO A 41 -2.75 -13.32 -0.20
C PRO A 41 -2.78 -14.84 -0.31
N ALA A 42 -2.88 -15.34 -1.54
CA ALA A 42 -2.92 -16.77 -1.78
C ALA A 42 -1.75 -17.47 -1.09
N SER A 43 -0.60 -16.80 -1.07
CA SER A 43 0.59 -17.37 -0.45
C SER A 43 0.44 -17.43 1.07
N ASP A 44 -0.09 -16.36 1.65
CA ASP A 44 -0.30 -16.29 3.10
C ASP A 44 -1.78 -16.06 3.42
N PRO A 45 -2.47 -17.13 3.83
CA PRO A 45 -3.89 -17.07 4.18
C PRO A 45 -4.13 -16.30 5.47
N HIS A 46 -3.09 -16.15 6.27
CA HIS A 46 -3.19 -15.43 7.54
C HIS A 46 -2.43 -14.11 7.48
N GLY A 47 -1.41 -14.06 6.62
CA GLY A 47 -0.62 -12.86 6.47
C GLY A 47 -0.46 -12.11 7.79
N ASP A 48 -0.40 -12.85 8.88
CA ASP A 48 -0.24 -12.26 10.21
C ASP A 48 1.23 -12.04 10.54
N ASN A 49 2.09 -12.79 9.87
CA ASN A 49 3.53 -12.68 10.11
C ASN A 49 4.19 -11.84 9.01
N LEU A 50 3.39 -11.02 8.34
CA LEU A 50 3.89 -10.17 7.27
C LEU A 50 3.12 -8.85 7.21
N THR A 51 3.84 -7.75 7.02
CA THR A 51 3.21 -6.43 6.93
C THR A 51 2.70 -6.16 5.53
N TYR A 52 1.93 -5.08 5.38
CA TYR A 52 1.38 -4.70 4.10
C TYR A 52 1.70 -3.25 3.77
N SER A 53 2.19 -3.01 2.56
CA SER A 53 2.54 -1.67 2.13
C SER A 53 1.55 -1.15 1.08
N VAL A 54 1.21 0.13 1.16
CA VAL A 54 0.28 0.73 0.22
C VAL A 54 0.91 1.93 -0.49
N PHE A 55 1.08 1.81 -1.80
CA PHE A 55 1.67 2.88 -2.59
C PHE A 55 0.60 3.65 -3.36
N TYR A 56 0.51 4.95 -3.11
CA TYR A 56 -0.48 5.79 -3.78
C TYR A 56 0.20 6.92 -4.54
N THR A 57 -0.38 7.29 -5.68
CA THR A 57 0.17 8.35 -6.51
C THR A 57 -0.85 8.83 -7.54
N LYS A 58 -0.87 10.14 -7.78
CA LYS A 58 -1.79 10.72 -8.75
C LYS A 58 -1.64 10.06 -10.11
N GLU A 59 -2.75 9.60 -10.67
CA GLU A 59 -2.75 8.95 -11.97
C GLU A 59 -1.75 9.63 -12.91
N GLY A 60 -1.53 10.92 -12.69
CA GLY A 60 -0.60 11.66 -13.53
C GLY A 60 0.82 11.63 -12.99
N ILE A 61 0.94 11.78 -11.67
CA ILE A 61 2.25 11.78 -11.02
C ILE A 61 2.88 10.38 -11.08
N ALA A 62 4.22 10.34 -11.06
CA ALA A 62 4.94 9.08 -11.10
C ALA A 62 5.46 8.70 -9.72
N ARG A 63 5.64 9.71 -8.86
CA ARG A 63 6.14 9.47 -7.51
C ARG A 63 5.01 9.01 -6.59
N GLU A 64 5.25 7.91 -5.88
CA GLU A 64 4.26 7.36 -4.97
C GLU A 64 4.84 7.20 -3.57
N ARG A 65 3.97 7.25 -2.56
CA ARG A 65 4.40 7.12 -1.17
C ARG A 65 3.83 5.84 -0.56
N VAL A 66 4.67 5.13 0.19
CA VAL A 66 4.26 3.90 0.84
C VAL A 66 3.83 4.13 2.28
N GLU A 67 2.77 3.45 2.70
CA GLU A 67 2.25 3.59 4.05
C GLU A 67 2.16 2.24 4.75
N ASN A 68 3.09 1.99 5.66
CA ASN A 68 3.12 0.73 6.40
C ASN A 68 1.97 0.66 7.41
N THR A 69 1.19 -0.41 7.31
CA THR A 69 0.05 -0.59 8.22
C THR A 69 0.50 -0.56 9.67
N SER A 70 -0.10 0.33 10.45
CA SER A 70 0.23 0.46 11.86
C SER A 70 0.59 -0.90 12.47
N HIS A 71 -0.15 -1.92 12.08
CA HIS A 71 0.09 -3.27 12.57
C HIS A 71 0.22 -4.26 11.42
N PRO A 72 1.09 -5.26 11.60
CA PRO A 72 1.34 -6.29 10.59
C PRO A 72 0.15 -7.23 10.41
N GLY A 73 -0.30 -7.39 9.16
CA GLY A 73 -1.43 -8.26 8.88
C GLY A 73 -2.71 -7.49 8.64
N GLU A 74 -2.75 -6.25 9.14
CA GLU A 74 -3.93 -5.41 8.97
C GLU A 74 -4.49 -5.53 7.55
N MET A 75 -5.74 -5.94 7.45
CA MET A 75 -6.39 -6.10 6.16
C MET A 75 -7.09 -4.81 5.74
N GLN A 76 -6.64 -3.69 6.30
CA GLN A 76 -7.22 -2.39 5.99
C GLN A 76 -6.36 -1.26 6.53
N VAL A 77 -6.16 -0.22 5.72
CA VAL A 77 -5.35 0.92 6.11
C VAL A 77 -5.94 2.22 5.58
N THR A 78 -5.54 3.34 6.18
CA THR A 78 -6.03 4.64 5.77
C THR A 78 -4.91 5.47 5.13
N ILE A 79 -5.22 6.10 4.01
CA ILE A 79 -4.24 6.93 3.31
C ILE A 79 -4.63 8.40 3.34
N GLN A 80 -4.14 9.12 4.32
CA GLN A 80 -4.43 10.54 4.47
C GLN A 80 -3.46 11.39 3.66
N ASN A 81 -3.66 12.71 3.68
CA ASN A 81 -2.81 13.63 2.95
C ASN A 81 -3.07 13.54 1.45
N LEU A 82 -4.35 13.48 1.07
CA LEU A 82 -4.72 13.39 -0.33
C LEU A 82 -5.58 14.58 -0.74
N MET A 83 -5.74 14.77 -2.05
CA MET A 83 -6.53 15.87 -2.57
C MET A 83 -7.90 15.39 -3.06
N PRO A 84 -8.94 16.16 -2.74
CA PRO A 84 -10.32 15.82 -3.14
C PRO A 84 -10.53 15.97 -4.65
N ALA A 85 -11.48 15.21 -5.17
CA ALA A 85 -11.80 15.24 -6.59
C ALA A 85 -10.57 14.90 -7.44
N THR A 86 -9.73 14.01 -6.91
CA THR A 86 -8.52 13.59 -7.61
C THR A 86 -8.28 12.10 -7.44
N VAL A 87 -8.13 11.40 -8.56
CA VAL A 87 -7.90 9.96 -8.54
C VAL A 87 -6.55 9.63 -7.91
N TYR A 88 -6.41 8.41 -7.42
CA TYR A 88 -5.17 7.97 -6.79
C TYR A 88 -4.95 6.48 -6.99
N ILE A 89 -3.88 6.13 -7.70
CA ILE A 89 -3.56 4.73 -7.95
C ILE A 89 -2.96 4.07 -6.72
N PHE A 90 -3.77 3.30 -5.99
CA PHE A 90 -3.31 2.62 -4.79
C PHE A 90 -2.80 1.22 -5.13
N ARG A 91 -1.67 0.85 -4.54
CA ARG A 91 -1.07 -0.46 -4.77
C ARG A 91 -0.70 -1.13 -3.46
N VAL A 92 -1.32 -2.27 -3.18
CA VAL A 92 -1.05 -3.01 -1.95
C VAL A 92 0.01 -4.10 -2.19
N MET A 93 0.75 -4.44 -1.14
CA MET A 93 1.77 -5.47 -1.23
C MET A 93 2.09 -6.06 0.14
N ALA A 94 2.42 -7.34 0.17
CA ALA A 94 2.75 -8.01 1.41
C ALA A 94 4.24 -8.03 1.67
N GLN A 95 4.64 -8.13 2.93
CA GLN A 95 6.04 -8.15 3.30
C GLN A 95 6.27 -9.05 4.50
N ASN A 96 7.18 -10.01 4.35
CA ASN A 96 7.50 -10.95 5.42
C ASN A 96 8.99 -10.92 5.74
N LYS A 97 9.41 -11.80 6.67
CA LYS A 97 10.81 -11.87 7.06
C LYS A 97 11.73 -11.64 5.86
N HIS A 98 11.27 -12.04 4.69
CA HIS A 98 12.06 -11.87 3.46
C HIS A 98 12.06 -10.40 3.02
N GLY A 99 10.90 -9.93 2.57
CA GLY A 99 10.78 -8.55 2.13
C GLY A 99 9.56 -8.33 1.26
N SER A 100 9.69 -7.43 0.28
CA SER A 100 8.59 -7.12 -0.62
C SER A 100 8.43 -8.21 -1.68
N GLY A 101 7.27 -8.86 -1.66
CA GLY A 101 7.00 -9.91 -2.62
C GLY A 101 6.37 -9.38 -3.90
N GLU A 102 5.14 -9.81 -4.17
CA GLU A 102 4.43 -9.38 -5.38
C GLU A 102 3.48 -8.23 -5.07
N SER A 103 3.56 -7.18 -5.87
CA SER A 103 2.72 -6.00 -5.68
C SER A 103 1.36 -6.21 -6.34
N SER A 104 0.29 -6.05 -5.55
CA SER A 104 -1.06 -6.22 -6.06
C SER A 104 -1.32 -5.28 -7.24
N ALA A 105 -2.48 -5.44 -7.86
CA ALA A 105 -2.85 -4.60 -9.01
C ALA A 105 -3.22 -3.19 -8.56
N PRO A 106 -2.91 -2.21 -9.41
CA PRO A 106 -3.20 -0.79 -9.13
C PRO A 106 -4.69 -0.49 -9.15
N LEU A 107 -5.19 0.09 -8.06
CA LEU A 107 -6.60 0.45 -7.96
C LEU A 107 -6.81 1.94 -8.19
N ARG A 108 -7.83 2.26 -8.98
CA ARG A 108 -8.14 3.65 -9.29
C ARG A 108 -9.28 4.16 -8.40
N VAL A 109 -8.92 4.97 -7.40
CA VAL A 109 -9.91 5.52 -6.48
C VAL A 109 -9.98 7.03 -6.60
N GLU A 110 -11.20 7.55 -6.77
CA GLU A 110 -11.41 8.99 -6.89
C GLU A 110 -12.07 9.55 -5.64
N THR A 111 -11.43 10.57 -5.06
CA THR A 111 -11.95 11.20 -3.85
C THR A 111 -13.22 11.99 -4.15
N GLN A 112 -13.76 12.64 -3.12
CA GLN A 112 -14.98 13.44 -3.28
C GLN A 112 -14.67 14.92 -3.27
N PRO A 113 -15.40 15.70 -4.09
CA PRO A 113 -15.22 17.15 -4.18
C PRO A 113 -15.67 17.88 -2.92
N GLU A 114 -14.72 18.23 -2.07
CA GLU A 114 -15.03 18.94 -0.83
C GLU A 114 -14.93 20.45 -1.03
N SER A 115 -15.70 21.19 -0.24
CA SER A 115 -15.71 22.64 -0.33
C SER A 115 -16.21 23.11 -1.69
N GLY A 116 -17.27 22.46 -2.18
CA GLY A 116 -17.84 22.82 -3.47
C GLY A 116 -19.17 23.52 -3.34
N PRO A 117 -19.56 24.26 -4.38
CA PRO A 117 -20.82 25.00 -4.42
C PRO A 117 -22.04 24.07 -4.50
N SER A 118 -21.78 22.76 -4.50
CA SER A 118 -22.85 21.77 -4.58
C SER A 118 -24.08 22.25 -3.82
N SER A 119 -25.12 22.63 -4.56
CA SER A 119 -26.36 23.10 -3.96
C SER A 119 -27.56 22.37 -4.55
N GLY A 120 -28.71 22.52 -3.89
CA GLY A 120 -29.92 21.87 -4.36
C GLY A 120 -29.81 20.35 -4.33
N GLY A 1 50.23 -7.91 16.93
CA GLY A 1 50.05 -7.29 15.64
C GLY A 1 48.90 -7.90 14.86
N SER A 2 48.44 -7.18 13.85
CA SER A 2 47.32 -7.65 13.02
C SER A 2 47.83 -8.51 11.87
N SER A 3 46.93 -9.29 11.29
CA SER A 3 47.29 -10.18 10.18
C SER A 3 46.29 -10.04 9.04
N GLY A 4 45.00 -10.08 9.38
CA GLY A 4 43.96 -9.97 8.37
C GLY A 4 42.98 -11.11 8.40
N SER A 5 41.78 -10.89 7.88
CA SER A 5 40.75 -11.92 7.86
C SER A 5 39.64 -11.56 6.86
N SER A 6 39.44 -12.43 5.88
CA SER A 6 38.42 -12.20 4.86
C SER A 6 37.76 -13.52 4.46
N GLY A 7 36.53 -13.71 4.92
CA GLY A 7 35.80 -14.93 4.60
C GLY A 7 34.31 -14.67 4.41
N GLU A 8 33.94 -14.20 3.22
CA GLU A 8 32.54 -13.93 2.91
C GLU A 8 31.99 -14.95 1.93
N HIS A 9 31.13 -15.83 2.44
CA HIS A 9 30.52 -16.86 1.62
C HIS A 9 29.00 -16.75 1.62
N ALA A 10 28.45 -16.10 0.60
CA ALA A 10 27.01 -15.92 0.48
C ALA A 10 26.48 -16.52 -0.81
N PRO A 11 25.38 -17.29 -0.70
CA PRO A 11 24.75 -17.94 -1.85
C PRO A 11 24.09 -16.95 -2.79
N ALA A 12 24.01 -15.68 -2.36
CA ALA A 12 23.39 -14.64 -3.17
C ALA A 12 21.91 -14.90 -3.37
N THR A 13 21.27 -15.51 -2.38
CA THR A 13 19.85 -15.82 -2.46
C THR A 13 19.10 -15.27 -1.25
N THR A 14 17.90 -14.75 -1.49
CA THR A 14 17.08 -14.20 -0.42
C THR A 14 15.90 -15.09 -0.10
N GLY A 15 15.79 -16.21 -0.83
CA GLY A 15 14.71 -17.14 -0.61
C GLY A 15 13.44 -16.73 -1.34
N PRO A 16 12.39 -17.56 -1.21
CA PRO A 16 11.09 -17.29 -1.85
C PRO A 16 10.36 -16.11 -1.23
N LEU A 17 9.53 -15.44 -2.03
CA LEU A 17 8.77 -14.30 -1.55
C LEU A 17 7.27 -14.57 -1.61
N PRO A 18 6.50 -13.86 -0.76
CA PRO A 18 5.04 -14.01 -0.71
C PRO A 18 4.36 -13.45 -1.94
N SER A 19 3.04 -13.28 -1.85
CA SER A 19 2.27 -12.75 -2.97
C SER A 19 1.34 -11.63 -2.50
N ALA A 20 1.08 -10.67 -3.39
CA ALA A 20 0.21 -9.55 -3.07
C ALA A 20 -1.17 -10.04 -2.63
N PRO A 21 -1.88 -9.20 -1.86
CA PRO A 21 -3.22 -9.52 -1.37
C PRO A 21 -4.26 -9.53 -2.48
N ARG A 22 -5.45 -10.03 -2.17
CA ARG A 22 -6.53 -10.10 -3.14
C ARG A 22 -7.73 -9.28 -2.67
N ASP A 23 -8.70 -9.10 -3.56
CA ASP A 23 -9.91 -8.35 -3.24
C ASP A 23 -9.55 -6.95 -2.76
N VAL A 24 -8.69 -6.26 -3.50
CA VAL A 24 -8.26 -4.91 -3.15
C VAL A 24 -9.34 -3.90 -3.49
N VAL A 25 -9.92 -3.28 -2.46
CA VAL A 25 -10.96 -2.28 -2.65
C VAL A 25 -10.87 -1.18 -1.60
N ALA A 26 -11.68 -0.13 -1.76
CA ALA A 26 -11.69 0.98 -0.82
C ALA A 26 -12.95 0.95 0.03
N SER A 27 -12.81 0.54 1.29
CA SER A 27 -13.93 0.47 2.21
C SER A 27 -14.63 1.83 2.31
N LEU A 28 -13.86 2.90 2.12
CA LEU A 28 -14.41 4.25 2.20
C LEU A 28 -13.51 5.23 1.44
N VAL A 29 -14.12 6.30 0.93
CA VAL A 29 -13.38 7.32 0.19
C VAL A 29 -13.62 8.70 0.77
N SER A 30 -12.68 9.18 1.58
CA SER A 30 -12.79 10.48 2.21
C SER A 30 -12.26 11.57 1.29
N THR A 31 -12.60 12.82 1.60
CA THR A 31 -12.16 13.96 0.79
C THR A 31 -10.69 14.27 1.04
N ARG A 32 -10.19 13.87 2.21
CA ARG A 32 -8.80 14.11 2.57
C ARG A 32 -8.05 12.79 2.75
N PHE A 33 -8.76 11.69 2.60
CA PHE A 33 -8.16 10.36 2.75
C PHE A 33 -9.03 9.30 2.07
N ILE A 34 -8.58 8.06 2.15
CA ILE A 34 -9.30 6.94 1.55
C ILE A 34 -9.05 5.65 2.31
N LYS A 35 -10.13 4.99 2.73
CA LYS A 35 -10.04 3.74 3.47
C LYS A 35 -9.90 2.56 2.52
N LEU A 36 -8.80 1.82 2.67
CA LEU A 36 -8.55 0.65 1.82
C LEU A 36 -8.85 -0.64 2.57
N THR A 37 -9.13 -1.71 1.82
CA THR A 37 -9.44 -3.00 2.41
C THR A 37 -9.15 -4.13 1.42
N TRP A 38 -8.50 -5.18 1.91
CA TRP A 38 -8.17 -6.33 1.08
C TRP A 38 -8.12 -7.61 1.90
N ARG A 39 -8.08 -8.75 1.22
CA ARG A 39 -8.03 -10.04 1.89
C ARG A 39 -6.60 -10.59 1.91
N THR A 40 -6.43 -11.77 2.49
CA THR A 40 -5.13 -12.40 2.58
C THR A 40 -4.68 -12.93 1.21
N PRO A 41 -3.37 -12.84 0.93
CA PRO A 41 -2.81 -13.29 -0.34
C PRO A 41 -2.81 -14.82 -0.46
N ALA A 42 -2.70 -15.31 -1.68
CA ALA A 42 -2.70 -16.75 -1.93
C ALA A 42 -1.49 -17.41 -1.27
N SER A 43 -0.37 -16.71 -1.26
CA SER A 43 0.86 -17.23 -0.66
C SER A 43 0.73 -17.29 0.86
N ASP A 44 0.00 -16.35 1.43
CA ASP A 44 -0.20 -16.30 2.87
C ASP A 44 -1.67 -16.12 3.21
N PRO A 45 -2.29 -17.21 3.72
CA PRO A 45 -3.71 -17.19 4.09
C PRO A 45 -3.97 -16.35 5.33
N HIS A 46 -3.11 -16.48 6.32
CA HIS A 46 -3.24 -15.73 7.56
C HIS A 46 -2.62 -14.34 7.43
N GLY A 47 -1.64 -14.22 6.54
CA GLY A 47 -0.97 -12.95 6.33
C GLY A 47 -0.85 -12.14 7.61
N ASP A 48 -0.70 -12.84 8.73
CA ASP A 48 -0.58 -12.18 10.03
C ASP A 48 0.89 -12.05 10.43
N ASN A 49 1.77 -12.73 9.68
CA ASN A 49 3.20 -12.68 9.96
C ASN A 49 3.92 -11.82 8.93
N LEU A 50 3.16 -11.06 8.17
CA LEU A 50 3.73 -10.18 7.15
C LEU A 50 2.96 -8.87 7.05
N THR A 51 3.69 -7.76 7.01
CA THR A 51 3.07 -6.44 6.91
C THR A 51 2.55 -6.17 5.51
N TYR A 52 1.82 -5.08 5.35
CA TYR A 52 1.27 -4.71 4.05
C TYR A 52 1.54 -3.24 3.74
N SER A 53 2.15 -2.99 2.58
CA SER A 53 2.47 -1.64 2.16
C SER A 53 1.47 -1.14 1.14
N VAL A 54 1.23 0.17 1.14
CA VAL A 54 0.30 0.79 0.21
C VAL A 54 0.93 1.96 -0.52
N PHE A 55 1.13 1.82 -1.82
CA PHE A 55 1.72 2.87 -2.64
C PHE A 55 0.66 3.64 -3.40
N TYR A 56 0.54 4.92 -3.11
CA TYR A 56 -0.44 5.77 -3.77
C TYR A 56 0.23 6.86 -4.59
N THR A 57 -0.43 7.30 -5.65
CA THR A 57 0.10 8.33 -6.52
C THR A 57 -0.95 8.83 -7.50
N LYS A 58 -0.93 10.13 -7.79
CA LYS A 58 -1.89 10.73 -8.71
C LYS A 58 -1.63 10.25 -10.14
N GLU A 59 -2.70 9.90 -10.84
CA GLU A 59 -2.59 9.42 -12.22
C GLU A 59 -1.71 10.36 -13.05
N GLY A 60 -1.70 11.63 -12.68
CA GLY A 60 -0.90 12.61 -13.41
C GLY A 60 0.49 12.75 -12.82
N ILE A 61 0.64 12.39 -11.55
CA ILE A 61 1.92 12.49 -10.88
C ILE A 61 2.68 11.16 -10.94
N ALA A 62 3.97 11.24 -11.27
CA ALA A 62 4.80 10.04 -11.34
C ALA A 62 5.47 9.74 -10.01
N ARG A 63 4.97 10.37 -8.95
CA ARG A 63 5.52 10.17 -7.61
C ARG A 63 4.54 9.40 -6.73
N GLU A 64 5.06 8.41 -6.01
CA GLU A 64 4.23 7.59 -5.13
C GLU A 64 4.92 7.38 -3.78
N ARG A 65 4.11 7.28 -2.73
CA ARG A 65 4.64 7.08 -1.39
C ARG A 65 4.09 5.79 -0.77
N VAL A 66 4.92 5.12 0.01
CA VAL A 66 4.51 3.87 0.66
C VAL A 66 4.01 4.13 2.07
N GLU A 67 2.86 3.55 2.40
CA GLU A 67 2.26 3.71 3.73
C GLU A 67 2.13 2.37 4.43
N ASN A 68 3.01 2.13 5.40
CA ASN A 68 2.99 0.88 6.16
C ASN A 68 1.84 0.86 7.16
N THR A 69 1.07 -0.22 7.15
CA THR A 69 -0.06 -0.36 8.06
C THR A 69 0.38 -0.22 9.51
N SER A 70 -0.30 0.65 10.25
CA SER A 70 0.02 0.86 11.66
C SER A 70 0.34 -0.46 12.36
N HIS A 71 -0.25 -1.53 11.86
CA HIS A 71 -0.05 -2.86 12.43
C HIS A 71 0.09 -3.92 11.34
N PRO A 72 0.93 -4.93 11.59
CA PRO A 72 1.17 -6.01 10.64
C PRO A 72 -0.05 -6.93 10.49
N GLY A 73 -0.34 -7.31 9.25
CA GLY A 73 -1.47 -8.18 8.98
C GLY A 73 -2.73 -7.40 8.69
N GLU A 74 -2.80 -6.18 9.19
CA GLU A 74 -3.97 -5.33 8.98
C GLU A 74 -4.54 -5.52 7.57
N MET A 75 -5.78 -5.98 7.50
CA MET A 75 -6.44 -6.21 6.22
C MET A 75 -7.04 -4.91 5.69
N GLN A 76 -6.72 -3.80 6.33
CA GLN A 76 -7.23 -2.50 5.92
C GLN A 76 -6.39 -1.38 6.51
N VAL A 77 -6.17 -0.33 5.72
CA VAL A 77 -5.39 0.82 6.16
C VAL A 77 -6.00 2.13 5.68
N THR A 78 -5.53 3.24 6.23
CA THR A 78 -6.03 4.56 5.86
C THR A 78 -4.92 5.43 5.28
N ILE A 79 -5.22 6.13 4.19
CA ILE A 79 -4.25 7.00 3.54
C ILE A 79 -4.68 8.46 3.62
N GLN A 80 -4.20 9.16 4.65
CA GLN A 80 -4.53 10.56 4.84
C GLN A 80 -3.58 11.46 4.04
N ASN A 81 -3.84 12.76 4.07
CA ASN A 81 -3.02 13.72 3.36
C ASN A 81 -3.22 13.60 1.85
N LEU A 82 -4.48 13.53 1.43
CA LEU A 82 -4.81 13.41 0.01
C LEU A 82 -5.64 14.60 -0.46
N MET A 83 -5.75 14.76 -1.77
CA MET A 83 -6.52 15.85 -2.36
C MET A 83 -7.89 15.37 -2.83
N PRO A 84 -8.93 16.16 -2.54
CA PRO A 84 -10.31 15.83 -2.93
C PRO A 84 -10.52 15.92 -4.44
N ALA A 85 -11.52 15.20 -4.92
CA ALA A 85 -11.83 15.19 -6.35
C ALA A 85 -10.59 14.93 -7.19
N THR A 86 -9.74 14.03 -6.71
CA THR A 86 -8.51 13.69 -7.42
C THR A 86 -8.26 12.18 -7.39
N VAL A 87 -8.22 11.57 -8.57
CA VAL A 87 -7.98 10.14 -8.68
C VAL A 87 -6.61 9.77 -8.14
N TYR A 88 -6.51 8.56 -7.58
CA TYR A 88 -5.25 8.08 -7.02
C TYR A 88 -5.11 6.57 -7.23
N ILE A 89 -3.91 6.15 -7.63
CA ILE A 89 -3.64 4.74 -7.86
C ILE A 89 -2.98 4.10 -6.64
N PHE A 90 -3.76 3.34 -5.89
CA PHE A 90 -3.26 2.66 -4.70
C PHE A 90 -2.78 1.25 -5.03
N ARG A 91 -1.62 0.90 -4.51
CA ARG A 91 -1.04 -0.43 -4.74
C ARG A 91 -0.70 -1.11 -3.42
N VAL A 92 -1.33 -2.27 -3.18
CA VAL A 92 -1.09 -3.02 -1.96
C VAL A 92 -0.06 -4.13 -2.18
N MET A 93 0.75 -4.38 -1.16
CA MET A 93 1.78 -5.42 -1.27
C MET A 93 2.09 -6.00 0.12
N ALA A 94 2.39 -7.29 0.15
CA ALA A 94 2.71 -7.96 1.41
C ALA A 94 4.22 -7.94 1.67
N GLN A 95 4.58 -8.05 2.95
CA GLN A 95 5.99 -8.04 3.34
C GLN A 95 6.23 -8.95 4.53
N ASN A 96 7.20 -9.86 4.39
CA ASN A 96 7.53 -10.80 5.45
C ASN A 96 8.97 -10.60 5.92
N LYS A 97 9.36 -11.37 6.93
CA LYS A 97 10.72 -11.29 7.47
C LYS A 97 11.75 -11.17 6.35
N HIS A 98 11.38 -11.64 5.16
CA HIS A 98 12.27 -11.58 4.01
C HIS A 98 12.33 -10.17 3.43
N GLY A 99 11.18 -9.68 2.98
CA GLY A 99 11.11 -8.34 2.41
C GLY A 99 9.78 -8.06 1.74
N SER A 100 9.83 -7.76 0.45
CA SER A 100 8.62 -7.46 -0.31
C SER A 100 8.38 -8.50 -1.39
N GLY A 101 7.12 -8.93 -1.53
CA GLY A 101 6.78 -9.93 -2.52
C GLY A 101 6.22 -9.31 -3.79
N GLU A 102 5.10 -9.84 -4.26
CA GLU A 102 4.46 -9.34 -5.48
C GLU A 102 3.51 -8.19 -5.15
N SER A 103 3.60 -7.12 -5.94
CA SER A 103 2.75 -5.95 -5.73
C SER A 103 1.38 -6.15 -6.37
N SER A 104 0.33 -6.02 -5.56
CA SER A 104 -1.03 -6.20 -6.05
C SER A 104 -1.31 -5.27 -7.23
N ALA A 105 -2.51 -5.40 -7.80
CA ALA A 105 -2.91 -4.57 -8.93
C ALA A 105 -3.22 -3.15 -8.49
N PRO A 106 -2.95 -2.18 -9.39
CA PRO A 106 -3.19 -0.76 -9.11
C PRO A 106 -4.68 -0.42 -9.06
N LEU A 107 -5.14 0.02 -7.89
CA LEU A 107 -6.55 0.37 -7.71
C LEU A 107 -6.77 1.86 -7.98
N ARG A 108 -7.75 2.16 -8.84
CA ARG A 108 -8.07 3.53 -9.18
C ARG A 108 -9.20 4.07 -8.30
N VAL A 109 -8.84 4.93 -7.34
CA VAL A 109 -9.82 5.51 -6.43
C VAL A 109 -9.93 7.01 -6.64
N GLU A 110 -11.16 7.52 -6.57
CA GLU A 110 -11.41 8.95 -6.75
C GLU A 110 -12.06 9.55 -5.51
N THR A 111 -11.40 10.54 -4.93
CA THR A 111 -11.91 11.20 -3.73
C THR A 111 -13.16 12.02 -4.04
N GLN A 112 -13.76 12.60 -3.02
CA GLN A 112 -14.96 13.40 -3.19
C GLN A 112 -14.64 14.90 -3.12
N PRO A 113 -15.33 15.69 -3.95
CA PRO A 113 -15.12 17.14 -4.00
C PRO A 113 -15.62 17.85 -2.74
N GLU A 114 -14.69 18.27 -1.90
CA GLU A 114 -15.03 18.97 -0.67
C GLU A 114 -14.99 20.48 -0.85
N SER A 115 -14.13 20.93 -1.75
CA SER A 115 -13.99 22.35 -2.03
C SER A 115 -15.12 22.85 -2.92
N GLY A 116 -15.45 24.14 -2.80
CA GLY A 116 -16.52 24.71 -3.60
C GLY A 116 -17.29 25.77 -2.85
N PRO A 117 -18.53 26.05 -3.30
CA PRO A 117 -19.39 27.05 -2.68
C PRO A 117 -19.89 26.62 -1.30
N SER A 118 -19.88 25.31 -1.05
CA SER A 118 -20.33 24.77 0.23
C SER A 118 -19.14 24.37 1.09
N SER A 119 -19.43 24.04 2.34
CA SER A 119 -18.37 23.64 3.28
C SER A 119 -18.56 22.20 3.74
N GLY A 120 -19.78 21.88 4.16
CA GLY A 120 -20.08 20.53 4.61
C GLY A 120 -20.83 20.52 5.92
N GLY A 1 2.68 17.31 14.14
CA GLY A 1 2.50 15.99 13.56
C GLY A 1 2.80 14.88 14.55
N SER A 2 3.21 13.73 14.03
CA SER A 2 3.53 12.58 14.87
C SER A 2 5.02 12.26 14.82
N SER A 3 5.54 12.08 13.62
CA SER A 3 6.95 11.77 13.43
C SER A 3 7.27 10.35 13.92
N GLY A 4 6.38 9.42 13.61
CA GLY A 4 6.58 8.05 14.03
C GLY A 4 7.81 7.41 13.40
N SER A 5 7.60 6.34 12.66
CA SER A 5 8.71 5.64 11.99
C SER A 5 8.27 5.10 10.63
N SER A 6 9.23 4.91 9.75
CA SER A 6 8.96 4.41 8.41
C SER A 6 9.78 3.15 8.12
N GLY A 7 11.10 3.29 8.23
CA GLY A 7 11.98 2.17 7.98
C GLY A 7 13.35 2.36 8.60
N GLU A 8 14.20 1.34 8.48
CA GLU A 8 15.56 1.41 9.02
C GLU A 8 16.58 0.95 7.99
N HIS A 9 16.35 -0.23 7.42
CA HIS A 9 17.25 -0.78 6.42
C HIS A 9 16.60 -1.94 5.68
N ALA A 10 17.25 -2.40 4.61
CA ALA A 10 16.73 -3.51 3.83
C ALA A 10 17.65 -4.73 3.93
N PRO A 11 17.20 -5.75 4.68
CA PRO A 11 17.98 -6.98 4.88
C PRO A 11 18.05 -7.82 3.60
N ALA A 12 19.22 -8.42 3.36
CA ALA A 12 19.42 -9.25 2.19
C ALA A 12 18.27 -10.23 2.00
N THR A 13 17.50 -10.03 0.94
CA THR A 13 16.36 -10.89 0.64
C THR A 13 16.82 -12.20 -0.01
N THR A 14 16.55 -13.31 0.66
CA THR A 14 16.93 -14.62 0.14
C THR A 14 15.78 -15.62 0.28
N GLY A 15 15.49 -16.32 -0.80
CA GLY A 15 14.42 -17.30 -0.79
C GLY A 15 13.19 -16.83 -1.55
N PRO A 16 12.10 -17.61 -1.46
CA PRO A 16 10.84 -17.29 -2.14
C PRO A 16 10.14 -16.09 -1.53
N LEU A 17 9.32 -15.42 -2.33
CA LEU A 17 8.59 -14.24 -1.86
C LEU A 17 7.09 -14.47 -1.94
N PRO A 18 6.33 -13.77 -1.09
CA PRO A 18 4.87 -13.86 -1.05
C PRO A 18 4.21 -13.26 -2.28
N SER A 19 2.88 -13.27 -2.30
CA SER A 19 2.13 -12.73 -3.43
C SER A 19 1.13 -11.68 -2.94
N ALA A 20 1.17 -10.50 -3.56
CA ALA A 20 0.26 -9.43 -3.20
C ALA A 20 -1.11 -9.96 -2.81
N PRO A 21 -1.82 -9.22 -1.95
CA PRO A 21 -3.15 -9.61 -1.48
C PRO A 21 -4.21 -9.51 -2.57
N ARG A 22 -5.41 -10.00 -2.28
CA ARG A 22 -6.50 -9.97 -3.24
C ARG A 22 -7.68 -9.18 -2.70
N ASP A 23 -8.74 -9.10 -3.49
CA ASP A 23 -9.94 -8.37 -3.09
C ASP A 23 -9.58 -6.96 -2.61
N VAL A 24 -8.67 -6.31 -3.33
CA VAL A 24 -8.23 -4.97 -2.98
C VAL A 24 -9.31 -3.94 -3.32
N VAL A 25 -9.97 -3.41 -2.28
CA VAL A 25 -11.02 -2.42 -2.48
C VAL A 25 -10.89 -1.28 -1.47
N ALA A 26 -11.73 -0.26 -1.63
CA ALA A 26 -11.70 0.90 -0.73
C ALA A 26 -12.94 0.92 0.15
N SER A 27 -12.78 0.51 1.41
CA SER A 27 -13.90 0.49 2.35
C SER A 27 -14.59 1.85 2.41
N LEU A 28 -13.86 2.89 2.02
CA LEU A 28 -14.41 4.25 2.02
C LEU A 28 -13.47 5.22 1.31
N VAL A 29 -14.03 6.30 0.79
CA VAL A 29 -13.25 7.30 0.08
C VAL A 29 -13.47 8.69 0.67
N SER A 30 -12.52 9.14 1.48
CA SER A 30 -12.60 10.45 2.11
C SER A 30 -12.05 11.54 1.19
N THR A 31 -12.37 12.79 1.51
CA THR A 31 -11.90 13.92 0.71
C THR A 31 -10.43 14.20 0.97
N ARG A 32 -9.96 13.85 2.17
CA ARG A 32 -8.57 14.07 2.54
C ARG A 32 -7.84 12.75 2.73
N PHE A 33 -8.58 11.65 2.55
CA PHE A 33 -8.00 10.32 2.71
C PHE A 33 -8.88 9.26 2.04
N ILE A 34 -8.46 8.01 2.11
CA ILE A 34 -9.20 6.91 1.52
C ILE A 34 -9.00 5.61 2.30
N LYS A 35 -10.11 4.98 2.67
CA LYS A 35 -10.05 3.73 3.41
C LYS A 35 -9.87 2.54 2.48
N LEU A 36 -8.81 1.77 2.70
CA LEU A 36 -8.53 0.60 1.88
C LEU A 36 -8.85 -0.69 2.64
N THR A 37 -9.10 -1.75 1.88
CA THR A 37 -9.42 -3.05 2.48
C THR A 37 -9.12 -4.19 1.52
N TRP A 38 -8.39 -5.19 2.00
CA TRP A 38 -8.03 -6.34 1.17
C TRP A 38 -7.98 -7.61 2.02
N ARG A 39 -8.05 -8.75 1.35
CA ARG A 39 -8.01 -10.04 2.03
C ARG A 39 -6.58 -10.59 2.07
N THR A 40 -6.43 -11.77 2.66
CA THR A 40 -5.12 -12.41 2.77
C THR A 40 -4.65 -12.93 1.41
N PRO A 41 -3.34 -12.83 1.17
CA PRO A 41 -2.73 -13.28 -0.09
C PRO A 41 -2.74 -14.80 -0.22
N ALA A 42 -2.86 -15.28 -1.45
CA ALA A 42 -2.89 -16.71 -1.72
C ALA A 42 -1.71 -17.42 -1.04
N SER A 43 -0.56 -16.76 -1.03
CA SER A 43 0.63 -17.32 -0.42
C SER A 43 0.48 -17.42 1.09
N ASP A 44 -0.04 -16.36 1.69
CA ASP A 44 -0.25 -16.32 3.14
C ASP A 44 -1.72 -16.08 3.47
N PRO A 45 -2.44 -17.18 3.77
CA PRO A 45 -3.86 -17.11 4.11
C PRO A 45 -4.11 -16.47 5.46
N HIS A 46 -3.03 -16.22 6.20
CA HIS A 46 -3.12 -15.60 7.52
C HIS A 46 -2.43 -14.25 7.53
N GLY A 47 -1.44 -14.09 6.66
CA GLY A 47 -0.71 -12.84 6.59
C GLY A 47 -0.56 -12.17 7.94
N ASP A 48 -0.41 -12.98 8.98
CA ASP A 48 -0.26 -12.48 10.34
C ASP A 48 1.22 -12.27 10.69
N ASN A 49 2.10 -12.82 9.85
CA ASN A 49 3.53 -12.69 10.06
C ASN A 49 4.18 -11.85 8.97
N LEU A 50 3.36 -11.06 8.28
CA LEU A 50 3.85 -10.20 7.21
C LEU A 50 3.04 -8.90 7.15
N THR A 51 3.75 -7.78 7.03
CA THR A 51 3.11 -6.47 6.96
C THR A 51 2.57 -6.20 5.56
N TYR A 52 1.87 -5.09 5.40
CA TYR A 52 1.30 -4.72 4.11
C TYR A 52 1.63 -3.27 3.77
N SER A 53 2.20 -3.07 2.59
CA SER A 53 2.57 -1.73 2.14
C SER A 53 1.60 -1.23 1.07
N VAL A 54 1.17 0.02 1.21
CA VAL A 54 0.25 0.62 0.26
C VAL A 54 0.89 1.79 -0.48
N PHE A 55 1.10 1.61 -1.78
CA PHE A 55 1.71 2.65 -2.61
C PHE A 55 0.65 3.44 -3.37
N TYR A 56 0.60 4.73 -3.12
CA TYR A 56 -0.38 5.61 -3.78
C TYR A 56 0.32 6.67 -4.61
N THR A 57 -0.29 7.03 -5.74
CA THR A 57 0.28 8.05 -6.62
C THR A 57 -0.77 8.58 -7.59
N LYS A 58 -0.70 9.87 -7.88
CA LYS A 58 -1.65 10.51 -8.79
C LYS A 58 -1.43 10.01 -10.23
N GLU A 59 -2.53 9.76 -10.93
CA GLU A 59 -2.46 9.28 -12.30
C GLU A 59 -1.44 10.08 -13.11
N GLY A 60 -1.37 11.38 -12.85
CA GLY A 60 -0.43 12.23 -13.55
C GLY A 60 0.96 12.19 -12.94
N ILE A 61 1.02 11.92 -11.65
CA ILE A 61 2.30 11.87 -10.95
C ILE A 61 2.93 10.48 -11.07
N ALA A 62 4.19 10.45 -11.46
CA ALA A 62 4.91 9.19 -11.62
C ALA A 62 5.45 8.69 -10.29
N ARG A 63 5.61 9.61 -9.33
CA ARG A 63 6.11 9.27 -8.01
C ARG A 63 5.00 8.76 -7.12
N GLU A 64 5.36 7.91 -6.16
CA GLU A 64 4.38 7.35 -5.23
C GLU A 64 4.97 7.21 -3.83
N ARG A 65 4.10 7.09 -2.84
CA ARG A 65 4.53 6.95 -1.45
C ARG A 65 3.92 5.71 -0.80
N VAL A 66 4.75 4.99 -0.04
CA VAL A 66 4.29 3.78 0.62
C VAL A 66 3.86 4.07 2.06
N GLU A 67 2.79 3.42 2.50
CA GLU A 67 2.28 3.61 3.85
C GLU A 67 2.14 2.27 4.57
N ASN A 68 3.06 2.00 5.49
CA ASN A 68 3.05 0.76 6.24
C ASN A 68 1.90 0.75 7.25
N THR A 69 1.08 -0.29 7.20
CA THR A 69 -0.05 -0.42 8.10
C THR A 69 0.38 -0.25 9.55
N SER A 70 -0.35 0.58 10.29
CA SER A 70 -0.03 0.83 11.69
C SER A 70 0.33 -0.47 12.40
N HIS A 71 -0.24 -1.57 11.95
CA HIS A 71 0.03 -2.88 12.55
C HIS A 71 0.11 -3.96 11.47
N PRO A 72 0.98 -4.94 11.68
CA PRO A 72 1.17 -6.05 10.74
C PRO A 72 -0.02 -6.99 10.71
N GLY A 73 -0.44 -7.37 9.51
CA GLY A 73 -1.58 -8.27 9.37
C GLY A 73 -2.86 -7.54 9.05
N GLU A 74 -2.98 -6.30 9.54
CA GLU A 74 -4.17 -5.50 9.31
C GLU A 74 -4.64 -5.62 7.86
N MET A 75 -5.88 -6.07 7.70
CA MET A 75 -6.46 -6.24 6.37
C MET A 75 -7.10 -4.95 5.88
N GLN A 76 -6.63 -3.83 6.41
CA GLN A 76 -7.16 -2.52 6.03
C GLN A 76 -6.30 -1.40 6.60
N VAL A 77 -6.22 -0.29 5.85
CA VAL A 77 -5.42 0.86 6.29
C VAL A 77 -5.98 2.15 5.71
N THR A 78 -5.74 3.26 6.41
CA THR A 78 -6.21 4.56 5.98
C THR A 78 -5.09 5.40 5.39
N ILE A 79 -5.32 5.94 4.20
CA ILE A 79 -4.32 6.77 3.52
C ILE A 79 -4.68 8.25 3.60
N GLN A 80 -4.16 8.93 4.60
CA GLN A 80 -4.43 10.35 4.79
C GLN A 80 -3.47 11.20 3.96
N ASN A 81 -3.57 12.51 4.11
CA ASN A 81 -2.71 13.44 3.37
C ASN A 81 -2.94 13.31 1.87
N LEU A 82 -4.21 13.36 1.47
CA LEU A 82 -4.57 13.26 0.05
C LEU A 82 -5.39 14.47 -0.39
N MET A 83 -5.51 14.65 -1.69
CA MET A 83 -6.27 15.76 -2.25
C MET A 83 -7.64 15.30 -2.75
N PRO A 84 -8.68 16.08 -2.46
CA PRO A 84 -10.05 15.77 -2.87
C PRO A 84 -10.25 15.89 -4.38
N ALA A 85 -11.27 15.21 -4.89
CA ALA A 85 -11.56 15.25 -6.32
C ALA A 85 -10.31 15.00 -7.14
N THR A 86 -9.51 14.02 -6.73
CA THR A 86 -8.27 13.69 -7.43
C THR A 86 -8.07 12.18 -7.50
N VAL A 87 -7.92 11.66 -8.70
CA VAL A 87 -7.71 10.23 -8.90
C VAL A 87 -6.35 9.79 -8.36
N TYR A 88 -6.33 8.64 -7.72
CA TYR A 88 -5.09 8.10 -7.16
C TYR A 88 -4.99 6.59 -7.39
N ILE A 89 -3.77 6.13 -7.66
CA ILE A 89 -3.54 4.71 -7.89
C ILE A 89 -2.96 4.03 -6.66
N PHE A 90 -3.81 3.31 -5.94
CA PHE A 90 -3.38 2.62 -4.73
C PHE A 90 -2.92 1.20 -5.06
N ARG A 91 -1.86 0.75 -4.39
CA ARG A 91 -1.32 -0.58 -4.61
C ARG A 91 -0.94 -1.24 -3.29
N VAL A 92 -1.63 -2.32 -2.96
CA VAL A 92 -1.37 -3.05 -1.72
C VAL A 92 -0.39 -4.21 -1.95
N MET A 93 0.63 -4.30 -1.11
CA MET A 93 1.63 -5.35 -1.23
C MET A 93 1.92 -5.98 0.13
N ALA A 94 2.33 -7.24 0.12
CA ALA A 94 2.64 -7.95 1.36
C ALA A 94 4.14 -7.98 1.62
N GLN A 95 4.52 -8.08 2.89
CA GLN A 95 5.93 -8.11 3.27
C GLN A 95 6.15 -9.02 4.47
N ASN A 96 7.12 -9.92 4.35
CA ASN A 96 7.43 -10.85 5.43
C ASN A 96 8.90 -10.77 5.81
N LYS A 97 9.32 -11.66 6.70
CA LYS A 97 10.72 -11.69 7.15
C LYS A 97 11.67 -11.56 5.96
N HIS A 98 11.17 -11.89 4.77
CA HIS A 98 11.98 -11.81 3.56
C HIS A 98 12.06 -10.37 3.06
N GLY A 99 10.94 -9.86 2.55
CA GLY A 99 10.89 -8.51 2.03
C GLY A 99 9.61 -8.21 1.27
N SER A 100 9.74 -7.46 0.19
CA SER A 100 8.58 -7.10 -0.63
C SER A 100 8.41 -8.08 -1.79
N GLY A 101 7.33 -8.84 -1.76
CA GLY A 101 7.07 -9.81 -2.80
C GLY A 101 6.51 -9.16 -4.06
N GLU A 102 5.21 -9.29 -4.26
CA GLU A 102 4.55 -8.71 -5.43
C GLU A 102 3.47 -7.73 -5.01
N SER A 103 3.42 -6.59 -5.69
CA SER A 103 2.44 -5.56 -5.39
C SER A 103 1.13 -5.82 -6.14
N SER A 104 0.02 -5.77 -5.41
CA SER A 104 -1.29 -6.00 -6.01
C SER A 104 -1.52 -5.08 -7.20
N ALA A 105 -2.67 -5.25 -7.87
CA ALA A 105 -3.01 -4.44 -9.02
C ALA A 105 -3.31 -3.00 -8.60
N PRO A 106 -3.00 -2.04 -9.50
CA PRO A 106 -3.22 -0.62 -9.25
C PRO A 106 -4.72 -0.26 -9.25
N LEU A 107 -5.23 0.05 -8.06
CA LEU A 107 -6.64 0.41 -7.93
C LEU A 107 -6.85 1.90 -8.14
N ARG A 108 -7.72 2.25 -9.08
CA ARG A 108 -8.01 3.64 -9.39
C ARG A 108 -9.14 4.17 -8.50
N VAL A 109 -8.78 5.05 -7.56
CA VAL A 109 -9.76 5.62 -6.65
C VAL A 109 -9.81 7.14 -6.80
N GLU A 110 -11.04 7.69 -6.80
CA GLU A 110 -11.24 9.12 -6.94
C GLU A 110 -11.89 9.70 -5.69
N THR A 111 -11.20 10.62 -5.03
CA THR A 111 -11.72 11.25 -3.83
C THR A 111 -12.97 12.06 -4.13
N GLN A 112 -13.55 12.68 -3.10
CA GLN A 112 -14.75 13.48 -3.25
C GLN A 112 -14.42 14.97 -3.15
N PRO A 113 -15.12 15.79 -3.95
CA PRO A 113 -14.92 17.25 -3.95
C PRO A 113 -15.42 17.91 -2.68
N GLU A 114 -14.50 18.20 -1.77
CA GLU A 114 -14.85 18.84 -0.50
C GLU A 114 -14.91 20.36 -0.65
N SER A 115 -15.42 20.82 -1.79
CA SER A 115 -15.53 22.24 -2.06
C SER A 115 -16.99 22.66 -2.25
N GLY A 116 -17.86 22.14 -1.39
CA GLY A 116 -19.27 22.47 -1.49
C GLY A 116 -19.82 23.08 -0.21
N PRO A 117 -21.15 23.25 -0.15
CA PRO A 117 -21.83 23.83 1.01
C PRO A 117 -21.79 22.91 2.22
N SER A 118 -22.07 21.63 2.00
CA SER A 118 -22.08 20.64 3.07
C SER A 118 -20.77 20.69 3.86
N SER A 119 -20.85 21.17 5.09
CA SER A 119 -19.68 21.27 5.95
C SER A 119 -19.33 19.92 6.56
N GLY A 120 -20.27 19.35 7.30
CA GLY A 120 -20.04 18.07 7.94
C GLY A 120 -21.22 17.12 7.79
N GLY A 1 22.84 14.32 -5.74
CA GLY A 1 22.58 12.90 -5.83
C GLY A 1 23.69 12.15 -6.54
N SER A 2 24.02 10.96 -6.02
CA SER A 2 25.07 10.14 -6.61
C SER A 2 24.97 8.70 -6.13
N SER A 3 25.47 7.78 -6.95
CA SER A 3 25.42 6.36 -6.62
C SER A 3 26.43 5.58 -7.45
N GLY A 4 26.78 4.38 -6.98
CA GLY A 4 27.73 3.54 -7.69
C GLY A 4 27.24 2.12 -7.87
N SER A 5 28.00 1.33 -8.61
CA SER A 5 27.63 -0.06 -8.87
C SER A 5 28.54 -1.01 -8.10
N SER A 6 28.20 -2.29 -8.13
CA SER A 6 28.98 -3.31 -7.43
C SER A 6 29.54 -4.33 -8.42
N GLY A 7 28.71 -4.75 -9.36
CA GLY A 7 29.15 -5.73 -10.35
C GLY A 7 28.90 -7.15 -9.91
N GLU A 8 27.76 -7.72 -10.32
CA GLU A 8 27.40 -9.08 -9.96
C GLU A 8 26.31 -9.62 -10.88
N HIS A 9 26.39 -10.91 -11.20
CA HIS A 9 25.40 -11.54 -12.06
C HIS A 9 24.09 -11.78 -11.32
N ALA A 10 24.21 -12.23 -10.07
CA ALA A 10 23.03 -12.51 -9.25
C ALA A 10 22.50 -11.23 -8.61
N PRO A 11 21.17 -11.05 -8.65
CA PRO A 11 20.51 -9.87 -8.08
C PRO A 11 20.58 -9.86 -6.55
N ALA A 12 21.18 -10.89 -5.98
CA ALA A 12 21.31 -10.98 -4.53
C ALA A 12 19.98 -11.31 -3.87
N THR A 13 19.20 -12.18 -4.52
CA THR A 13 17.90 -12.59 -4.01
C THR A 13 18.03 -13.78 -3.08
N THR A 14 17.13 -13.87 -2.09
CA THR A 14 17.14 -14.96 -1.14
C THR A 14 15.72 -15.44 -0.83
N GLY A 15 15.45 -16.70 -1.09
CA GLY A 15 14.14 -17.26 -0.83
C GLY A 15 13.06 -16.60 -1.67
N PRO A 16 11.93 -17.29 -1.85
CA PRO A 16 10.80 -16.79 -2.63
C PRO A 16 10.09 -15.63 -1.93
N LEU A 17 9.18 -14.98 -2.65
CA LEU A 17 8.44 -13.85 -2.11
C LEU A 17 6.93 -14.11 -2.18
N PRO A 18 6.18 -13.46 -1.28
CA PRO A 18 4.72 -13.60 -1.23
C PRO A 18 4.03 -12.95 -2.42
N SER A 19 2.73 -13.25 -2.58
CA SER A 19 1.97 -12.71 -3.69
C SER A 19 0.98 -11.65 -3.18
N ALA A 20 1.00 -10.49 -3.84
CA ALA A 20 0.10 -9.39 -3.46
C ALA A 20 -1.24 -9.93 -2.97
N PRO A 21 -1.88 -9.17 -2.07
CA PRO A 21 -3.18 -9.54 -1.50
C PRO A 21 -4.31 -9.45 -2.53
N ARG A 22 -5.48 -9.97 -2.16
CA ARG A 22 -6.63 -9.95 -3.05
C ARG A 22 -7.75 -9.11 -2.46
N ASP A 23 -8.90 -9.11 -3.12
CA ASP A 23 -10.05 -8.34 -2.66
C ASP A 23 -9.66 -6.91 -2.36
N VAL A 24 -8.69 -6.39 -3.11
CA VAL A 24 -8.21 -5.02 -2.91
C VAL A 24 -9.28 -4.02 -3.30
N VAL A 25 -9.92 -3.42 -2.30
CA VAL A 25 -10.96 -2.43 -2.54
C VAL A 25 -10.89 -1.29 -1.52
N ALA A 26 -11.63 -0.22 -1.78
CA ALA A 26 -11.65 0.94 -0.90
C ALA A 26 -12.91 0.96 -0.05
N SER A 27 -12.78 0.60 1.22
CA SER A 27 -13.92 0.58 2.13
C SER A 27 -14.58 1.96 2.21
N LEU A 28 -13.77 3.01 2.06
CA LEU A 28 -14.28 4.38 2.11
C LEU A 28 -13.35 5.33 1.38
N VAL A 29 -13.91 6.40 0.84
CA VAL A 29 -13.13 7.40 0.12
C VAL A 29 -13.35 8.80 0.68
N SER A 30 -12.41 9.28 1.48
CA SER A 30 -12.52 10.60 2.08
C SER A 30 -11.93 11.67 1.16
N THR A 31 -12.22 12.93 1.46
CA THR A 31 -11.71 14.04 0.66
C THR A 31 -10.26 14.34 1.00
N ARG A 32 -9.82 13.88 2.16
CA ARG A 32 -8.44 14.09 2.59
C ARG A 32 -7.71 12.77 2.75
N PHE A 33 -8.44 11.67 2.58
CA PHE A 33 -7.85 10.33 2.70
C PHE A 33 -8.74 9.29 2.03
N ILE A 34 -8.31 8.03 2.09
CA ILE A 34 -9.07 6.94 1.49
C ILE A 34 -8.87 5.64 2.28
N LYS A 35 -9.97 5.03 2.70
CA LYS A 35 -9.91 3.78 3.44
C LYS A 35 -9.78 2.59 2.50
N LEU A 36 -8.75 1.77 2.72
CA LEU A 36 -8.52 0.59 1.90
C LEU A 36 -8.83 -0.68 2.67
N THR A 37 -9.17 -1.74 1.94
CA THR A 37 -9.49 -3.03 2.56
C THR A 37 -9.26 -4.18 1.58
N TRP A 38 -8.45 -5.14 2.00
CA TRP A 38 -8.14 -6.29 1.16
C TRP A 38 -8.13 -7.58 1.99
N ARG A 39 -8.04 -8.72 1.31
CA ARG A 39 -8.02 -10.01 1.97
C ARG A 39 -6.61 -10.59 1.99
N THR A 40 -6.47 -11.77 2.59
CA THR A 40 -5.17 -12.42 2.67
C THR A 40 -4.73 -12.96 1.31
N PRO A 41 -3.43 -12.91 1.04
CA PRO A 41 -2.86 -13.40 -0.22
C PRO A 41 -2.92 -14.92 -0.35
N ALA A 42 -2.93 -15.40 -1.58
CA ALA A 42 -2.99 -16.83 -1.84
C ALA A 42 -1.82 -17.56 -1.17
N SER A 43 -0.66 -16.90 -1.14
CA SER A 43 0.53 -17.49 -0.54
C SER A 43 0.38 -17.57 0.98
N ASP A 44 -0.19 -16.53 1.57
CA ASP A 44 -0.39 -16.48 3.01
C ASP A 44 -1.85 -16.23 3.35
N PRO A 45 -2.58 -17.30 3.71
CA PRO A 45 -4.00 -17.21 4.06
C PRO A 45 -4.22 -16.49 5.39
N HIS A 46 -3.15 -16.31 6.15
CA HIS A 46 -3.23 -15.63 7.44
C HIS A 46 -2.48 -14.31 7.41
N GLY A 47 -1.49 -14.21 6.52
CA GLY A 47 -0.71 -13.00 6.41
C GLY A 47 -0.56 -12.27 7.74
N ASP A 48 -0.40 -13.04 8.80
CA ASP A 48 -0.24 -12.47 10.13
C ASP A 48 1.24 -12.26 10.47
N ASN A 49 2.11 -12.85 9.67
CA ASN A 49 3.55 -12.74 9.88
C ASN A 49 4.19 -11.87 8.80
N LEU A 50 3.36 -11.10 8.11
CA LEU A 50 3.85 -10.23 7.05
C LEU A 50 3.05 -8.92 7.00
N THR A 51 3.75 -7.80 6.96
CA THR A 51 3.09 -6.50 6.91
C THR A 51 2.60 -6.18 5.50
N TYR A 52 1.65 -5.26 5.40
CA TYR A 52 1.09 -4.87 4.12
C TYR A 52 1.35 -3.39 3.84
N SER A 53 1.99 -3.11 2.71
CA SER A 53 2.30 -1.74 2.33
C SER A 53 1.36 -1.25 1.23
N VAL A 54 1.04 0.04 1.27
CA VAL A 54 0.14 0.63 0.28
C VAL A 54 0.81 1.80 -0.44
N PHE A 55 0.99 1.66 -1.74
CA PHE A 55 1.63 2.70 -2.54
C PHE A 55 0.59 3.45 -3.36
N TYR A 56 0.42 4.74 -3.06
CA TYR A 56 -0.55 5.57 -3.77
C TYR A 56 0.17 6.62 -4.62
N THR A 57 -0.38 6.88 -5.80
CA THR A 57 0.20 7.86 -6.72
C THR A 57 -0.82 8.30 -7.76
N LYS A 58 -0.77 9.59 -8.11
CA LYS A 58 -1.69 10.15 -9.09
C LYS A 58 -1.53 9.45 -10.45
N GLU A 59 -2.65 9.03 -11.03
CA GLU A 59 -2.63 8.35 -12.32
C GLU A 59 -1.61 9.00 -13.26
N GLY A 60 -1.42 10.31 -13.11
CA GLY A 60 -0.49 11.03 -13.95
C GLY A 60 0.92 11.03 -13.37
N ILE A 61 1.03 11.27 -12.07
CA ILE A 61 2.33 11.30 -11.41
C ILE A 61 2.89 9.90 -11.24
N ALA A 62 4.21 9.79 -11.14
CA ALA A 62 4.87 8.50 -10.97
C ALA A 62 5.32 8.31 -9.53
N ARG A 63 5.64 9.40 -8.85
CA ARG A 63 6.09 9.35 -7.47
C ARG A 63 4.98 8.85 -6.55
N GLU A 64 5.18 7.66 -5.97
CA GLU A 64 4.20 7.08 -5.08
C GLU A 64 4.77 6.92 -3.67
N ARG A 65 3.90 7.12 -2.67
CA ARG A 65 4.33 7.01 -1.28
C ARG A 65 3.80 5.72 -0.66
N VAL A 66 4.64 5.06 0.14
CA VAL A 66 4.27 3.82 0.80
C VAL A 66 3.79 4.06 2.21
N GLU A 67 2.76 3.34 2.64
CA GLU A 67 2.21 3.48 3.97
C GLU A 67 2.07 2.12 4.65
N ASN A 68 2.98 1.84 5.59
CA ASN A 68 2.95 0.57 6.31
C ASN A 68 1.81 0.55 7.33
N THR A 69 1.03 -0.52 7.31
CA THR A 69 -0.10 -0.67 8.22
C THR A 69 0.36 -0.58 9.68
N SER A 70 -0.25 0.34 10.42
CA SER A 70 0.10 0.53 11.83
C SER A 70 0.41 -0.81 12.49
N HIS A 71 -0.27 -1.86 12.04
CA HIS A 71 -0.07 -3.20 12.60
C HIS A 71 0.12 -4.23 11.49
N PRO A 72 1.00 -5.21 11.73
CA PRO A 72 1.28 -6.27 10.76
C PRO A 72 0.11 -7.23 10.59
N GLY A 73 -0.29 -7.45 9.33
CA GLY A 73 -1.39 -8.35 9.05
C GLY A 73 -2.68 -7.60 8.74
N GLU A 74 -2.82 -6.41 9.32
CA GLU A 74 -4.01 -5.59 9.10
C GLU A 74 -4.53 -5.76 7.68
N MET A 75 -5.83 -6.02 7.55
CA MET A 75 -6.45 -6.20 6.25
C MET A 75 -7.05 -4.89 5.74
N GLN A 76 -6.64 -3.78 6.36
CA GLN A 76 -7.14 -2.47 5.97
C GLN A 76 -6.26 -1.36 6.55
N VAL A 77 -6.21 -0.24 5.84
CA VAL A 77 -5.40 0.90 6.28
C VAL A 77 -5.95 2.21 5.71
N THR A 78 -5.68 3.31 6.41
CA THR A 78 -6.14 4.62 5.97
C THR A 78 -4.99 5.44 5.42
N ILE A 79 -5.20 6.01 4.22
CA ILE A 79 -4.17 6.82 3.58
C ILE A 79 -4.53 8.30 3.64
N GLN A 80 -4.00 8.99 4.64
CA GLN A 80 -4.26 10.41 4.82
C GLN A 80 -3.28 11.25 3.99
N ASN A 81 -3.43 12.57 4.07
CA ASN A 81 -2.56 13.48 3.33
C ASN A 81 -2.78 13.33 1.83
N LEU A 82 -4.03 13.37 1.41
CA LEU A 82 -4.37 13.24 -0.01
C LEU A 82 -5.17 14.46 -0.48
N MET A 83 -5.28 14.60 -1.80
CA MET A 83 -6.02 15.71 -2.38
C MET A 83 -7.40 15.25 -2.84
N PRO A 84 -8.42 16.09 -2.56
CA PRO A 84 -9.81 15.78 -2.94
C PRO A 84 -10.03 15.87 -4.45
N ALA A 85 -11.07 15.21 -4.93
CA ALA A 85 -11.39 15.21 -6.36
C ALA A 85 -10.14 14.94 -7.20
N THR A 86 -9.33 13.99 -6.75
CA THR A 86 -8.11 13.64 -7.46
C THR A 86 -7.93 12.12 -7.52
N VAL A 87 -7.85 11.59 -8.74
CA VAL A 87 -7.67 10.16 -8.93
C VAL A 87 -6.32 9.68 -8.41
N TYR A 88 -6.30 8.53 -7.78
CA TYR A 88 -5.07 7.96 -7.23
C TYR A 88 -5.04 6.45 -7.40
N ILE A 89 -3.87 5.93 -7.74
CA ILE A 89 -3.70 4.49 -7.93
C ILE A 89 -3.07 3.84 -6.70
N PHE A 90 -3.88 3.09 -5.95
CA PHE A 90 -3.40 2.43 -4.75
C PHE A 90 -2.95 1.00 -5.06
N ARG A 91 -1.81 0.61 -4.50
CA ARG A 91 -1.28 -0.74 -4.72
C ARG A 91 -0.89 -1.38 -3.40
N VAL A 92 -1.51 -2.53 -3.12
CA VAL A 92 -1.23 -3.26 -1.88
C VAL A 92 -0.21 -4.37 -2.11
N MET A 93 0.70 -4.53 -1.16
CA MET A 93 1.74 -5.55 -1.27
C MET A 93 2.09 -6.10 0.11
N ALA A 94 2.37 -7.41 0.16
CA ALA A 94 2.72 -8.07 1.42
C ALA A 94 4.22 -8.01 1.67
N GLN A 95 4.60 -8.13 2.94
CA GLN A 95 6.01 -8.09 3.31
C GLN A 95 6.30 -9.04 4.46
N ASN A 96 7.17 -10.01 4.22
CA ASN A 96 7.53 -10.99 5.24
C ASN A 96 9.04 -11.00 5.48
N LYS A 97 9.48 -11.89 6.36
CA LYS A 97 10.90 -11.99 6.69
C LYS A 97 11.76 -11.69 5.47
N HIS A 98 11.28 -12.08 4.29
CA HIS A 98 12.01 -11.85 3.05
C HIS A 98 12.06 -10.37 2.72
N GLY A 99 10.92 -9.80 2.33
CA GLY A 99 10.86 -8.39 1.99
C GLY A 99 9.62 -8.04 1.20
N SER A 100 9.77 -7.14 0.23
CA SER A 100 8.66 -6.71 -0.60
C SER A 100 8.43 -7.68 -1.76
N GLY A 101 7.28 -8.35 -1.75
CA GLY A 101 6.96 -9.30 -2.80
C GLY A 101 6.42 -8.63 -4.04
N GLU A 102 5.27 -9.08 -4.50
CA GLU A 102 4.64 -8.52 -5.70
C GLU A 102 3.62 -7.44 -5.32
N SER A 103 3.44 -6.48 -6.21
CA SER A 103 2.51 -5.38 -5.98
C SER A 103 1.16 -5.67 -6.63
N SER A 104 0.13 -5.77 -5.80
CA SER A 104 -1.22 -6.05 -6.28
C SER A 104 -1.57 -5.15 -7.48
N ALA A 105 -2.73 -5.40 -8.08
CA ALA A 105 -3.17 -4.63 -9.22
C ALA A 105 -3.42 -3.17 -8.84
N PRO A 106 -3.19 -2.25 -9.78
CA PRO A 106 -3.40 -0.81 -9.57
C PRO A 106 -4.86 -0.44 -9.44
N LEU A 107 -5.27 -0.09 -8.23
CA LEU A 107 -6.67 0.29 -7.97
C LEU A 107 -6.87 1.79 -8.15
N ARG A 108 -7.77 2.15 -9.06
CA ARG A 108 -8.05 3.56 -9.33
C ARG A 108 -9.12 4.09 -8.37
N VAL A 109 -8.72 4.99 -7.49
CA VAL A 109 -9.65 5.57 -6.53
C VAL A 109 -9.66 7.10 -6.62
N GLU A 110 -10.84 7.66 -6.86
CA GLU A 110 -11.00 9.10 -6.98
C GLU A 110 -11.67 9.69 -5.74
N THR A 111 -10.97 10.59 -5.06
CA THR A 111 -11.51 11.22 -3.87
C THR A 111 -12.76 12.03 -4.19
N GLN A 112 -13.32 12.68 -3.16
CA GLN A 112 -14.51 13.49 -3.34
C GLN A 112 -14.19 14.98 -3.20
N PRO A 113 -14.86 15.81 -4.00
CA PRO A 113 -14.67 17.26 -3.98
C PRO A 113 -15.20 17.91 -2.71
N GLU A 114 -14.28 18.40 -1.87
CA GLU A 114 -14.67 19.04 -0.63
C GLU A 114 -14.66 20.56 -0.76
N SER A 115 -15.00 21.03 -1.96
CA SER A 115 -15.04 22.46 -2.23
C SER A 115 -16.46 22.92 -2.54
N GLY A 116 -16.65 24.24 -2.53
CA GLY A 116 -17.97 24.79 -2.82
C GLY A 116 -18.66 24.07 -3.97
N PRO A 117 -19.95 23.76 -3.78
CA PRO A 117 -20.75 23.07 -4.80
C PRO A 117 -21.04 23.95 -6.00
N SER A 118 -21.34 23.32 -7.13
CA SER A 118 -21.64 24.05 -8.36
C SER A 118 -22.87 23.46 -9.06
N SER A 119 -23.31 24.12 -10.13
CA SER A 119 -24.47 23.66 -10.88
C SER A 119 -24.18 23.67 -12.38
N GLY A 120 -24.38 22.53 -13.03
CA GLY A 120 -24.13 22.43 -14.46
C GLY A 120 -25.33 21.93 -15.21
N GLY A 1 18.09 4.48 -13.75
CA GLY A 1 19.40 4.01 -13.36
C GLY A 1 19.81 4.50 -11.99
N SER A 2 19.59 3.67 -10.97
CA SER A 2 19.92 4.03 -9.59
C SER A 2 20.38 2.80 -8.82
N SER A 3 21.59 2.87 -8.28
CA SER A 3 22.16 1.77 -7.51
C SER A 3 23.33 2.24 -6.66
N GLY A 4 23.76 1.40 -5.73
CA GLY A 4 24.86 1.74 -4.85
C GLY A 4 25.10 0.70 -3.78
N SER A 5 25.99 1.02 -2.84
CA SER A 5 26.31 0.11 -1.75
C SER A 5 26.87 0.87 -0.55
N SER A 6 26.41 0.51 0.64
CA SER A 6 26.86 1.17 1.86
C SER A 6 27.97 0.36 2.52
N GLY A 7 28.46 0.85 3.66
CA GLY A 7 29.53 0.18 4.38
C GLY A 7 29.03 -1.00 5.18
N GLU A 8 28.21 -1.84 4.57
CA GLU A 8 27.65 -3.01 5.25
C GLU A 8 27.31 -4.10 4.24
N HIS A 9 28.00 -5.24 4.35
CA HIS A 9 27.76 -6.36 3.45
C HIS A 9 27.13 -7.54 4.20
N ALA A 10 25.90 -7.88 3.82
CA ALA A 10 25.19 -8.97 4.46
C ALA A 10 25.07 -10.17 3.51
N PRO A 11 26.13 -10.97 3.43
CA PRO A 11 26.17 -12.16 2.57
C PRO A 11 25.25 -13.27 3.07
N ALA A 12 24.10 -13.42 2.42
CA ALA A 12 23.13 -14.45 2.80
C ALA A 12 22.40 -14.98 1.58
N THR A 13 21.57 -16.00 1.79
CA THR A 13 20.81 -16.60 0.70
C THR A 13 19.37 -16.12 0.71
N THR A 14 18.79 -15.98 -0.48
CA THR A 14 17.40 -15.52 -0.60
C THR A 14 16.46 -16.69 -0.87
N GLY A 15 15.22 -16.56 -0.41
CA GLY A 15 14.24 -17.62 -0.61
C GLY A 15 13.02 -17.13 -1.37
N PRO A 16 11.94 -17.92 -1.31
CA PRO A 16 10.68 -17.59 -2.00
C PRO A 16 9.98 -16.39 -1.36
N LEU A 17 9.26 -15.64 -2.19
CA LEU A 17 8.53 -14.46 -1.71
C LEU A 17 7.03 -14.66 -1.86
N PRO A 18 6.25 -13.96 -1.01
CA PRO A 18 4.79 -14.03 -1.04
C PRO A 18 4.19 -13.38 -2.28
N SER A 19 2.87 -13.21 -2.28
CA SER A 19 2.19 -12.61 -3.41
C SER A 19 1.19 -11.54 -2.94
N ALA A 20 1.16 -10.42 -3.64
CA ALA A 20 0.26 -9.32 -3.29
C ALA A 20 -1.09 -9.86 -2.81
N PRO A 21 -1.76 -9.08 -1.96
CA PRO A 21 -3.07 -9.45 -1.41
C PRO A 21 -4.17 -9.42 -2.46
N ARG A 22 -5.35 -9.91 -2.08
CA ARG A 22 -6.50 -9.94 -3.00
C ARG A 22 -7.63 -9.07 -2.48
N ASP A 23 -8.73 -9.05 -3.22
CA ASP A 23 -9.89 -8.25 -2.83
C ASP A 23 -9.49 -6.82 -2.49
N VAL A 24 -8.54 -6.28 -3.24
CA VAL A 24 -8.06 -4.92 -3.01
C VAL A 24 -9.12 -3.89 -3.39
N VAL A 25 -9.79 -3.33 -2.39
CA VAL A 25 -10.82 -2.34 -2.62
C VAL A 25 -10.76 -1.24 -1.57
N ALA A 26 -11.59 -0.21 -1.75
CA ALA A 26 -11.63 0.91 -0.81
C ALA A 26 -12.92 0.90 0.00
N SER A 27 -12.81 0.50 1.26
CA SER A 27 -13.97 0.43 2.15
C SER A 27 -14.67 1.78 2.22
N LEU A 28 -13.90 2.85 2.09
CA LEU A 28 -14.46 4.21 2.14
C LEU A 28 -13.55 5.19 1.41
N VAL A 29 -14.14 6.26 0.88
CA VAL A 29 -13.39 7.27 0.15
C VAL A 29 -13.66 8.66 0.73
N SER A 30 -12.72 9.15 1.53
CA SER A 30 -12.85 10.47 2.14
C SER A 30 -12.31 11.56 1.22
N THR A 31 -12.67 12.80 1.51
CA THR A 31 -12.23 13.93 0.70
C THR A 31 -10.76 14.26 0.98
N ARG A 32 -10.29 13.92 2.17
CA ARG A 32 -8.91 14.18 2.56
C ARG A 32 -8.14 12.87 2.75
N PHE A 33 -8.85 11.75 2.58
CA PHE A 33 -8.23 10.44 2.73
C PHE A 33 -9.08 9.36 2.06
N ILE A 34 -8.59 8.12 2.11
CA ILE A 34 -9.31 7.01 1.50
C ILE A 34 -9.06 5.72 2.29
N LYS A 35 -10.15 5.06 2.68
CA LYS A 35 -10.05 3.81 3.43
C LYS A 35 -9.87 2.63 2.49
N LEU A 36 -8.85 1.82 2.75
CA LEU A 36 -8.56 0.65 1.92
C LEU A 36 -8.86 -0.64 2.69
N THR A 37 -9.17 -1.70 1.95
CA THR A 37 -9.48 -2.99 2.55
C THR A 37 -9.23 -4.13 1.58
N TRP A 38 -8.47 -5.12 2.00
CA TRP A 38 -8.15 -6.27 1.16
C TRP A 38 -8.16 -7.56 1.97
N ARG A 39 -8.02 -8.69 1.29
CA ARG A 39 -8.02 -9.98 1.95
C ARG A 39 -6.60 -10.58 1.97
N THR A 40 -6.47 -11.75 2.57
CA THR A 40 -5.18 -12.42 2.65
C THR A 40 -4.75 -12.97 1.29
N PRO A 41 -3.45 -12.86 1.00
CA PRO A 41 -2.88 -13.35 -0.27
C PRO A 41 -2.89 -14.86 -0.37
N ALA A 42 -2.92 -15.37 -1.59
CA ALA A 42 -2.92 -16.82 -1.83
C ALA A 42 -1.74 -17.49 -1.13
N SER A 43 -0.60 -16.81 -1.13
CA SER A 43 0.61 -17.34 -0.51
C SER A 43 0.44 -17.42 1.01
N ASP A 44 -0.17 -16.39 1.59
CA ASP A 44 -0.39 -16.34 3.02
C ASP A 44 -1.87 -16.13 3.34
N PRO A 45 -2.58 -17.24 3.62
CA PRO A 45 -4.00 -17.21 3.94
C PRO A 45 -4.27 -16.58 5.30
N HIS A 46 -3.21 -16.26 6.03
CA HIS A 46 -3.34 -15.65 7.35
C HIS A 46 -2.70 -14.26 7.37
N GLY A 47 -1.72 -14.06 6.49
CA GLY A 47 -1.05 -12.77 6.42
C GLY A 47 -0.94 -12.10 7.77
N ASP A 48 -0.64 -12.89 8.80
CA ASP A 48 -0.52 -12.37 10.16
C ASP A 48 0.95 -12.14 10.51
N ASN A 49 1.84 -12.83 9.81
CA ASN A 49 3.27 -12.70 10.05
C ASN A 49 3.94 -11.89 8.94
N LEU A 50 3.18 -11.02 8.30
CA LEU A 50 3.70 -10.19 7.23
C LEU A 50 2.95 -8.87 7.14
N THR A 51 3.69 -7.78 7.00
CA THR A 51 3.10 -6.45 6.91
C THR A 51 2.59 -6.18 5.50
N TYR A 52 1.69 -5.20 5.39
CA TYR A 52 1.12 -4.84 4.10
C TYR A 52 1.46 -3.39 3.74
N SER A 53 1.94 -3.19 2.52
CA SER A 53 2.32 -1.86 2.05
C SER A 53 1.20 -1.26 1.19
N VAL A 54 1.23 0.06 1.02
CA VAL A 54 0.24 0.76 0.23
C VAL A 54 0.85 1.93 -0.53
N PHE A 55 1.05 1.75 -1.84
CA PHE A 55 1.63 2.79 -2.67
C PHE A 55 0.54 3.60 -3.38
N TYR A 56 0.49 4.88 -3.08
CA TYR A 56 -0.50 5.77 -3.68
C TYR A 56 0.17 6.86 -4.50
N THR A 57 -0.54 7.35 -5.51
CA THR A 57 -0.02 8.40 -6.37
C THR A 57 -1.07 8.91 -7.34
N LYS A 58 -0.99 10.19 -7.70
CA LYS A 58 -1.94 10.79 -8.62
C LYS A 58 -1.65 10.38 -10.05
N GLU A 59 -2.70 9.96 -10.77
CA GLU A 59 -2.54 9.53 -12.16
C GLU A 59 -1.47 10.36 -12.87
N GLY A 60 -1.64 11.68 -12.85
CA GLY A 60 -0.68 12.56 -13.48
C GLY A 60 0.66 12.57 -12.77
N ILE A 61 0.63 12.49 -11.45
CA ILE A 61 1.85 12.48 -10.65
C ILE A 61 2.64 11.21 -10.85
N ALA A 62 3.92 11.34 -11.16
CA ALA A 62 4.79 10.20 -11.37
C ALA A 62 5.56 9.84 -10.10
N ARG A 63 4.94 10.11 -8.95
CA ARG A 63 5.58 9.83 -7.67
C ARG A 63 4.58 9.18 -6.70
N GLU A 64 4.99 8.07 -6.10
CA GLU A 64 4.13 7.36 -5.16
C GLU A 64 4.88 7.06 -3.86
N ARG A 65 4.16 7.08 -2.75
CA ARG A 65 4.76 6.82 -1.45
C ARG A 65 4.15 5.56 -0.82
N VAL A 66 4.96 4.85 -0.04
CA VAL A 66 4.51 3.63 0.61
C VAL A 66 4.03 3.91 2.04
N GLU A 67 2.94 3.27 2.43
CA GLU A 67 2.38 3.46 3.77
C GLU A 67 2.18 2.12 4.46
N ASN A 68 3.08 1.80 5.40
CA ASN A 68 3.01 0.55 6.14
C ASN A 68 1.82 0.56 7.10
N THR A 69 0.96 -0.44 6.99
CA THR A 69 -0.21 -0.56 7.85
C THR A 69 0.17 -0.37 9.32
N SER A 70 -0.50 0.58 9.98
CA SER A 70 -0.23 0.86 11.38
C SER A 70 0.12 -0.43 12.13
N HIS A 71 -0.47 -1.54 11.71
CA HIS A 71 -0.23 -2.83 12.34
C HIS A 71 -0.01 -3.91 11.29
N PRO A 72 0.87 -4.88 11.62
CA PRO A 72 1.19 -5.99 10.72
C PRO A 72 0.03 -6.96 10.55
N GLY A 73 -0.35 -7.21 9.30
CA GLY A 73 -1.45 -8.11 9.03
C GLY A 73 -2.75 -7.38 8.76
N GLU A 74 -2.92 -6.22 9.38
CA GLU A 74 -4.13 -5.44 9.21
C GLU A 74 -4.64 -5.54 7.78
N MET A 75 -5.90 -5.96 7.63
CA MET A 75 -6.50 -6.10 6.30
C MET A 75 -7.18 -4.80 5.89
N GLN A 76 -6.69 -3.68 6.40
CA GLN A 76 -7.24 -2.37 6.07
C GLN A 76 -6.33 -1.25 6.57
N VAL A 77 -6.24 -0.18 5.79
CA VAL A 77 -5.40 0.96 6.15
C VAL A 77 -6.05 2.27 5.71
N THR A 78 -5.54 3.38 6.24
CA THR A 78 -6.06 4.69 5.91
C THR A 78 -4.98 5.57 5.30
N ILE A 79 -5.31 6.23 4.18
CA ILE A 79 -4.37 7.10 3.49
C ILE A 79 -4.82 8.55 3.56
N GLN A 80 -4.34 9.27 4.57
CA GLN A 80 -4.69 10.67 4.74
C GLN A 80 -3.76 11.58 3.95
N ASN A 81 -3.92 12.89 4.11
CA ASN A 81 -3.09 13.85 3.40
C ASN A 81 -3.28 13.73 1.89
N LEU A 82 -4.54 13.60 1.46
CA LEU A 82 -4.87 13.48 0.05
C LEU A 82 -5.73 14.64 -0.42
N MET A 83 -5.83 14.79 -1.74
CA MET A 83 -6.64 15.88 -2.31
C MET A 83 -7.98 15.34 -2.81
N PRO A 84 -9.06 16.09 -2.54
CA PRO A 84 -10.41 15.73 -2.95
C PRO A 84 -10.60 15.82 -4.46
N ALA A 85 -11.64 15.16 -4.97
CA ALA A 85 -11.93 15.18 -6.39
C ALA A 85 -10.67 14.94 -7.22
N THR A 86 -9.82 14.03 -6.75
CA THR A 86 -8.58 13.72 -7.44
C THR A 86 -8.31 12.22 -7.44
N VAL A 87 -8.23 11.63 -8.64
CA VAL A 87 -7.97 10.21 -8.78
C VAL A 87 -6.63 9.83 -8.17
N TYR A 88 -6.55 8.61 -7.64
CA TYR A 88 -5.32 8.13 -7.02
C TYR A 88 -5.15 6.62 -7.25
N ILE A 89 -3.95 6.22 -7.62
CA ILE A 89 -3.66 4.81 -7.86
C ILE A 89 -3.00 4.17 -6.64
N PHE A 90 -3.76 3.34 -5.93
CA PHE A 90 -3.26 2.66 -4.75
C PHE A 90 -2.81 1.25 -5.09
N ARG A 91 -1.73 0.80 -4.44
CA ARG A 91 -1.20 -0.53 -4.67
C ARG A 91 -0.85 -1.22 -3.35
N VAL A 92 -1.48 -2.35 -3.09
CA VAL A 92 -1.22 -3.11 -1.86
C VAL A 92 -0.23 -4.23 -2.10
N MET A 93 0.66 -4.45 -1.14
CA MET A 93 1.67 -5.50 -1.25
C MET A 93 1.91 -6.15 0.12
N ALA A 94 2.36 -7.41 0.09
CA ALA A 94 2.64 -8.15 1.31
C ALA A 94 4.14 -8.19 1.60
N GLN A 95 4.49 -8.21 2.88
CA GLN A 95 5.90 -8.25 3.29
C GLN A 95 6.07 -9.15 4.51
N ASN A 96 6.94 -10.14 4.39
CA ASN A 96 7.21 -11.07 5.48
C ASN A 96 8.68 -11.02 5.89
N LYS A 97 9.06 -11.90 6.81
CA LYS A 97 10.44 -11.95 7.29
C LYS A 97 11.42 -11.83 6.13
N HIS A 98 10.96 -12.16 4.94
CA HIS A 98 11.80 -12.09 3.74
C HIS A 98 11.92 -10.64 3.26
N GLY A 99 10.83 -10.12 2.70
CA GLY A 99 10.83 -8.76 2.20
C GLY A 99 9.61 -8.44 1.38
N SER A 100 9.80 -7.65 0.32
CA SER A 100 8.69 -7.27 -0.55
C SER A 100 8.49 -8.30 -1.66
N GLY A 101 7.31 -8.92 -1.67
CA GLY A 101 7.01 -9.92 -2.67
C GLY A 101 6.57 -9.31 -3.98
N GLU A 102 5.25 -9.22 -4.17
CA GLU A 102 4.70 -8.65 -5.40
C GLU A 102 3.70 -7.54 -5.07
N SER A 103 3.69 -6.50 -5.91
CA SER A 103 2.78 -5.38 -5.71
C SER A 103 1.44 -5.64 -6.39
N SER A 104 0.39 -5.69 -5.57
CA SER A 104 -0.96 -5.93 -6.08
C SER A 104 -1.27 -5.02 -7.27
N ALA A 105 -2.41 -5.24 -7.90
CA ALA A 105 -2.82 -4.44 -9.04
C ALA A 105 -3.14 -3.01 -8.62
N PRO A 106 -2.88 -2.06 -9.52
CA PRO A 106 -3.13 -0.64 -9.27
C PRO A 106 -4.62 -0.30 -9.21
N LEU A 107 -5.10 0.01 -8.02
CA LEU A 107 -6.51 0.34 -7.82
C LEU A 107 -6.75 1.83 -8.06
N ARG A 108 -7.65 2.14 -8.98
CA ARG A 108 -7.98 3.52 -9.30
C ARG A 108 -9.11 4.03 -8.43
N VAL A 109 -8.78 4.90 -7.47
CA VAL A 109 -9.77 5.45 -6.57
C VAL A 109 -9.85 6.97 -6.71
N GLU A 110 -11.07 7.49 -6.78
CA GLU A 110 -11.28 8.93 -6.90
C GLU A 110 -11.97 9.49 -5.67
N THR A 111 -11.36 10.50 -5.06
CA THR A 111 -11.92 11.13 -3.87
C THR A 111 -13.19 11.91 -4.20
N GLN A 112 -13.75 12.57 -3.19
CA GLN A 112 -14.96 13.35 -3.38
C GLN A 112 -14.68 14.84 -3.26
N PRO A 113 -15.37 15.65 -4.08
CA PRO A 113 -15.21 17.10 -4.08
C PRO A 113 -15.76 17.75 -2.81
N GLU A 114 -14.86 18.27 -1.99
CA GLU A 114 -15.25 18.91 -0.74
C GLU A 114 -15.32 20.43 -0.92
N SER A 115 -15.89 20.87 -2.04
CA SER A 115 -16.01 22.29 -2.33
C SER A 115 -17.45 22.65 -2.70
N GLY A 116 -17.75 23.94 -2.71
CA GLY A 116 -19.09 24.38 -3.05
C GLY A 116 -19.89 24.80 -1.83
N PRO A 117 -21.08 25.37 -2.07
CA PRO A 117 -21.96 25.82 -0.99
C PRO A 117 -22.56 24.66 -0.20
N SER A 118 -22.37 23.45 -0.71
CA SER A 118 -22.90 22.25 -0.05
C SER A 118 -21.85 21.64 0.88
N SER A 119 -22.31 21.12 2.01
CA SER A 119 -21.41 20.50 2.99
C SER A 119 -21.73 19.02 3.16
N GLY A 120 -20.75 18.18 2.84
CA GLY A 120 -20.93 16.75 2.96
C GLY A 120 -20.70 16.02 1.65
N GLY A 1 29.75 -0.08 9.52
CA GLY A 1 28.97 1.15 9.46
C GLY A 1 28.41 1.54 10.82
N SER A 2 27.09 1.65 10.89
CA SER A 2 26.43 2.02 12.15
C SER A 2 25.82 0.81 12.82
N SER A 3 25.78 0.83 14.15
CA SER A 3 25.22 -0.27 14.92
C SER A 3 24.97 0.15 16.36
N GLY A 4 24.05 -0.56 17.02
CA GLY A 4 23.73 -0.23 18.41
C GLY A 4 24.06 -1.37 19.35
N SER A 5 23.03 -2.09 19.79
CA SER A 5 23.22 -3.21 20.71
C SER A 5 22.73 -4.51 20.09
N SER A 6 23.03 -4.70 18.80
CA SER A 6 22.60 -5.90 18.09
C SER A 6 23.77 -6.51 17.32
N GLY A 7 23.65 -7.79 16.98
CA GLY A 7 24.70 -8.46 16.23
C GLY A 7 24.18 -9.18 15.01
N GLU A 8 24.23 -8.51 13.86
CA GLU A 8 23.76 -9.08 12.61
C GLU A 8 24.91 -9.23 11.61
N HIS A 9 25.73 -10.26 11.82
CA HIS A 9 26.86 -10.51 10.93
C HIS A 9 26.53 -11.62 9.93
N ALA A 10 26.21 -12.80 10.44
CA ALA A 10 25.88 -13.92 9.58
C ALA A 10 24.99 -13.49 8.42
N PRO A 11 25.13 -14.19 7.29
CA PRO A 11 24.36 -13.90 6.08
C PRO A 11 22.88 -14.25 6.23
N ALA A 12 22.04 -13.22 6.34
CA ALA A 12 20.60 -13.42 6.51
C ALA A 12 20.08 -14.45 5.50
N THR A 13 19.06 -15.20 5.92
CA THR A 13 18.47 -16.22 5.06
C THR A 13 17.70 -15.59 3.90
N THR A 14 17.65 -16.29 2.78
CA THR A 14 16.93 -15.80 1.61
C THR A 14 16.10 -16.90 0.97
N GLY A 15 15.08 -16.52 0.21
CA GLY A 15 14.23 -17.47 -0.44
C GLY A 15 13.19 -16.82 -1.35
N PRO A 16 12.11 -17.55 -1.63
CA PRO A 16 11.03 -17.06 -2.50
C PRO A 16 10.23 -15.94 -1.84
N LEU A 17 9.50 -15.17 -2.65
CA LEU A 17 8.70 -14.07 -2.14
C LEU A 17 7.21 -14.42 -2.19
N PRO A 18 6.42 -13.79 -1.30
CA PRO A 18 4.98 -14.02 -1.23
C PRO A 18 4.24 -13.44 -2.42
N SER A 19 2.91 -13.42 -2.34
CA SER A 19 2.09 -12.89 -3.42
C SER A 19 1.17 -11.78 -2.91
N ALA A 20 1.03 -10.73 -3.70
CA ALA A 20 0.19 -9.60 -3.34
C ALA A 20 -1.20 -10.07 -2.89
N PRO A 21 -1.84 -9.28 -2.03
CA PRO A 21 -3.18 -9.60 -1.50
C PRO A 21 -4.26 -9.49 -2.57
N ARG A 22 -5.45 -9.98 -2.25
CA ARG A 22 -6.57 -9.96 -3.18
C ARG A 22 -7.74 -9.15 -2.61
N ASP A 23 -8.82 -9.07 -3.37
CA ASP A 23 -10.00 -8.34 -2.93
C ASP A 23 -9.64 -6.91 -2.52
N VAL A 24 -8.73 -6.30 -3.26
CA VAL A 24 -8.28 -4.94 -2.97
C VAL A 24 -9.37 -3.92 -3.31
N VAL A 25 -10.04 -3.42 -2.29
CA VAL A 25 -11.11 -2.44 -2.47
C VAL A 25 -11.02 -1.33 -1.43
N ALA A 26 -11.66 -0.19 -1.73
CA ALA A 26 -11.65 0.93 -0.81
C ALA A 26 -12.92 0.95 0.04
N SER A 27 -12.79 0.52 1.29
CA SER A 27 -13.93 0.49 2.22
C SER A 27 -14.61 1.85 2.28
N LEU A 28 -13.86 2.90 1.97
CA LEU A 28 -14.40 4.26 1.99
C LEU A 28 -13.47 5.23 1.26
N VAL A 29 -14.04 6.29 0.72
CA VAL A 29 -13.28 7.30 0.00
C VAL A 29 -13.53 8.69 0.56
N SER A 30 -12.56 9.19 1.33
CA SER A 30 -12.67 10.52 1.92
C SER A 30 -12.12 11.58 0.99
N THR A 31 -12.45 12.85 1.27
CA THR A 31 -11.99 13.96 0.46
C THR A 31 -10.53 14.28 0.75
N ARG A 32 -10.06 13.88 1.93
CA ARG A 32 -8.68 14.13 2.33
C ARG A 32 -7.92 12.82 2.50
N PHE A 33 -8.63 11.70 2.34
CA PHE A 33 -8.03 10.39 2.49
C PHE A 33 -8.91 9.31 1.84
N ILE A 34 -8.45 8.06 1.91
CA ILE A 34 -9.20 6.95 1.34
C ILE A 34 -8.97 5.67 2.13
N LYS A 35 -10.07 5.04 2.55
CA LYS A 35 -9.98 3.80 3.31
C LYS A 35 -9.82 2.59 2.39
N LEU A 36 -8.78 1.81 2.64
CA LEU A 36 -8.52 0.62 1.83
C LEU A 36 -8.81 -0.65 2.62
N THR A 37 -9.13 -1.73 1.90
CA THR A 37 -9.44 -3.00 2.53
C THR A 37 -9.20 -4.16 1.57
N TRP A 38 -8.40 -5.12 2.00
CA TRP A 38 -8.10 -6.29 1.17
C TRP A 38 -8.05 -7.57 2.01
N ARG A 39 -8.02 -8.72 1.34
CA ARG A 39 -7.97 -10.00 2.03
C ARG A 39 -6.55 -10.55 2.04
N THR A 40 -6.39 -11.72 2.66
CA THR A 40 -5.08 -12.36 2.74
C THR A 40 -4.65 -12.94 1.40
N PRO A 41 -3.35 -12.87 1.11
CA PRO A 41 -2.79 -13.39 -0.14
C PRO A 41 -2.83 -14.91 -0.20
N ALA A 42 -2.85 -15.46 -1.42
CA ALA A 42 -2.87 -16.90 -1.61
C ALA A 42 -1.71 -17.57 -0.90
N SER A 43 -0.54 -16.94 -0.95
CA SER A 43 0.65 -17.47 -0.31
C SER A 43 0.50 -17.48 1.20
N ASP A 44 -0.09 -16.41 1.74
CA ASP A 44 -0.29 -16.28 3.18
C ASP A 44 -1.76 -16.00 3.49
N PRO A 45 -2.51 -17.06 3.80
CA PRO A 45 -3.94 -16.95 4.13
C PRO A 45 -4.17 -16.27 5.47
N HIS A 46 -3.09 -15.98 6.19
CA HIS A 46 -3.18 -15.33 7.49
C HIS A 46 -2.41 -14.01 7.48
N GLY A 47 -1.40 -13.92 6.62
CA GLY A 47 -0.61 -12.71 6.53
C GLY A 47 -0.45 -12.02 7.87
N ASP A 48 -0.35 -12.81 8.94
CA ASP A 48 -0.20 -12.27 10.29
C ASP A 48 1.27 -12.05 10.62
N ASN A 49 2.16 -12.69 9.84
CA ASN A 49 3.59 -12.57 10.06
C ASN A 49 4.24 -11.74 8.95
N LEU A 50 3.43 -10.93 8.26
CA LEU A 50 3.93 -10.10 7.18
C LEU A 50 3.16 -8.79 7.11
N THR A 51 3.88 -7.69 6.95
CA THR A 51 3.27 -6.36 6.87
C THR A 51 2.82 -6.06 5.44
N TYR A 52 1.87 -5.14 5.31
CA TYR A 52 1.35 -4.76 4.00
C TYR A 52 1.71 -3.31 3.68
N SER A 53 2.16 -3.07 2.45
CA SER A 53 2.54 -1.73 2.02
C SER A 53 1.53 -1.19 1.00
N VAL A 54 1.11 0.05 1.20
CA VAL A 54 0.15 0.70 0.31
C VAL A 54 0.79 1.86 -0.43
N PHE A 55 0.95 1.72 -1.73
CA PHE A 55 1.55 2.77 -2.55
C PHE A 55 0.48 3.55 -3.31
N TYR A 56 0.43 4.86 -3.08
CA TYR A 56 -0.55 5.73 -3.72
C TYR A 56 0.14 6.84 -4.51
N THR A 57 -0.44 7.18 -5.65
CA THR A 57 0.11 8.24 -6.50
C THR A 57 -0.94 8.80 -7.44
N LYS A 58 -0.67 9.98 -7.99
CA LYS A 58 -1.60 10.62 -8.91
C LYS A 58 -1.52 9.99 -10.29
N GLU A 59 -2.66 9.57 -10.81
CA GLU A 59 -2.73 8.94 -12.13
C GLU A 59 -1.72 9.58 -13.08
N GLY A 60 -1.57 10.90 -12.97
CA GLY A 60 -0.64 11.61 -13.83
C GLY A 60 0.79 11.53 -13.33
N ILE A 61 0.96 11.60 -12.02
CA ILE A 61 2.28 11.52 -11.42
C ILE A 61 2.72 10.09 -11.19
N ALA A 62 4.02 9.83 -11.34
CA ALA A 62 4.55 8.49 -11.15
C ALA A 62 5.03 8.28 -9.71
N ARG A 63 5.42 9.38 -9.07
CA ARG A 63 5.90 9.32 -7.69
C ARG A 63 4.81 8.81 -6.76
N GLU A 64 5.13 7.78 -5.98
CA GLU A 64 4.18 7.20 -5.04
C GLU A 64 4.82 6.97 -3.68
N ARG A 65 4.02 7.12 -2.62
CA ARG A 65 4.52 6.93 -1.26
C ARG A 65 3.96 5.64 -0.66
N VAL A 66 4.79 4.98 0.15
CA VAL A 66 4.38 3.72 0.79
C VAL A 66 3.97 3.97 2.24
N GLU A 67 2.89 3.33 2.65
CA GLU A 67 2.39 3.47 4.01
C GLU A 67 2.21 2.11 4.66
N ASN A 68 3.10 1.79 5.60
CA ASN A 68 3.05 0.51 6.31
C ASN A 68 1.87 0.49 7.29
N THR A 69 1.05 -0.56 7.19
CA THR A 69 -0.10 -0.70 8.07
C THR A 69 0.30 -0.54 9.53
N SER A 70 -0.37 0.37 10.23
CA SER A 70 -0.08 0.63 11.64
C SER A 70 0.30 -0.66 12.35
N HIS A 71 -0.30 -1.76 11.93
CA HIS A 71 -0.02 -3.06 12.53
C HIS A 71 0.22 -4.12 11.45
N PRO A 72 1.14 -5.05 11.76
CA PRO A 72 1.49 -6.13 10.82
C PRO A 72 0.36 -7.15 10.65
N GLY A 73 -0.10 -7.30 9.42
CA GLY A 73 -1.17 -8.24 9.14
C GLY A 73 -2.54 -7.58 9.16
N GLU A 74 -2.58 -6.29 8.85
CA GLU A 74 -3.82 -5.53 8.82
C GLU A 74 -4.50 -5.64 7.46
N MET A 75 -5.78 -5.97 7.46
CA MET A 75 -6.55 -6.10 6.23
C MET A 75 -7.25 -4.80 5.88
N GLN A 76 -6.69 -3.69 6.32
CA GLN A 76 -7.26 -2.37 6.05
C GLN A 76 -6.34 -1.27 6.56
N VAL A 77 -6.28 -0.17 5.80
CA VAL A 77 -5.44 0.96 6.17
C VAL A 77 -6.01 2.26 5.62
N THR A 78 -5.69 3.37 6.29
CA THR A 78 -6.17 4.67 5.87
C THR A 78 -5.03 5.52 5.31
N ILE A 79 -5.27 6.12 4.14
CA ILE A 79 -4.25 6.95 3.49
C ILE A 79 -4.66 8.42 3.52
N GLN A 80 -4.21 9.14 4.55
CA GLN A 80 -4.52 10.55 4.69
C GLN A 80 -3.54 11.40 3.90
N ASN A 81 -3.78 12.72 3.89
CA ASN A 81 -2.91 13.65 3.18
C ASN A 81 -3.11 13.52 1.67
N LEU A 82 -4.37 13.50 1.24
CA LEU A 82 -4.70 13.39 -0.18
C LEU A 82 -5.51 14.58 -0.65
N MET A 83 -5.65 14.72 -1.97
CA MET A 83 -6.41 15.82 -2.54
C MET A 83 -7.75 15.35 -3.07
N PRO A 84 -8.81 16.12 -2.79
CA PRO A 84 -10.16 15.79 -3.23
C PRO A 84 -10.34 15.93 -4.73
N ALA A 85 -11.30 15.18 -5.28
CA ALA A 85 -11.57 15.22 -6.72
C ALA A 85 -10.33 14.88 -7.52
N THR A 86 -9.50 13.98 -6.97
CA THR A 86 -8.27 13.57 -7.64
C THR A 86 -8.03 12.07 -7.47
N VAL A 87 -7.93 11.36 -8.60
CA VAL A 87 -7.71 9.92 -8.57
C VAL A 87 -6.37 9.59 -7.93
N TYR A 88 -6.24 8.35 -7.47
CA TYR A 88 -5.00 7.90 -6.83
C TYR A 88 -4.82 6.40 -7.00
N ILE A 89 -3.76 6.02 -7.70
CA ILE A 89 -3.46 4.61 -7.94
C ILE A 89 -2.88 3.95 -6.69
N PHE A 90 -3.71 3.21 -5.98
CA PHE A 90 -3.28 2.53 -4.76
C PHE A 90 -2.77 1.13 -5.08
N ARG A 91 -1.72 0.72 -4.38
CA ARG A 91 -1.14 -0.61 -4.59
C ARG A 91 -0.86 -1.30 -3.26
N VAL A 92 -1.55 -2.41 -3.02
CA VAL A 92 -1.38 -3.16 -1.79
C VAL A 92 -0.45 -4.34 -1.98
N MET A 93 0.65 -4.36 -1.23
CA MET A 93 1.63 -5.43 -1.34
C MET A 93 1.91 -6.04 0.04
N ALA A 94 2.40 -7.28 0.05
CA ALA A 94 2.71 -7.96 1.29
C ALA A 94 4.21 -7.97 1.56
N GLN A 95 4.57 -8.07 2.83
CA GLN A 95 5.98 -8.08 3.23
C GLN A 95 6.21 -9.01 4.41
N ASN A 96 7.11 -9.98 4.24
CA ASN A 96 7.42 -10.93 5.30
C ASN A 96 8.89 -10.84 5.70
N LYS A 97 9.30 -11.73 6.60
CA LYS A 97 10.68 -11.76 7.06
C LYS A 97 11.66 -11.59 5.90
N HIS A 98 11.19 -11.91 4.70
CA HIS A 98 12.01 -11.79 3.50
C HIS A 98 12.14 -10.33 3.07
N GLY A 99 11.05 -9.79 2.52
CA GLY A 99 11.06 -8.41 2.08
C GLY A 99 9.78 -8.01 1.38
N SER A 100 9.89 -7.49 0.17
CA SER A 100 8.73 -7.06 -0.60
C SER A 100 8.48 -8.00 -1.78
N GLY A 101 7.34 -8.68 -1.77
CA GLY A 101 7.00 -9.60 -2.84
C GLY A 101 6.41 -8.88 -4.04
N GLU A 102 5.18 -9.26 -4.40
CA GLU A 102 4.51 -8.65 -5.55
C GLU A 102 3.37 -7.75 -5.09
N SER A 103 3.30 -6.56 -5.68
CA SER A 103 2.27 -5.59 -5.33
C SER A 103 0.98 -5.88 -6.10
N SER A 104 -0.14 -5.85 -5.39
CA SER A 104 -1.45 -6.10 -5.99
C SER A 104 -1.67 -5.19 -7.19
N ALA A 105 -2.79 -5.40 -7.89
CA ALA A 105 -3.13 -4.59 -9.05
C ALA A 105 -3.40 -3.14 -8.65
N PRO A 106 -3.08 -2.21 -9.56
CA PRO A 106 -3.29 -0.77 -9.31
C PRO A 106 -4.76 -0.39 -9.30
N LEU A 107 -5.25 0.01 -8.14
CA LEU A 107 -6.65 0.41 -8.00
C LEU A 107 -6.82 1.91 -8.21
N ARG A 108 -7.77 2.27 -9.06
CA ARG A 108 -8.04 3.68 -9.34
C ARG A 108 -9.16 4.22 -8.47
N VAL A 109 -8.81 4.94 -7.43
CA VAL A 109 -9.79 5.52 -6.51
C VAL A 109 -9.86 7.03 -6.65
N GLU A 110 -11.06 7.56 -6.83
CA GLU A 110 -11.25 8.99 -6.98
C GLU A 110 -11.93 9.57 -5.74
N THR A 111 -11.29 10.57 -5.14
CA THR A 111 -11.82 11.22 -3.94
C THR A 111 -13.09 12.00 -4.26
N GLN A 112 -13.66 12.63 -3.24
CA GLN A 112 -14.88 13.42 -3.42
C GLN A 112 -14.57 14.91 -3.43
N PRO A 113 -15.26 15.65 -4.30
CA PRO A 113 -15.08 17.10 -4.42
C PRO A 113 -15.61 17.86 -3.21
N GLU A 114 -14.74 18.08 -2.23
CA GLU A 114 -15.11 18.79 -1.01
C GLU A 114 -15.11 20.30 -1.25
N SER A 115 -15.94 21.01 -0.49
CA SER A 115 -16.03 22.47 -0.62
C SER A 115 -16.55 23.09 0.67
N GLY A 116 -15.68 23.80 1.38
CA GLY A 116 -16.06 24.44 2.62
C GLY A 116 -16.32 23.44 3.73
N PRO A 117 -16.23 23.90 4.98
CA PRO A 117 -16.45 23.05 6.16
C PRO A 117 -17.90 22.65 6.32
N SER A 118 -18.21 21.39 5.99
CA SER A 118 -19.57 20.88 6.10
C SER A 118 -19.80 20.21 7.45
N SER A 119 -20.89 20.58 8.11
CA SER A 119 -21.22 20.03 9.42
C SER A 119 -22.07 18.77 9.28
N GLY A 120 -21.60 17.68 9.86
CA GLY A 120 -22.33 16.42 9.79
C GLY A 120 -23.79 16.57 10.15
N GLY A 1 30.23 17.40 6.01
CA GLY A 1 30.88 16.30 5.35
C GLY A 1 30.01 15.62 4.32
N SER A 2 30.44 15.65 3.07
CA SER A 2 29.69 15.03 1.98
C SER A 2 29.25 13.63 2.35
N SER A 3 28.22 13.14 1.67
CA SER A 3 27.69 11.80 1.92
C SER A 3 27.06 11.21 0.66
N GLY A 4 27.54 10.04 0.27
CA GLY A 4 27.00 9.39 -0.92
C GLY A 4 25.68 8.70 -0.65
N SER A 5 25.56 7.46 -1.14
CA SER A 5 24.33 6.69 -0.95
C SER A 5 24.08 6.42 0.53
N SER A 6 25.08 5.83 1.19
CA SER A 6 24.96 5.52 2.61
C SER A 6 23.56 5.02 2.94
N GLY A 7 23.03 4.13 2.10
CA GLY A 7 21.70 3.60 2.32
C GLY A 7 21.73 2.26 3.04
N GLU A 8 20.60 1.55 3.02
CA GLU A 8 20.50 0.25 3.67
C GLU A 8 20.69 -0.88 2.66
N HIS A 9 21.93 -1.13 2.27
CA HIS A 9 22.24 -2.18 1.32
C HIS A 9 22.24 -3.55 1.99
N ALA A 10 21.04 -4.11 2.15
CA ALA A 10 20.89 -5.42 2.78
C ALA A 10 20.29 -6.43 1.81
N PRO A 11 21.14 -7.00 0.94
CA PRO A 11 20.72 -7.99 -0.05
C PRO A 11 20.32 -9.32 0.58
N ALA A 12 20.38 -9.37 1.91
CA ALA A 12 20.02 -10.58 2.65
C ALA A 12 18.60 -11.03 2.30
N THR A 13 18.50 -12.00 1.39
CA THR A 13 17.19 -12.51 0.98
C THR A 13 17.27 -14.00 0.65
N THR A 14 16.63 -14.81 1.49
CA THR A 14 16.62 -16.26 1.29
C THR A 14 15.21 -16.78 1.11
N GLY A 15 15.03 -17.72 0.19
CA GLY A 15 13.73 -18.29 -0.07
C GLY A 15 12.90 -17.44 -1.01
N PRO A 16 11.77 -17.99 -1.47
CA PRO A 16 10.86 -17.30 -2.39
C PRO A 16 10.14 -16.13 -1.73
N LEU A 17 9.24 -15.50 -2.48
CA LEU A 17 8.49 -14.36 -1.95
C LEU A 17 6.99 -14.64 -2.00
N PRO A 18 6.23 -13.97 -1.12
CA PRO A 18 4.78 -14.12 -1.04
C PRO A 18 4.07 -13.52 -2.24
N SER A 19 2.74 -13.49 -2.19
CA SER A 19 1.94 -12.95 -3.28
C SER A 19 1.07 -11.79 -2.80
N ALA A 20 0.85 -10.81 -3.66
CA ALA A 20 0.03 -9.65 -3.32
C ALA A 20 -1.35 -10.08 -2.83
N PRO A 21 -1.94 -9.25 -1.96
CA PRO A 21 -3.27 -9.52 -1.40
C PRO A 21 -4.38 -9.39 -2.44
N ARG A 22 -5.53 -9.99 -2.16
CA ARG A 22 -6.67 -9.94 -3.07
C ARG A 22 -7.78 -9.05 -2.49
N ASP A 23 -8.90 -8.99 -3.21
CA ASP A 23 -10.03 -8.19 -2.78
C ASP A 23 -9.59 -6.77 -2.45
N VAL A 24 -8.63 -6.26 -3.21
CA VAL A 24 -8.12 -4.91 -3.00
C VAL A 24 -9.16 -3.86 -3.39
N VAL A 25 -9.83 -3.29 -2.38
CA VAL A 25 -10.85 -2.28 -2.62
C VAL A 25 -10.78 -1.18 -1.57
N ALA A 26 -11.58 -0.14 -1.75
CA ALA A 26 -11.61 0.98 -0.83
C ALA A 26 -12.89 0.97 0.01
N SER A 27 -12.77 0.55 1.26
CA SER A 27 -13.93 0.48 2.16
C SER A 27 -14.64 1.82 2.24
N LEU A 28 -13.86 2.90 2.12
CA LEU A 28 -14.41 4.25 2.16
C LEU A 28 -13.54 5.22 1.40
N VAL A 29 -14.15 6.29 0.88
CA VAL A 29 -13.42 7.30 0.13
C VAL A 29 -13.64 8.69 0.72
N SER A 30 -12.69 9.16 1.52
CA SER A 30 -12.80 10.47 2.15
C SER A 30 -12.27 11.56 1.22
N THR A 31 -12.65 12.80 1.48
CA THR A 31 -12.22 13.93 0.68
C THR A 31 -10.75 14.26 0.94
N ARG A 32 -10.26 13.86 2.11
CA ARG A 32 -8.88 14.11 2.48
C ARG A 32 -8.11 12.80 2.67
N PHE A 33 -8.82 11.68 2.52
CA PHE A 33 -8.21 10.37 2.67
C PHE A 33 -9.08 9.29 2.02
N ILE A 34 -8.60 8.05 2.06
CA ILE A 34 -9.33 6.93 1.49
C ILE A 34 -9.06 5.64 2.26
N LYS A 35 -10.13 4.98 2.68
CA LYS A 35 -10.01 3.73 3.42
C LYS A 35 -9.84 2.55 2.48
N LEU A 36 -8.81 1.75 2.72
CA LEU A 36 -8.53 0.58 1.89
C LEU A 36 -8.80 -0.71 2.66
N THR A 37 -9.16 -1.76 1.94
CA THR A 37 -9.44 -3.05 2.55
C THR A 37 -9.20 -4.19 1.56
N TRP A 38 -8.44 -5.19 2.00
CA TRP A 38 -8.13 -6.33 1.15
C TRP A 38 -8.12 -7.62 1.97
N ARG A 39 -8.09 -8.76 1.28
CA ARG A 39 -8.08 -10.06 1.94
C ARG A 39 -6.67 -10.62 2.02
N THR A 40 -6.53 -11.79 2.64
CA THR A 40 -5.23 -12.43 2.78
C THR A 40 -4.77 -13.02 1.45
N PRO A 41 -3.44 -12.94 1.20
CA PRO A 41 -2.84 -13.46 -0.03
C PRO A 41 -2.87 -14.99 -0.09
N ALA A 42 -3.01 -15.52 -1.30
CA ALA A 42 -3.05 -16.97 -1.49
C ALA A 42 -1.88 -17.65 -0.80
N SER A 43 -0.71 -17.00 -0.85
CA SER A 43 0.49 -17.55 -0.23
C SER A 43 0.35 -17.59 1.29
N ASP A 44 -0.17 -16.50 1.86
CA ASP A 44 -0.35 -16.42 3.30
C ASP A 44 -1.82 -16.13 3.64
N PRO A 45 -2.57 -17.21 3.92
CA PRO A 45 -4.00 -17.10 4.26
C PRO A 45 -4.22 -16.47 5.63
N HIS A 46 -3.13 -16.22 6.34
CA HIS A 46 -3.20 -15.62 7.67
C HIS A 46 -2.48 -14.27 7.69
N GLY A 47 -1.49 -14.12 6.81
CA GLY A 47 -0.74 -12.88 6.76
C GLY A 47 -0.60 -12.22 8.11
N ASP A 48 -0.33 -13.03 9.13
CA ASP A 48 -0.18 -12.52 10.48
C ASP A 48 1.29 -12.25 10.80
N ASN A 49 2.18 -12.79 9.97
CA ASN A 49 3.61 -12.61 10.15
C ASN A 49 4.21 -11.79 9.01
N LEU A 50 3.35 -11.08 8.29
CA LEU A 50 3.81 -10.26 7.17
C LEU A 50 3.02 -8.95 7.12
N THR A 51 3.76 -7.84 6.98
CA THR A 51 3.14 -6.52 6.92
C THR A 51 2.58 -6.24 5.52
N TYR A 52 1.93 -5.10 5.37
CA TYR A 52 1.35 -4.71 4.09
C TYR A 52 1.67 -3.26 3.75
N SER A 53 2.23 -3.05 2.57
CA SER A 53 2.60 -1.71 2.13
C SER A 53 1.62 -1.19 1.09
N VAL A 54 1.26 0.08 1.20
CA VAL A 54 0.32 0.70 0.28
C VAL A 54 0.95 1.90 -0.41
N PHE A 55 1.13 1.79 -1.73
CA PHE A 55 1.73 2.86 -2.52
C PHE A 55 0.65 3.64 -3.26
N TYR A 56 0.54 4.93 -2.94
CA TYR A 56 -0.45 5.79 -3.58
C TYR A 56 0.22 6.86 -4.42
N THR A 57 -0.46 7.27 -5.49
CA THR A 57 0.08 8.30 -6.38
C THR A 57 -0.98 8.77 -7.37
N LYS A 58 -0.94 10.06 -7.70
CA LYS A 58 -1.90 10.64 -8.63
C LYS A 58 -1.59 10.22 -10.06
N GLU A 59 -2.64 10.04 -10.86
CA GLU A 59 -2.49 9.63 -12.25
C GLU A 59 -1.29 10.32 -12.89
N GLY A 60 -0.45 9.56 -13.57
CA GLY A 60 0.72 10.11 -14.22
C GLY A 60 1.91 10.21 -13.28
N ILE A 61 1.67 10.76 -12.10
CA ILE A 61 2.74 10.91 -11.10
C ILE A 61 3.50 9.60 -10.91
N ALA A 62 4.66 9.51 -11.56
CA ALA A 62 5.50 8.30 -11.45
C ALA A 62 5.94 8.08 -10.02
N ARG A 63 5.95 9.13 -9.22
CA ARG A 63 6.36 9.05 -7.83
C ARG A 63 5.18 8.69 -6.94
N GLU A 64 5.38 7.69 -6.07
CA GLU A 64 4.33 7.26 -5.16
C GLU A 64 4.87 7.07 -3.75
N ARG A 65 4.01 7.30 -2.76
CA ARG A 65 4.41 7.17 -1.36
C ARG A 65 3.83 5.89 -0.76
N VAL A 66 4.65 5.17 0.02
CA VAL A 66 4.23 3.93 0.65
C VAL A 66 3.75 4.19 2.07
N GLU A 67 2.77 3.40 2.52
CA GLU A 67 2.22 3.54 3.85
C GLU A 67 2.13 2.19 4.55
N ASN A 68 3.02 1.95 5.50
CA ASN A 68 3.03 0.69 6.24
C ASN A 68 1.89 0.64 7.25
N THR A 69 1.08 -0.42 7.16
CA THR A 69 -0.05 -0.58 8.06
C THR A 69 0.39 -0.52 9.52
N SER A 70 -0.22 0.38 10.28
CA SER A 70 0.12 0.55 11.69
C SER A 70 0.48 -0.79 12.32
N HIS A 71 -0.22 -1.84 11.93
CA HIS A 71 0.03 -3.18 12.45
C HIS A 71 0.16 -4.19 11.32
N PRO A 72 1.02 -5.20 11.52
CA PRO A 72 1.25 -6.25 10.53
C PRO A 72 0.05 -7.18 10.37
N GLY A 73 -0.34 -7.42 9.12
CA GLY A 73 -1.47 -8.29 8.85
C GLY A 73 -2.74 -7.50 8.58
N GLU A 74 -2.86 -6.34 9.21
CA GLU A 74 -4.04 -5.50 9.06
C GLU A 74 -4.59 -5.62 7.63
N MET A 75 -5.87 -5.95 7.53
CA MET A 75 -6.52 -6.10 6.24
C MET A 75 -7.14 -4.78 5.79
N GLN A 76 -6.89 -3.72 6.56
CA GLN A 76 -7.42 -2.40 6.24
C GLN A 76 -6.43 -1.31 6.63
N VAL A 77 -6.34 -0.28 5.78
CA VAL A 77 -5.43 0.83 6.03
C VAL A 77 -6.01 2.14 5.51
N THR A 78 -5.61 3.25 6.13
CA THR A 78 -6.09 4.56 5.72
C THR A 78 -4.96 5.41 5.15
N ILE A 79 -5.24 6.12 4.08
CA ILE A 79 -4.23 6.97 3.43
C ILE A 79 -4.63 8.44 3.53
N GLN A 80 -4.13 9.12 4.56
CA GLN A 80 -4.42 10.53 4.76
C GLN A 80 -3.54 11.41 3.88
N ASN A 81 -3.62 12.71 4.09
CA ASN A 81 -2.83 13.66 3.30
C ASN A 81 -3.11 13.49 1.81
N LEU A 82 -4.39 13.45 1.45
CA LEU A 82 -4.79 13.30 0.06
C LEU A 82 -5.61 14.49 -0.40
N MET A 83 -5.75 14.63 -1.72
CA MET A 83 -6.51 15.73 -2.29
C MET A 83 -7.87 15.25 -2.79
N PRO A 84 -8.92 16.04 -2.49
CA PRO A 84 -10.29 15.70 -2.89
C PRO A 84 -10.50 15.83 -4.40
N ALA A 85 -11.51 15.14 -4.91
CA ALA A 85 -11.82 15.18 -6.35
C ALA A 85 -10.57 14.94 -7.18
N THR A 86 -9.74 14.00 -6.73
CA THR A 86 -8.51 13.67 -7.43
C THR A 86 -8.25 12.16 -7.43
N VAL A 87 -8.13 11.58 -8.62
CA VAL A 87 -7.88 10.15 -8.75
C VAL A 87 -6.52 9.77 -8.17
N TYR A 88 -6.44 8.57 -7.60
CA TYR A 88 -5.21 8.09 -7.00
C TYR A 88 -5.06 6.58 -7.22
N ILE A 89 -3.89 6.18 -7.70
CA ILE A 89 -3.61 4.76 -7.94
C ILE A 89 -2.96 4.11 -6.74
N PHE A 90 -3.75 3.35 -5.98
CA PHE A 90 -3.24 2.67 -4.80
C PHE A 90 -2.80 1.25 -5.14
N ARG A 91 -1.76 0.78 -4.45
CA ARG A 91 -1.23 -0.56 -4.68
C ARG A 91 -0.86 -1.23 -3.36
N VAL A 92 -1.46 -2.39 -3.10
CA VAL A 92 -1.19 -3.13 -1.87
C VAL A 92 -0.14 -4.21 -2.11
N MET A 93 0.76 -4.38 -1.15
CA MET A 93 1.82 -5.37 -1.24
C MET A 93 2.08 -6.02 0.11
N ALA A 94 2.41 -7.30 0.10
CA ALA A 94 2.70 -8.04 1.33
C ALA A 94 4.20 -8.09 1.60
N GLN A 95 4.56 -8.19 2.88
CA GLN A 95 5.97 -8.25 3.27
C GLN A 95 6.16 -9.17 4.48
N ASN A 96 7.02 -10.16 4.33
CA ASN A 96 7.29 -11.11 5.41
C ASN A 96 8.77 -11.09 5.78
N LYS A 97 9.15 -11.99 6.69
CA LYS A 97 10.54 -12.09 7.12
C LYS A 97 11.50 -11.94 5.95
N HIS A 98 11.01 -12.25 4.75
CA HIS A 98 11.82 -12.16 3.55
C HIS A 98 11.95 -10.71 3.08
N GLY A 99 10.84 -10.16 2.57
CA GLY A 99 10.85 -8.79 2.10
C GLY A 99 9.62 -8.46 1.29
N SER A 100 9.79 -7.62 0.26
CA SER A 100 8.68 -7.21 -0.59
C SER A 100 8.44 -8.25 -1.69
N GLY A 101 7.26 -8.85 -1.67
CA GLY A 101 6.92 -9.85 -2.67
C GLY A 101 6.37 -9.24 -3.94
N GLU A 102 5.15 -9.61 -4.31
CA GLU A 102 4.51 -9.10 -5.51
C GLU A 102 3.55 -7.97 -5.18
N SER A 103 3.56 -6.92 -5.99
CA SER A 103 2.68 -5.78 -5.78
C SER A 103 1.32 -6.00 -6.44
N SER A 104 0.26 -5.76 -5.68
CA SER A 104 -1.10 -5.95 -6.19
C SER A 104 -1.36 -5.01 -7.36
N ALA A 105 -2.51 -5.19 -8.01
CA ALA A 105 -2.88 -4.36 -9.15
C ALA A 105 -3.17 -2.94 -8.71
N PRO A 106 -2.88 -1.97 -9.61
CA PRO A 106 -3.10 -0.55 -9.34
C PRO A 106 -4.58 -0.19 -9.29
N LEU A 107 -5.08 0.05 -8.08
CA LEU A 107 -6.49 0.40 -7.91
C LEU A 107 -6.71 1.89 -8.15
N ARG A 108 -7.69 2.20 -9.01
CA ARG A 108 -8.00 3.59 -9.33
C ARG A 108 -9.13 4.11 -8.44
N VAL A 109 -8.76 4.91 -7.44
CA VAL A 109 -9.73 5.48 -6.52
C VAL A 109 -9.83 7.00 -6.69
N GLU A 110 -11.07 7.50 -6.73
CA GLU A 110 -11.29 8.93 -6.88
C GLU A 110 -11.98 9.51 -5.64
N THR A 111 -11.35 10.50 -5.04
CA THR A 111 -11.90 11.13 -3.84
C THR A 111 -13.16 11.93 -4.17
N GLN A 112 -13.73 12.57 -3.17
CA GLN A 112 -14.95 13.36 -3.35
C GLN A 112 -14.65 14.85 -3.25
N PRO A 113 -15.35 15.65 -4.05
CA PRO A 113 -15.18 17.12 -4.07
C PRO A 113 -15.69 17.77 -2.79
N GLU A 114 -14.77 18.24 -1.97
CA GLU A 114 -15.12 18.90 -0.72
C GLU A 114 -15.06 20.42 -0.86
N SER A 115 -14.06 20.90 -1.58
CA SER A 115 -13.89 22.33 -1.79
C SER A 115 -14.94 22.88 -2.75
N GLY A 116 -16.02 23.43 -2.19
CA GLY A 116 -17.08 23.98 -3.01
C GLY A 116 -18.32 24.31 -2.20
N PRO A 117 -19.45 24.50 -2.89
CA PRO A 117 -20.73 24.83 -2.26
C PRO A 117 -21.29 23.67 -1.45
N SER A 118 -21.24 22.47 -2.03
CA SER A 118 -21.75 21.28 -1.37
C SER A 118 -23.03 21.59 -0.60
N SER A 119 -23.88 22.41 -1.20
CA SER A 119 -25.14 22.80 -0.57
C SER A 119 -26.28 22.80 -1.58
N GLY A 120 -27.49 22.54 -1.11
CA GLY A 120 -28.64 22.52 -1.99
C GLY A 120 -29.13 23.91 -2.35
N GLY A 1 49.83 -15.92 8.45
CA GLY A 1 49.16 -14.77 7.86
C GLY A 1 47.98 -15.16 7.00
N SER A 2 46.85 -14.49 7.21
CA SER A 2 45.63 -14.77 6.45
C SER A 2 44.70 -13.58 6.47
N SER A 3 43.58 -13.70 5.76
CA SER A 3 42.59 -12.63 5.69
C SER A 3 41.37 -12.95 6.53
N GLY A 4 40.90 -14.19 6.43
CA GLY A 4 39.74 -14.61 7.19
C GLY A 4 40.05 -15.74 8.15
N SER A 5 39.06 -16.13 8.94
CA SER A 5 39.23 -17.21 9.91
C SER A 5 38.82 -18.55 9.31
N SER A 6 37.62 -18.58 8.72
CA SER A 6 37.11 -19.80 8.11
C SER A 6 37.13 -19.70 6.58
N GLY A 7 36.67 -18.57 6.07
CA GLY A 7 36.63 -18.36 4.64
C GLY A 7 35.59 -19.21 3.95
N GLU A 8 34.34 -19.10 4.41
CA GLU A 8 33.25 -19.88 3.83
C GLU A 8 32.11 -18.96 3.39
N HIS A 9 31.49 -19.31 2.27
CA HIS A 9 30.38 -18.51 1.74
C HIS A 9 29.06 -18.89 2.40
N ALA A 10 28.41 -17.90 3.01
CA ALA A 10 27.14 -18.13 3.70
C ALA A 10 26.15 -18.84 2.78
N PRO A 11 25.33 -19.73 3.36
CA PRO A 11 24.32 -20.48 2.62
C PRO A 11 23.18 -19.60 2.14
N ALA A 12 22.18 -20.22 1.52
CA ALA A 12 21.01 -19.49 1.02
C ALA A 12 20.32 -18.73 2.13
N THR A 13 20.35 -17.40 2.05
CA THR A 13 19.73 -16.55 3.06
C THR A 13 18.32 -16.15 2.64
N THR A 14 18.17 -15.81 1.37
CA THR A 14 16.87 -15.41 0.83
C THR A 14 16.31 -16.46 -0.12
N GLY A 15 14.99 -16.51 -0.24
CA GLY A 15 14.35 -17.47 -1.12
C GLY A 15 13.19 -16.88 -1.89
N PRO A 16 12.07 -17.61 -1.94
CA PRO A 16 10.86 -17.17 -2.64
C PRO A 16 10.18 -16.01 -1.93
N LEU A 17 9.25 -15.36 -2.62
CA LEU A 17 8.51 -14.23 -2.06
C LEU A 17 7.00 -14.46 -2.15
N PRO A 18 6.25 -13.80 -1.26
CA PRO A 18 4.80 -13.90 -1.23
C PRO A 18 4.13 -13.24 -2.43
N SER A 19 2.81 -13.20 -2.42
CA SER A 19 2.05 -12.60 -3.51
C SER A 19 1.07 -11.56 -2.99
N ALA A 20 0.99 -10.42 -3.68
CA ALA A 20 0.10 -9.35 -3.29
C ALA A 20 -1.24 -9.89 -2.79
N PRO A 21 -1.95 -9.09 -1.99
CA PRO A 21 -3.25 -9.48 -1.43
C PRO A 21 -4.34 -9.54 -2.49
N ARG A 22 -5.49 -10.09 -2.11
CA ARG A 22 -6.61 -10.21 -3.04
C ARG A 22 -7.80 -9.37 -2.57
N ASP A 23 -8.80 -9.23 -3.44
CA ASP A 23 -9.98 -8.45 -3.12
C ASP A 23 -9.60 -7.08 -2.56
N VAL A 24 -8.75 -6.37 -3.30
CA VAL A 24 -8.31 -5.04 -2.90
C VAL A 24 -9.32 -3.98 -3.31
N VAL A 25 -9.90 -3.30 -2.31
CA VAL A 25 -10.88 -2.26 -2.57
C VAL A 25 -10.79 -1.16 -1.51
N ALA A 26 -11.60 -0.11 -1.70
CA ALA A 26 -11.62 1.00 -0.76
C ALA A 26 -12.89 1.01 0.07
N SER A 27 -12.77 0.58 1.32
CA SER A 27 -13.91 0.53 2.22
C SER A 27 -14.61 1.89 2.30
N LEU A 28 -13.84 2.95 2.07
CA LEU A 28 -14.38 4.30 2.12
C LEU A 28 -13.46 5.28 1.40
N VAL A 29 -14.04 6.36 0.87
CA VAL A 29 -13.28 7.36 0.14
C VAL A 29 -13.50 8.74 0.74
N SER A 30 -12.52 9.22 1.52
CA SER A 30 -12.61 10.52 2.15
C SER A 30 -12.03 11.61 1.25
N THR A 31 -12.49 12.84 1.45
CA THR A 31 -12.02 13.97 0.64
C THR A 31 -10.56 14.28 0.96
N ARG A 32 -10.10 13.84 2.12
CA ARG A 32 -8.73 14.09 2.55
C ARG A 32 -7.97 12.77 2.73
N PHE A 33 -8.68 11.66 2.57
CA PHE A 33 -8.08 10.34 2.73
C PHE A 33 -8.94 9.27 2.05
N ILE A 34 -8.48 8.03 2.13
CA ILE A 34 -9.21 6.91 1.53
C ILE A 34 -8.97 5.62 2.31
N LYS A 35 -10.06 4.98 2.72
CA LYS A 35 -9.97 3.73 3.47
C LYS A 35 -9.81 2.54 2.52
N LEU A 36 -8.78 1.74 2.76
CA LEU A 36 -8.51 0.56 1.94
C LEU A 36 -8.84 -0.72 2.69
N THR A 37 -9.17 -1.77 1.95
CA THR A 37 -9.50 -3.06 2.55
C THR A 37 -9.26 -4.20 1.57
N TRP A 38 -8.47 -5.18 2.00
CA TRP A 38 -8.17 -6.33 1.16
C TRP A 38 -8.15 -7.61 1.98
N ARG A 39 -8.14 -8.75 1.30
CA ARG A 39 -8.12 -10.04 1.96
C ARG A 39 -6.71 -10.64 1.96
N THR A 40 -6.57 -11.82 2.56
CA THR A 40 -5.28 -12.49 2.64
C THR A 40 -4.85 -13.00 1.27
N PRO A 41 -3.55 -12.91 0.98
CA PRO A 41 -2.98 -13.37 -0.28
C PRO A 41 -2.99 -14.89 -0.42
N ALA A 42 -3.07 -15.37 -1.66
CA ALA A 42 -3.08 -16.81 -1.91
C ALA A 42 -1.90 -17.51 -1.23
N SER A 43 -0.73 -16.87 -1.29
CA SER A 43 0.47 -17.43 -0.68
C SER A 43 0.31 -17.54 0.84
N ASP A 44 -0.28 -16.51 1.43
CA ASP A 44 -0.49 -16.49 2.88
C ASP A 44 -1.97 -16.27 3.21
N PRO A 45 -2.67 -17.35 3.56
CA PRO A 45 -4.09 -17.29 3.90
C PRO A 45 -4.34 -16.58 5.23
N HIS A 46 -3.26 -16.30 5.96
CA HIS A 46 -3.35 -15.62 7.24
C HIS A 46 -2.69 -14.25 7.19
N GLY A 47 -1.71 -14.11 6.29
CA GLY A 47 -1.02 -12.84 6.15
C GLY A 47 -0.93 -12.08 7.46
N ASP A 48 -0.70 -12.80 8.55
CA ASP A 48 -0.60 -12.18 9.87
C ASP A 48 0.85 -11.96 10.26
N ASN A 49 1.74 -12.74 9.66
CA ASN A 49 3.17 -12.63 9.95
C ASN A 49 3.88 -11.82 8.87
N LEU A 50 3.12 -10.98 8.17
CA LEU A 50 3.69 -10.15 7.11
C LEU A 50 2.95 -8.81 7.03
N THR A 51 3.71 -7.72 6.98
CA THR A 51 3.14 -6.39 6.90
C THR A 51 2.66 -6.08 5.49
N TYR A 52 1.79 -5.09 5.36
CA TYR A 52 1.24 -4.70 4.07
C TYR A 52 1.56 -3.24 3.76
N SER A 53 2.19 -3.00 2.60
CA SER A 53 2.55 -1.66 2.19
C SER A 53 1.58 -1.14 1.12
N VAL A 54 1.18 0.12 1.27
CA VAL A 54 0.26 0.74 0.31
C VAL A 54 0.92 1.89 -0.42
N PHE A 55 1.14 1.71 -1.72
CA PHE A 55 1.78 2.74 -2.54
C PHE A 55 0.74 3.51 -3.35
N TYR A 56 0.61 4.79 -3.08
CA TYR A 56 -0.35 5.64 -3.78
C TYR A 56 0.35 6.68 -4.64
N THR A 57 -0.19 6.93 -5.82
CA THR A 57 0.40 7.90 -6.74
C THR A 57 -0.64 8.41 -7.74
N LYS A 58 -0.73 9.72 -7.88
CA LYS A 58 -1.68 10.33 -8.79
C LYS A 58 -1.55 9.73 -10.20
N GLU A 59 -2.68 9.44 -10.83
CA GLU A 59 -2.68 8.87 -12.16
C GLU A 59 -1.63 9.54 -13.04
N GLY A 60 -0.78 8.74 -13.67
CA GLY A 60 0.26 9.27 -14.53
C GLY A 60 1.58 9.44 -13.81
N ILE A 61 1.53 10.01 -12.61
CA ILE A 61 2.74 10.23 -11.82
C ILE A 61 3.55 8.95 -11.69
N ALA A 62 4.87 9.10 -11.57
CA ALA A 62 5.75 7.95 -11.43
C ALA A 62 6.18 7.76 -9.98
N ARG A 63 6.14 8.83 -9.21
CA ARG A 63 6.53 8.78 -7.80
C ARG A 63 5.33 8.43 -6.93
N GLU A 64 5.48 7.36 -6.15
CA GLU A 64 4.40 6.91 -5.26
C GLU A 64 4.91 6.77 -3.83
N ARG A 65 4.05 7.12 -2.88
CA ARG A 65 4.40 7.04 -1.46
C ARG A 65 3.81 5.78 -0.83
N VAL A 66 4.62 5.11 -0.01
CA VAL A 66 4.19 3.89 0.67
C VAL A 66 3.68 4.19 2.07
N GLU A 67 2.71 3.40 2.53
CA GLU A 67 2.14 3.58 3.85
C GLU A 67 2.00 2.24 4.57
N ASN A 68 2.87 2.02 5.55
CA ASN A 68 2.85 0.79 6.32
C ASN A 68 1.66 0.76 7.27
N THR A 69 0.92 -0.35 7.27
CA THR A 69 -0.24 -0.51 8.12
C THR A 69 0.14 -0.37 9.60
N SER A 70 -0.58 0.48 10.31
CA SER A 70 -0.32 0.70 11.73
C SER A 70 0.14 -0.59 12.41
N HIS A 71 -0.47 -1.70 12.00
CA HIS A 71 -0.11 -3.00 12.57
C HIS A 71 0.02 -4.05 11.47
N PRO A 72 0.94 -5.00 11.67
CA PRO A 72 1.19 -6.08 10.71
C PRO A 72 0.05 -7.08 10.64
N GLY A 73 -0.47 -7.31 9.44
CA GLY A 73 -1.57 -8.24 9.27
C GLY A 73 -2.89 -7.54 8.97
N GLU A 74 -3.09 -6.38 9.58
CA GLU A 74 -4.31 -5.61 9.36
C GLU A 74 -4.77 -5.71 7.91
N MET A 75 -6.03 -6.06 7.72
CA MET A 75 -6.60 -6.19 6.38
C MET A 75 -7.21 -4.87 5.92
N GLN A 76 -6.85 -3.78 6.60
CA GLN A 76 -7.36 -2.46 6.26
C GLN A 76 -6.37 -1.37 6.67
N VAL A 77 -6.35 -0.28 5.92
CA VAL A 77 -5.46 0.83 6.20
C VAL A 77 -6.05 2.15 5.73
N THR A 78 -5.61 3.25 6.33
CA THR A 78 -6.10 4.58 5.97
C THR A 78 -4.99 5.43 5.37
N ILE A 79 -5.29 6.09 4.25
CA ILE A 79 -4.31 6.93 3.58
C ILE A 79 -4.73 8.40 3.63
N GLN A 80 -4.24 9.11 4.64
CA GLN A 80 -4.57 10.53 4.80
C GLN A 80 -3.59 11.40 4.02
N ASN A 81 -3.76 12.72 4.14
CA ASN A 81 -2.90 13.66 3.43
C ASN A 81 -3.07 13.55 1.93
N LEU A 82 -4.33 13.48 1.48
CA LEU A 82 -4.62 13.37 0.06
C LEU A 82 -5.41 14.58 -0.42
N MET A 83 -5.59 14.68 -1.74
CA MET A 83 -6.32 15.79 -2.33
C MET A 83 -7.69 15.34 -2.82
N PRO A 84 -8.72 16.15 -2.56
CA PRO A 84 -10.10 15.85 -2.97
C PRO A 84 -10.28 15.95 -4.48
N ALA A 85 -11.24 15.19 -5.00
CA ALA A 85 -11.52 15.20 -6.44
C ALA A 85 -10.26 14.94 -7.24
N THR A 86 -9.44 14.00 -6.78
CA THR A 86 -8.21 13.65 -7.45
C THR A 86 -7.98 12.14 -7.45
N VAL A 87 -7.90 11.57 -8.66
CA VAL A 87 -7.69 10.14 -8.80
C VAL A 87 -6.34 9.72 -8.25
N TYR A 88 -6.29 8.54 -7.63
CA TYR A 88 -5.05 8.03 -7.05
C TYR A 88 -4.94 6.52 -7.24
N ILE A 89 -3.81 6.06 -7.76
CA ILE A 89 -3.58 4.64 -7.98
C ILE A 89 -2.92 4.00 -6.78
N PHE A 90 -3.69 3.24 -6.02
CA PHE A 90 -3.17 2.55 -4.83
C PHE A 90 -2.69 1.15 -5.18
N ARG A 91 -1.68 0.68 -4.46
CA ARG A 91 -1.13 -0.65 -4.68
C ARG A 91 -0.75 -1.32 -3.36
N VAL A 92 -1.39 -2.44 -3.06
CA VAL A 92 -1.11 -3.17 -1.84
C VAL A 92 -0.10 -4.29 -2.07
N MET A 93 0.78 -4.51 -1.10
CA MET A 93 1.80 -5.54 -1.21
C MET A 93 2.16 -6.08 0.17
N ALA A 94 2.33 -7.40 0.26
CA ALA A 94 2.68 -8.04 1.52
C ALA A 94 4.19 -8.03 1.74
N GLN A 95 4.61 -8.17 2.99
CA GLN A 95 6.03 -8.17 3.33
C GLN A 95 6.30 -9.12 4.49
N ASN A 96 7.05 -10.18 4.22
CA ASN A 96 7.38 -11.17 5.24
C ASN A 96 8.88 -11.12 5.56
N LYS A 97 9.31 -12.01 6.46
CA LYS A 97 10.70 -12.08 6.86
C LYS A 97 11.62 -11.84 5.66
N HIS A 98 11.13 -12.19 4.47
CA HIS A 98 11.91 -12.02 3.24
C HIS A 98 11.96 -10.55 2.85
N GLY A 99 10.84 -10.02 2.37
CA GLY A 99 10.77 -8.63 1.96
C GLY A 99 9.54 -8.32 1.15
N SER A 100 9.68 -7.45 0.16
CA SER A 100 8.57 -7.06 -0.69
C SER A 100 8.35 -8.08 -1.80
N GLY A 101 7.18 -8.71 -1.80
CA GLY A 101 6.86 -9.70 -2.81
C GLY A 101 6.39 -9.08 -4.11
N GLU A 102 5.08 -9.18 -4.36
CA GLU A 102 4.51 -8.62 -5.58
C GLU A 102 3.53 -7.49 -5.25
N SER A 103 3.43 -6.52 -6.15
CA SER A 103 2.53 -5.38 -5.96
C SER A 103 1.17 -5.66 -6.59
N SER A 104 0.14 -5.72 -5.74
CA SER A 104 -1.22 -5.98 -6.20
C SER A 104 -1.57 -5.09 -7.38
N ALA A 105 -2.75 -5.29 -7.95
CA ALA A 105 -3.20 -4.50 -9.08
C ALA A 105 -3.48 -3.06 -8.66
N PRO A 106 -3.21 -2.12 -9.59
CA PRO A 106 -3.41 -0.69 -9.35
C PRO A 106 -4.89 -0.31 -9.25
N LEU A 107 -5.34 -0.01 -8.04
CA LEU A 107 -6.73 0.36 -7.81
C LEU A 107 -6.94 1.85 -8.05
N ARG A 108 -7.74 2.19 -9.07
CA ARG A 108 -8.02 3.58 -9.39
C ARG A 108 -9.12 4.13 -8.51
N VAL A 109 -8.73 4.90 -7.49
CA VAL A 109 -9.68 5.49 -6.56
C VAL A 109 -9.71 7.01 -6.71
N GLU A 110 -10.92 7.56 -6.80
CA GLU A 110 -11.09 9.00 -6.95
C GLU A 110 -11.81 9.58 -5.73
N THR A 111 -11.18 10.56 -5.09
CA THR A 111 -11.76 11.20 -3.92
C THR A 111 -12.98 12.03 -4.28
N GLN A 112 -13.59 12.67 -3.28
CA GLN A 112 -14.77 13.48 -3.51
C GLN A 112 -14.44 14.96 -3.41
N PRO A 113 -15.13 15.79 -4.21
CA PRO A 113 -14.92 17.24 -4.22
C PRO A 113 -15.42 17.91 -2.95
N GLU A 114 -14.49 18.40 -2.15
CA GLU A 114 -14.83 19.06 -0.90
C GLU A 114 -14.68 20.58 -1.02
N SER A 115 -13.56 21.01 -1.60
CA SER A 115 -13.29 22.43 -1.77
C SER A 115 -14.58 23.20 -2.05
N GLY A 116 -14.71 24.38 -1.45
CA GLY A 116 -15.89 25.19 -1.65
C GLY A 116 -16.14 26.13 -0.50
N PRO A 117 -17.40 26.58 -0.34
CA PRO A 117 -17.81 27.49 0.73
C PRO A 117 -17.77 26.82 2.10
N SER A 118 -17.48 25.52 2.12
CA SER A 118 -17.42 24.78 3.37
C SER A 118 -16.62 25.54 4.42
N SER A 119 -15.34 25.75 4.14
CA SER A 119 -14.46 26.46 5.07
C SER A 119 -14.94 27.89 5.26
N GLY A 120 -15.01 28.65 4.18
CA GLY A 120 -15.45 30.03 4.26
C GLY A 120 -14.38 30.95 4.81
N GLY A 1 14.65 13.59 23.31
CA GLY A 1 14.61 14.39 22.11
C GLY A 1 15.88 14.25 21.27
N SER A 2 15.74 13.58 20.13
CA SER A 2 16.89 13.37 19.23
C SER A 2 16.43 12.75 17.92
N SER A 3 17.37 12.60 16.99
CA SER A 3 17.07 12.02 15.69
C SER A 3 18.22 11.14 15.21
N GLY A 4 17.95 10.33 14.19
CA GLY A 4 18.98 9.44 13.67
C GLY A 4 18.43 8.47 12.64
N SER A 5 19.01 8.47 11.45
CA SER A 5 18.57 7.58 10.38
C SER A 5 19.63 6.54 10.06
N SER A 6 19.30 5.27 10.28
CA SER A 6 20.23 4.18 10.02
C SER A 6 19.50 2.84 9.97
N GLY A 7 19.79 2.05 8.94
CA GLY A 7 19.15 0.76 8.81
C GLY A 7 19.87 -0.15 7.83
N GLU A 8 20.25 -1.34 8.29
CA GLU A 8 20.96 -2.29 7.45
C GLU A 8 20.02 -3.37 6.93
N HIS A 9 20.43 -4.05 5.86
CA HIS A 9 19.61 -5.10 5.26
C HIS A 9 20.35 -6.43 5.29
N ALA A 10 19.60 -7.52 5.33
CA ALA A 10 20.19 -8.86 5.35
C ALA A 10 19.84 -9.63 4.07
N PRO A 11 20.63 -9.39 3.01
CA PRO A 11 20.41 -10.06 1.72
C PRO A 11 20.76 -11.55 1.76
N ALA A 12 21.14 -12.02 2.94
CA ALA A 12 21.49 -13.43 3.13
C ALA A 12 20.26 -14.25 3.52
N THR A 13 20.42 -15.57 3.50
CA THR A 13 19.33 -16.47 3.84
C THR A 13 18.01 -15.99 3.25
N THR A 14 18.01 -15.78 1.93
CA THR A 14 16.81 -15.31 1.24
C THR A 14 16.16 -16.45 0.46
N GLY A 15 14.84 -16.59 0.63
CA GLY A 15 14.12 -17.64 -0.06
C GLY A 15 13.02 -17.09 -0.96
N PRO A 16 11.93 -17.86 -1.09
CA PRO A 16 10.78 -17.47 -1.92
C PRO A 16 10.01 -16.30 -1.32
N LEU A 17 9.39 -15.50 -2.18
CA LEU A 17 8.62 -14.34 -1.75
C LEU A 17 7.12 -14.62 -1.84
N PRO A 18 6.34 -13.95 -0.98
CA PRO A 18 4.89 -14.10 -0.94
C PRO A 18 4.21 -13.52 -2.17
N SER A 19 2.89 -13.39 -2.12
CA SER A 19 2.12 -12.85 -3.23
C SER A 19 1.17 -11.75 -2.75
N ALA A 20 1.04 -10.71 -3.58
CA ALA A 20 0.16 -9.59 -3.24
C ALA A 20 -1.22 -10.08 -2.81
N PRO A 21 -1.88 -9.30 -1.95
CA PRO A 21 -3.21 -9.62 -1.43
C PRO A 21 -4.29 -9.51 -2.51
N ARG A 22 -5.48 -10.03 -2.20
CA ARG A 22 -6.58 -10.00 -3.14
C ARG A 22 -7.74 -9.17 -2.58
N ASP A 23 -8.85 -9.15 -3.31
CA ASP A 23 -10.03 -8.39 -2.90
C ASP A 23 -9.65 -6.96 -2.51
N VAL A 24 -8.73 -6.37 -3.28
CA VAL A 24 -8.29 -5.01 -3.03
C VAL A 24 -9.37 -4.00 -3.41
N VAL A 25 -9.89 -3.29 -2.40
CA VAL A 25 -10.93 -2.29 -2.63
C VAL A 25 -10.85 -1.17 -1.61
N ALA A 26 -11.68 -0.15 -1.78
CA ALA A 26 -11.69 0.98 -0.86
C ALA A 26 -12.96 0.97 -0.01
N SER A 27 -12.82 0.58 1.25
CA SER A 27 -13.95 0.52 2.17
C SER A 27 -14.64 1.88 2.27
N LEU A 28 -13.87 2.94 2.06
CA LEU A 28 -14.40 4.30 2.12
C LEU A 28 -13.50 5.27 1.36
N VAL A 29 -14.11 6.33 0.84
CA VAL A 29 -13.36 7.34 0.09
C VAL A 29 -13.61 8.74 0.65
N SER A 30 -12.67 9.23 1.43
CA SER A 30 -12.78 10.55 2.03
C SER A 30 -12.23 11.62 1.11
N THR A 31 -12.57 12.88 1.38
CA THR A 31 -12.11 14.00 0.57
C THR A 31 -10.64 14.32 0.87
N ARG A 32 -10.18 13.91 2.04
CA ARG A 32 -8.79 14.15 2.43
C ARG A 32 -8.04 12.84 2.63
N PHE A 33 -8.76 11.73 2.48
CA PHE A 33 -8.15 10.41 2.63
C PHE A 33 -9.02 9.34 1.97
N ILE A 34 -8.56 8.09 2.05
CA ILE A 34 -9.29 6.98 1.45
C ILE A 34 -9.04 5.69 2.22
N LYS A 35 -10.11 5.04 2.66
CA LYS A 35 -10.01 3.79 3.40
C LYS A 35 -9.88 2.60 2.45
N LEU A 36 -8.81 1.83 2.64
CA LEU A 36 -8.57 0.66 1.81
C LEU A 36 -8.88 -0.63 2.56
N THR A 37 -9.15 -1.70 1.82
CA THR A 37 -9.46 -3.00 2.42
C THR A 37 -9.17 -4.14 1.46
N TRP A 38 -8.52 -5.18 1.96
CA TRP A 38 -8.17 -6.34 1.14
C TRP A 38 -8.14 -7.60 1.99
N ARG A 39 -8.10 -8.75 1.31
CA ARG A 39 -8.06 -10.04 2.00
C ARG A 39 -6.64 -10.60 2.05
N THR A 40 -6.50 -11.77 2.66
CA THR A 40 -5.18 -12.40 2.77
C THR A 40 -4.72 -12.94 1.43
N PRO A 41 -3.40 -12.92 1.20
CA PRO A 41 -2.81 -13.41 -0.04
C PRO A 41 -2.89 -14.93 -0.17
N ALA A 42 -3.01 -15.41 -1.40
CA ALA A 42 -3.09 -16.84 -1.65
C ALA A 42 -1.92 -17.59 -1.01
N SER A 43 -0.75 -16.95 -1.01
CA SER A 43 0.45 -17.55 -0.44
C SER A 43 0.36 -17.57 1.08
N ASP A 44 -0.09 -16.47 1.67
CA ASP A 44 -0.21 -16.37 3.11
C ASP A 44 -1.67 -16.23 3.53
N PRO A 45 -2.29 -17.35 3.92
CA PRO A 45 -3.69 -17.38 4.34
C PRO A 45 -3.91 -16.68 5.67
N HIS A 46 -2.83 -16.50 6.43
CA HIS A 46 -2.91 -15.83 7.72
C HIS A 46 -2.26 -14.45 7.66
N GLY A 47 -1.32 -14.28 6.75
CA GLY A 47 -0.64 -13.01 6.61
C GLY A 47 -0.53 -12.26 7.92
N ASP A 48 -0.24 -12.99 9.00
CA ASP A 48 -0.11 -12.38 10.31
C ASP A 48 1.35 -12.13 10.65
N ASN A 49 2.25 -12.77 9.90
CA ASN A 49 3.68 -12.61 10.12
C ASN A 49 4.30 -11.73 9.04
N LEU A 50 3.45 -11.03 8.29
CA LEU A 50 3.91 -10.15 7.23
C LEU A 50 3.14 -8.84 7.23
N THR A 51 3.83 -7.75 6.91
CA THR A 51 3.21 -6.43 6.88
C THR A 51 2.65 -6.13 5.49
N TYR A 52 1.88 -5.04 5.39
CA TYR A 52 1.29 -4.64 4.12
C TYR A 52 1.63 -3.20 3.78
N SER A 53 2.17 -2.98 2.59
CA SER A 53 2.55 -1.64 2.16
C SER A 53 1.61 -1.14 1.07
N VAL A 54 1.20 0.12 1.20
CA VAL A 54 0.28 0.72 0.22
C VAL A 54 0.95 1.90 -0.49
N PHE A 55 1.03 1.82 -1.81
CA PHE A 55 1.63 2.88 -2.60
C PHE A 55 0.57 3.66 -3.37
N TYR A 56 0.45 4.95 -3.05
CA TYR A 56 -0.53 5.80 -3.71
C TYR A 56 0.15 6.94 -4.48
N THR A 57 -0.39 7.26 -5.65
CA THR A 57 0.17 8.32 -6.48
C THR A 57 -0.85 8.81 -7.50
N LYS A 58 -0.85 10.12 -7.75
CA LYS A 58 -1.77 10.72 -8.71
C LYS A 58 -1.54 10.17 -10.10
N GLU A 59 -2.62 9.82 -10.79
CA GLU A 59 -2.53 9.28 -12.15
C GLU A 59 -1.55 10.09 -12.98
N GLY A 60 -0.45 9.46 -13.38
CA GLY A 60 0.55 10.13 -14.18
C GLY A 60 1.83 10.40 -13.42
N ILE A 61 1.69 10.97 -12.22
CA ILE A 61 2.84 11.27 -11.39
C ILE A 61 3.74 10.05 -11.21
N ALA A 62 5.03 10.21 -11.51
CA ALA A 62 5.99 9.13 -11.38
C ALA A 62 6.57 9.07 -9.98
N ARG A 63 5.80 9.55 -9.01
CA ARG A 63 6.24 9.56 -7.61
C ARG A 63 5.13 9.08 -6.69
N GLU A 64 5.36 7.95 -6.04
CA GLU A 64 4.37 7.39 -5.12
C GLU A 64 4.98 7.18 -3.74
N ARG A 65 4.13 7.29 -2.71
CA ARG A 65 4.59 7.11 -1.34
C ARG A 65 4.00 5.83 -0.73
N VAL A 66 4.82 5.12 0.04
CA VAL A 66 4.40 3.88 0.67
C VAL A 66 3.96 4.12 2.11
N GLU A 67 2.91 3.42 2.53
CA GLU A 67 2.40 3.56 3.89
C GLU A 67 2.27 2.20 4.56
N ASN A 68 3.11 1.95 5.55
CA ASN A 68 3.09 0.68 6.28
C ASN A 68 1.96 0.67 7.30
N THR A 69 1.12 -0.36 7.23
CA THR A 69 0.00 -0.49 8.14
C THR A 69 0.45 -0.39 9.60
N SER A 70 -0.14 0.55 10.33
CA SER A 70 0.21 0.76 11.73
C SER A 70 0.53 -0.57 12.41
N HIS A 71 -0.13 -1.63 11.96
CA HIS A 71 0.08 -2.96 12.53
C HIS A 71 0.19 -4.00 11.43
N PRO A 72 1.06 -5.01 11.66
CA PRO A 72 1.28 -6.09 10.69
C PRO A 72 0.07 -7.02 10.58
N GLY A 73 -0.29 -7.37 9.35
CA GLY A 73 -1.42 -8.25 9.13
C GLY A 73 -2.69 -7.49 8.83
N GLU A 74 -2.75 -6.25 9.26
CA GLU A 74 -3.93 -5.41 9.03
C GLU A 74 -4.47 -5.62 7.62
N MET A 75 -5.73 -6.02 7.53
CA MET A 75 -6.37 -6.26 6.24
C MET A 75 -6.97 -4.97 5.69
N GLN A 76 -6.64 -3.84 6.32
CA GLN A 76 -7.14 -2.55 5.88
C GLN A 76 -6.28 -1.42 6.44
N VAL A 77 -6.22 -0.30 5.71
CA VAL A 77 -5.43 0.84 6.14
C VAL A 77 -6.05 2.15 5.64
N THR A 78 -5.59 3.27 6.19
CA THR A 78 -6.10 4.58 5.81
C THR A 78 -5.02 5.42 5.16
N ILE A 79 -5.37 6.11 4.08
CA ILE A 79 -4.41 6.96 3.37
C ILE A 79 -4.84 8.42 3.42
N GLN A 80 -4.32 9.15 4.41
CA GLN A 80 -4.65 10.56 4.57
C GLN A 80 -3.66 11.43 3.80
N ASN A 81 -3.90 12.74 3.82
CA ASN A 81 -3.03 13.69 3.14
C ASN A 81 -3.20 13.58 1.62
N LEU A 82 -4.45 13.59 1.18
CA LEU A 82 -4.76 13.50 -0.25
C LEU A 82 -5.56 14.70 -0.71
N MET A 83 -5.73 14.82 -2.03
CA MET A 83 -6.49 15.93 -2.60
C MET A 83 -7.86 15.47 -3.07
N PRO A 84 -8.90 16.28 -2.78
CA PRO A 84 -10.27 15.97 -3.16
C PRO A 84 -10.49 16.07 -4.67
N ALA A 85 -11.38 15.23 -5.20
CA ALA A 85 -11.69 15.25 -6.63
C ALA A 85 -10.45 14.87 -7.45
N THR A 86 -9.58 14.03 -6.87
CA THR A 86 -8.38 13.61 -7.54
C THR A 86 -8.16 12.10 -7.38
N VAL A 87 -8.00 11.41 -8.50
CA VAL A 87 -7.77 9.97 -8.48
C VAL A 87 -6.41 9.62 -7.90
N TYR A 88 -6.28 8.42 -7.37
CA TYR A 88 -5.03 7.97 -6.78
C TYR A 88 -4.86 6.46 -6.93
N ILE A 89 -3.84 6.06 -7.67
CA ILE A 89 -3.57 4.64 -7.89
C ILE A 89 -2.96 3.99 -6.65
N PHE A 90 -3.78 3.22 -5.94
CA PHE A 90 -3.33 2.54 -4.73
C PHE A 90 -2.88 1.12 -5.03
N ARG A 91 -1.74 0.72 -4.49
CA ARG A 91 -1.20 -0.62 -4.70
C ARG A 91 -0.86 -1.29 -3.38
N VAL A 92 -1.50 -2.43 -3.11
CA VAL A 92 -1.28 -3.17 -1.88
C VAL A 92 -0.25 -4.27 -2.09
N MET A 93 0.70 -4.37 -1.15
CA MET A 93 1.74 -5.38 -1.23
C MET A 93 2.01 -6.00 0.14
N ALA A 94 2.43 -7.26 0.14
CA ALA A 94 2.72 -7.96 1.39
C ALA A 94 4.22 -8.03 1.63
N GLN A 95 4.61 -8.09 2.91
CA GLN A 95 6.01 -8.15 3.28
C GLN A 95 6.22 -9.07 4.48
N ASN A 96 7.14 -10.03 4.34
CA ASN A 96 7.43 -10.97 5.41
C ASN A 96 8.89 -10.89 5.82
N LYS A 97 9.30 -11.79 6.71
CA LYS A 97 10.67 -11.82 7.19
C LYS A 97 11.66 -11.72 6.03
N HIS A 98 11.18 -12.03 4.83
CA HIS A 98 12.02 -11.98 3.64
C HIS A 98 12.12 -10.54 3.11
N GLY A 99 10.99 -10.00 2.67
CA GLY A 99 10.98 -8.65 2.14
C GLY A 99 9.71 -8.35 1.36
N SER A 100 9.86 -7.57 0.28
CA SER A 100 8.71 -7.22 -0.55
C SER A 100 8.48 -8.26 -1.65
N GLY A 101 7.29 -8.83 -1.66
CA GLY A 101 6.96 -9.84 -2.66
C GLY A 101 6.40 -9.23 -3.93
N GLU A 102 5.18 -9.62 -4.28
CA GLU A 102 4.53 -9.11 -5.48
C GLU A 102 3.54 -7.99 -5.14
N SER A 103 3.59 -6.92 -5.91
CA SER A 103 2.71 -5.77 -5.68
C SER A 103 1.35 -6.00 -6.33
N SER A 104 0.29 -5.85 -5.55
CA SER A 104 -1.07 -6.05 -6.05
C SER A 104 -1.34 -5.15 -7.24
N ALA A 105 -2.52 -5.31 -7.84
CA ALA A 105 -2.90 -4.51 -9.00
C ALA A 105 -3.25 -3.08 -8.59
N PRO A 106 -2.96 -2.13 -9.48
CA PRO A 106 -3.24 -0.70 -9.24
C PRO A 106 -4.73 -0.39 -9.22
N LEU A 107 -5.21 0.10 -8.08
CA LEU A 107 -6.62 0.44 -7.93
C LEU A 107 -6.85 1.93 -8.15
N ARG A 108 -7.86 2.26 -8.96
CA ARG A 108 -8.17 3.65 -9.25
C ARG A 108 -9.27 4.16 -8.32
N VAL A 109 -8.89 5.03 -7.40
CA VAL A 109 -9.84 5.60 -6.45
C VAL A 109 -9.90 7.12 -6.58
N GLU A 110 -11.12 7.64 -6.78
CA GLU A 110 -11.32 9.07 -6.92
C GLU A 110 -12.02 9.64 -5.69
N THR A 111 -11.38 10.62 -5.05
CA THR A 111 -11.93 11.24 -3.86
C THR A 111 -13.18 12.04 -4.20
N GLN A 112 -13.80 12.62 -3.18
CA GLN A 112 -15.01 13.41 -3.37
C GLN A 112 -14.70 14.91 -3.31
N PRO A 113 -15.38 15.68 -4.17
CA PRO A 113 -15.19 17.14 -4.23
C PRO A 113 -15.73 17.85 -3.00
N GLU A 114 -14.84 18.21 -2.09
CA GLU A 114 -15.24 18.90 -0.86
C GLU A 114 -15.41 20.40 -1.11
N SER A 115 -14.50 20.97 -1.90
CA SER A 115 -14.55 22.39 -2.21
C SER A 115 -15.63 22.68 -3.25
N GLY A 116 -15.61 21.92 -4.35
CA GLY A 116 -16.59 22.11 -5.39
C GLY A 116 -18.01 21.94 -4.91
N PRO A 117 -18.95 22.69 -5.51
CA PRO A 117 -20.37 22.63 -5.14
C PRO A 117 -21.02 21.31 -5.54
N SER A 118 -22.21 21.06 -5.00
CA SER A 118 -22.93 19.82 -5.29
C SER A 118 -24.38 20.12 -5.65
N SER A 119 -25.02 19.20 -6.37
CA SER A 119 -26.41 19.37 -6.78
C SER A 119 -27.35 18.82 -5.72
N GLY A 120 -28.22 19.69 -5.21
CA GLY A 120 -29.16 19.28 -4.19
C GLY A 120 -28.49 18.83 -2.90
N GLY A 1 33.19 17.36 -19.89
CA GLY A 1 32.32 16.44 -19.17
C GLY A 1 32.31 16.68 -17.68
N SER A 2 31.41 16.00 -16.98
CA SER A 2 31.31 16.14 -15.53
C SER A 2 30.54 14.97 -14.92
N SER A 3 31.22 14.20 -14.07
CA SER A 3 30.60 13.05 -13.43
C SER A 3 31.47 12.55 -12.28
N GLY A 4 30.85 11.81 -11.35
CA GLY A 4 31.58 11.28 -10.22
C GLY A 4 30.91 10.06 -9.62
N SER A 5 29.73 10.26 -9.02
CA SER A 5 28.99 9.18 -8.40
C SER A 5 28.30 8.32 -9.46
N SER A 6 28.95 7.23 -9.86
CA SER A 6 28.40 6.34 -10.86
C SER A 6 27.12 5.67 -10.36
N GLY A 7 27.19 5.10 -9.16
CA GLY A 7 26.03 4.45 -8.59
C GLY A 7 26.11 2.94 -8.68
N GLU A 8 26.44 2.29 -7.57
CA GLU A 8 26.55 0.84 -7.53
C GLU A 8 25.42 0.22 -6.73
N HIS A 9 25.27 -1.10 -6.84
CA HIS A 9 24.22 -1.81 -6.11
C HIS A 9 24.71 -3.17 -5.64
N ALA A 10 24.23 -3.60 -4.48
CA ALA A 10 24.62 -4.89 -3.92
C ALA A 10 23.40 -5.75 -3.61
N PRO A 11 23.27 -6.86 -4.35
CA PRO A 11 22.14 -7.80 -4.17
C PRO A 11 22.22 -8.56 -2.85
N ALA A 12 21.10 -9.16 -2.46
CA ALA A 12 21.04 -9.91 -1.21
C ALA A 12 20.35 -11.26 -1.41
N THR A 13 20.86 -12.28 -0.76
CA THR A 13 20.29 -13.62 -0.86
C THR A 13 18.93 -13.70 -0.19
N THR A 14 17.97 -14.36 -0.85
CA THR A 14 16.63 -14.50 -0.31
C THR A 14 15.86 -15.61 -1.03
N GLY A 15 15.08 -16.36 -0.26
CA GLY A 15 14.30 -17.45 -0.84
C GLY A 15 13.12 -16.94 -1.64
N PRO A 16 12.03 -17.74 -1.64
CA PRO A 16 10.80 -17.39 -2.36
C PRO A 16 10.06 -16.22 -1.72
N LEU A 17 9.42 -15.41 -2.54
CA LEU A 17 8.68 -14.25 -2.06
C LEU A 17 7.17 -14.50 -2.12
N PRO A 18 6.42 -13.85 -1.22
CA PRO A 18 4.97 -13.99 -1.15
C PRO A 18 4.27 -13.34 -2.35
N SER A 19 2.94 -13.35 -2.32
CA SER A 19 2.15 -12.76 -3.40
C SER A 19 1.24 -11.66 -2.87
N ALA A 20 1.03 -10.63 -3.69
CA ALA A 20 0.18 -9.52 -3.31
C ALA A 20 -1.20 -9.99 -2.87
N PRO A 21 -1.84 -9.22 -1.99
CA PRO A 21 -3.17 -9.54 -1.47
C PRO A 21 -4.26 -9.41 -2.52
N ARG A 22 -5.45 -9.91 -2.21
CA ARG A 22 -6.58 -9.86 -3.13
C ARG A 22 -7.71 -9.02 -2.56
N ASP A 23 -8.83 -8.97 -3.27
CA ASP A 23 -9.99 -8.21 -2.83
C ASP A 23 -9.61 -6.78 -2.50
N VAL A 24 -8.62 -6.25 -3.24
CA VAL A 24 -8.16 -4.89 -3.02
C VAL A 24 -9.23 -3.86 -3.38
N VAL A 25 -9.91 -3.34 -2.37
CA VAL A 25 -10.96 -2.35 -2.58
C VAL A 25 -10.92 -1.27 -1.51
N ALA A 26 -11.57 -0.14 -1.80
CA ALA A 26 -11.62 0.97 -0.86
C ALA A 26 -12.90 0.95 -0.04
N SER A 27 -12.79 0.55 1.22
CA SER A 27 -13.95 0.48 2.10
C SER A 27 -14.65 1.83 2.19
N LEU A 28 -13.88 2.91 2.00
CA LEU A 28 -14.43 4.26 2.06
C LEU A 28 -13.52 5.24 1.35
N VAL A 29 -14.11 6.32 0.82
CA VAL A 29 -13.35 7.33 0.11
C VAL A 29 -13.61 8.72 0.69
N SER A 30 -12.65 9.24 1.43
CA SER A 30 -12.77 10.56 2.05
C SER A 30 -12.19 11.63 1.14
N THR A 31 -12.52 12.89 1.44
CA THR A 31 -12.04 14.02 0.65
C THR A 31 -10.58 14.34 0.99
N ARG A 32 -10.12 13.84 2.12
CA ARG A 32 -8.75 14.09 2.56
C ARG A 32 -8.00 12.76 2.74
N PHE A 33 -8.72 11.65 2.57
CA PHE A 33 -8.12 10.33 2.70
C PHE A 33 -8.99 9.27 2.04
N ILE A 34 -8.54 8.02 2.11
CA ILE A 34 -9.29 6.91 1.53
C ILE A 34 -9.06 5.62 2.30
N LYS A 35 -10.15 4.98 2.70
CA LYS A 35 -10.08 3.73 3.46
C LYS A 35 -9.91 2.54 2.51
N LEU A 36 -8.83 1.79 2.71
CA LEU A 36 -8.55 0.61 1.88
C LEU A 36 -8.90 -0.67 2.62
N THR A 37 -9.19 -1.72 1.86
CA THR A 37 -9.52 -3.01 2.45
C THR A 37 -9.24 -4.15 1.48
N TRP A 38 -8.43 -5.11 1.92
CA TRP A 38 -8.08 -6.25 1.09
C TRP A 38 -8.04 -7.53 1.91
N ARG A 39 -8.00 -8.66 1.22
CA ARG A 39 -7.96 -9.96 1.89
C ARG A 39 -6.54 -10.53 1.91
N THR A 40 -6.38 -11.68 2.54
CA THR A 40 -5.08 -12.33 2.63
C THR A 40 -4.64 -12.87 1.26
N PRO A 41 -3.32 -12.88 1.02
CA PRO A 41 -2.74 -13.37 -0.23
C PRO A 41 -2.88 -14.88 -0.37
N ALA A 42 -2.96 -15.34 -1.62
CA ALA A 42 -3.08 -16.77 -1.89
C ALA A 42 -1.93 -17.55 -1.29
N SER A 43 -0.79 -16.88 -1.14
CA SER A 43 0.40 -17.52 -0.58
C SER A 43 0.34 -17.54 0.95
N ASP A 44 -0.20 -16.47 1.53
CA ASP A 44 -0.33 -16.37 2.97
C ASP A 44 -1.79 -16.24 3.39
N PRO A 45 -2.39 -17.38 3.78
CA PRO A 45 -3.80 -17.42 4.20
C PRO A 45 -4.02 -16.74 5.54
N HIS A 46 -2.92 -16.34 6.19
CA HIS A 46 -2.99 -15.67 7.48
C HIS A 46 -2.39 -14.27 7.40
N GLY A 47 -1.47 -14.08 6.47
CA GLY A 47 -0.83 -12.79 6.31
C GLY A 47 -0.71 -12.03 7.61
N ASP A 48 -0.45 -12.75 8.69
CA ASP A 48 -0.31 -12.14 10.01
C ASP A 48 1.15 -11.92 10.36
N ASN A 49 2.03 -12.72 9.76
CA ASN A 49 3.46 -12.63 10.01
C ASN A 49 4.13 -11.78 8.94
N LEU A 50 3.35 -10.94 8.28
CA LEU A 50 3.88 -10.07 7.23
C LEU A 50 3.08 -8.78 7.15
N THR A 51 3.79 -7.66 7.03
CA THR A 51 3.15 -6.35 6.94
C THR A 51 2.65 -6.08 5.53
N TYR A 52 1.80 -5.06 5.39
CA TYR A 52 1.25 -4.71 4.09
C TYR A 52 1.57 -3.26 3.74
N SER A 53 2.14 -3.06 2.56
CA SER A 53 2.50 -1.72 2.10
C SER A 53 1.50 -1.20 1.08
N VAL A 54 1.21 0.10 1.15
CA VAL A 54 0.26 0.72 0.23
C VAL A 54 0.90 1.89 -0.51
N PHE A 55 1.02 1.75 -1.83
CA PHE A 55 1.62 2.78 -2.66
C PHE A 55 0.55 3.58 -3.39
N TYR A 56 0.48 4.88 -3.10
CA TYR A 56 -0.51 5.76 -3.72
C TYR A 56 0.18 6.84 -4.55
N THR A 57 -0.42 7.17 -5.69
CA THR A 57 0.13 8.20 -6.57
C THR A 57 -0.91 8.70 -7.55
N LYS A 58 -0.87 10.00 -7.85
CA LYS A 58 -1.82 10.60 -8.77
C LYS A 58 -1.55 10.14 -10.21
N GLU A 59 -2.62 9.77 -10.91
CA GLU A 59 -2.50 9.30 -12.29
C GLU A 59 -1.45 10.11 -13.05
N GLY A 60 -1.36 11.39 -12.73
CA GLY A 60 -0.39 12.25 -13.39
C GLY A 60 0.98 12.18 -12.75
N ILE A 61 1.01 12.26 -11.42
CA ILE A 61 2.27 12.20 -10.68
C ILE A 61 2.98 10.87 -10.90
N ALA A 62 4.26 10.95 -11.27
CA ALA A 62 5.06 9.76 -11.51
C ALA A 62 5.77 9.30 -10.24
N ARG A 63 5.22 9.70 -9.10
CA ARG A 63 5.80 9.33 -7.80
C ARG A 63 4.72 8.79 -6.86
N GLU A 64 5.09 7.81 -6.05
CA GLU A 64 4.16 7.23 -5.09
C GLU A 64 4.78 7.15 -3.70
N ARG A 65 3.93 7.01 -2.68
CA ARG A 65 4.40 6.92 -1.31
C ARG A 65 3.90 5.62 -0.65
N VAL A 66 4.79 4.98 0.10
CA VAL A 66 4.44 3.73 0.78
C VAL A 66 4.03 4.00 2.22
N GLU A 67 2.91 3.40 2.63
CA GLU A 67 2.40 3.58 3.99
C GLU A 67 2.23 2.23 4.68
N ASN A 68 3.13 1.92 5.60
CA ASN A 68 3.08 0.66 6.34
C ASN A 68 1.92 0.65 7.33
N THR A 69 1.06 -0.36 7.22
CA THR A 69 -0.09 -0.48 8.10
C THR A 69 0.32 -0.38 9.56
N SER A 70 -0.29 0.54 10.29
CA SER A 70 0.01 0.74 11.70
C SER A 70 0.37 -0.59 12.36
N HIS A 71 -0.34 -1.65 11.97
CA HIS A 71 -0.10 -2.97 12.53
C HIS A 71 0.01 -4.02 11.42
N PRO A 72 0.88 -5.02 11.65
CA PRO A 72 1.09 -6.10 10.68
C PRO A 72 -0.11 -7.03 10.55
N GLY A 73 -0.51 -7.31 9.32
CA GLY A 73 -1.65 -8.18 9.10
C GLY A 73 -2.94 -7.41 8.91
N GLU A 74 -2.90 -6.11 9.17
CA GLU A 74 -4.08 -5.27 9.03
C GLU A 74 -4.65 -5.35 7.62
N MET A 75 -5.86 -5.89 7.51
CA MET A 75 -6.52 -6.04 6.22
C MET A 75 -7.13 -4.71 5.76
N GLN A 76 -6.88 -3.66 6.53
CA GLN A 76 -7.40 -2.34 6.20
C GLN A 76 -6.43 -1.25 6.65
N VAL A 77 -6.32 -0.19 5.84
CA VAL A 77 -5.44 0.93 6.15
C VAL A 77 -6.04 2.25 5.71
N THR A 78 -5.59 3.34 6.32
CA THR A 78 -6.08 4.67 5.98
C THR A 78 -4.97 5.53 5.39
N ILE A 79 -5.27 6.15 4.25
CA ILE A 79 -4.30 7.00 3.57
C ILE A 79 -4.72 8.47 3.64
N GLN A 80 -4.22 9.18 4.63
CA GLN A 80 -4.55 10.59 4.81
C GLN A 80 -3.57 11.48 4.03
N ASN A 81 -3.82 12.78 4.05
CA ASN A 81 -2.97 13.73 3.35
C ASN A 81 -3.17 13.64 1.84
N LEU A 82 -4.42 13.49 1.42
CA LEU A 82 -4.76 13.38 0.00
C LEU A 82 -5.56 14.59 -0.46
N MET A 83 -5.69 14.75 -1.77
CA MET A 83 -6.43 15.86 -2.33
C MET A 83 -7.81 15.41 -2.82
N PRO A 84 -8.83 16.22 -2.55
CA PRO A 84 -10.21 15.93 -2.95
C PRO A 84 -10.41 16.02 -4.46
N ALA A 85 -11.40 15.28 -4.96
CA ALA A 85 -11.69 15.27 -6.39
C ALA A 85 -10.44 14.98 -7.20
N THR A 86 -9.64 14.01 -6.73
CA THR A 86 -8.42 13.63 -7.42
C THR A 86 -8.24 12.11 -7.41
N VAL A 87 -8.00 11.55 -8.59
CA VAL A 87 -7.81 10.11 -8.72
C VAL A 87 -6.44 9.69 -8.21
N TYR A 88 -6.37 8.51 -7.60
CA TYR A 88 -5.13 8.00 -7.06
C TYR A 88 -5.02 6.49 -7.27
N ILE A 89 -3.84 6.04 -7.68
CA ILE A 89 -3.61 4.62 -7.92
C ILE A 89 -2.98 3.95 -6.70
N PHE A 90 -3.80 3.24 -5.93
CA PHE A 90 -3.32 2.55 -4.74
C PHE A 90 -2.85 1.14 -5.07
N ARG A 91 -1.77 0.72 -4.43
CA ARG A 91 -1.22 -0.62 -4.66
C ARG A 91 -0.86 -1.30 -3.35
N VAL A 92 -1.47 -2.46 -3.11
CA VAL A 92 -1.21 -3.21 -1.88
C VAL A 92 -0.17 -4.30 -2.11
N MET A 93 0.70 -4.48 -1.13
CA MET A 93 1.74 -5.50 -1.23
C MET A 93 2.05 -6.09 0.15
N ALA A 94 2.41 -7.37 0.17
CA ALA A 94 2.73 -8.06 1.42
C ALA A 94 4.23 -8.08 1.66
N GLN A 95 4.63 -8.08 2.94
CA GLN A 95 6.03 -8.10 3.31
C GLN A 95 6.27 -9.05 4.48
N ASN A 96 7.20 -9.99 4.30
CA ASN A 96 7.53 -10.94 5.34
C ASN A 96 9.02 -10.89 5.69
N LYS A 97 9.45 -11.81 6.55
CA LYS A 97 10.85 -11.86 6.96
C LYS A 97 11.78 -11.73 5.76
N HIS A 98 11.24 -12.02 4.57
CA HIS A 98 12.02 -11.93 3.34
C HIS A 98 12.07 -10.50 2.83
N GLY A 99 10.90 -9.96 2.50
CA GLY A 99 10.83 -8.60 1.99
C GLY A 99 9.57 -8.33 1.21
N SER A 100 9.66 -7.45 0.21
CA SER A 100 8.51 -7.10 -0.61
C SER A 100 8.36 -8.09 -1.76
N GLY A 101 7.25 -8.83 -1.76
CA GLY A 101 7.00 -9.79 -2.81
C GLY A 101 6.47 -9.16 -4.08
N GLU A 102 5.23 -9.50 -4.43
CA GLU A 102 4.60 -8.95 -5.62
C GLU A 102 3.63 -7.82 -5.27
N SER A 103 3.58 -6.80 -6.12
CA SER A 103 2.71 -5.66 -5.89
C SER A 103 1.32 -5.90 -6.49
N SER A 104 0.29 -5.84 -5.65
CA SER A 104 -1.08 -6.06 -6.10
C SER A 104 -1.40 -5.17 -7.29
N ALA A 105 -2.54 -5.43 -7.92
CA ALA A 105 -2.99 -4.64 -9.07
C ALA A 105 -3.29 -3.21 -8.67
N PRO A 106 -3.05 -2.27 -9.60
CA PRO A 106 -3.28 -0.84 -9.36
C PRO A 106 -4.77 -0.51 -9.28
N LEU A 107 -5.20 -0.05 -8.11
CA LEU A 107 -6.59 0.30 -7.90
C LEU A 107 -6.82 1.79 -8.14
N ARG A 108 -7.79 2.11 -8.99
CA ARG A 108 -8.11 3.50 -9.30
C ARG A 108 -9.20 4.03 -8.37
N VAL A 109 -8.82 4.91 -7.46
CA VAL A 109 -9.76 5.49 -6.52
C VAL A 109 -9.80 7.01 -6.65
N GLU A 110 -11.01 7.56 -6.71
CA GLU A 110 -11.19 9.00 -6.84
C GLU A 110 -11.88 9.58 -5.60
N THR A 111 -11.26 10.61 -5.01
CA THR A 111 -11.82 11.24 -3.83
C THR A 111 -13.06 12.05 -4.16
N GLN A 112 -13.70 12.61 -3.14
CA GLN A 112 -14.91 13.41 -3.33
C GLN A 112 -14.59 14.90 -3.27
N PRO A 113 -15.26 15.69 -4.11
CA PRO A 113 -15.07 17.13 -4.18
C PRO A 113 -15.61 17.85 -2.94
N GLU A 114 -14.71 18.28 -2.07
CA GLU A 114 -15.10 18.98 -0.84
C GLU A 114 -16.11 20.08 -1.14
N SER A 115 -16.58 20.75 -0.09
CA SER A 115 -17.56 21.82 -0.24
C SER A 115 -16.89 23.18 -0.08
N GLY A 116 -16.21 23.63 -1.13
CA GLY A 116 -15.54 24.91 -1.08
C GLY A 116 -14.46 24.98 -0.02
N PRO A 117 -13.95 26.18 0.25
CA PRO A 117 -12.91 26.40 1.25
C PRO A 117 -13.42 26.20 2.68
N SER A 118 -12.57 25.66 3.54
CA SER A 118 -12.93 25.41 4.93
C SER A 118 -12.46 26.54 5.83
N SER A 119 -13.41 27.29 6.37
CA SER A 119 -13.09 28.42 7.24
C SER A 119 -13.33 28.04 8.71
N GLY A 120 -12.54 28.65 9.59
CA GLY A 120 -12.69 28.37 11.01
C GLY A 120 -13.26 29.55 11.78
N GLY A 1 27.01 17.58 -21.37
CA GLY A 1 27.08 16.35 -20.62
C GLY A 1 25.93 16.19 -19.64
N SER A 2 26.03 15.20 -18.76
CA SER A 2 24.99 14.93 -17.79
C SER A 2 25.59 14.44 -16.47
N SER A 3 24.79 14.47 -15.41
CA SER A 3 25.24 14.03 -14.10
C SER A 3 24.66 12.67 -13.75
N GLY A 4 25.19 12.06 -12.69
CA GLY A 4 24.71 10.74 -12.28
C GLY A 4 24.97 10.48 -10.80
N SER A 5 24.54 9.31 -10.34
CA SER A 5 24.73 8.93 -8.94
C SER A 5 25.19 7.49 -8.82
N SER A 6 26.39 7.30 -8.30
CA SER A 6 26.96 5.97 -8.13
C SER A 6 26.65 5.41 -6.75
N GLY A 7 26.89 4.12 -6.56
CA GLY A 7 26.63 3.49 -5.28
C GLY A 7 26.78 1.99 -5.33
N GLU A 8 27.60 1.45 -4.43
CA GLU A 8 27.84 0.01 -4.39
C GLU A 8 26.56 -0.73 -3.99
N HIS A 9 25.82 -1.18 -5.00
CA HIS A 9 24.58 -1.92 -4.77
C HIS A 9 24.51 -3.17 -5.62
N ALA A 10 24.71 -4.32 -5.00
CA ALA A 10 24.67 -5.60 -5.71
C ALA A 10 23.44 -6.41 -5.32
N PRO A 11 22.72 -6.90 -6.33
CA PRO A 11 21.50 -7.70 -6.13
C PRO A 11 21.81 -9.08 -5.54
N ALA A 12 20.82 -9.65 -4.85
CA ALA A 12 20.98 -10.97 -4.23
C ALA A 12 19.65 -11.51 -3.73
N THR A 13 19.12 -12.49 -4.45
CA THR A 13 17.84 -13.10 -4.08
C THR A 13 17.97 -13.95 -2.84
N THR A 14 17.00 -13.85 -1.94
CA THR A 14 17.01 -14.63 -0.70
C THR A 14 15.67 -15.31 -0.47
N GLY A 15 15.59 -16.58 -0.85
CA GLY A 15 14.35 -17.34 -0.66
C GLY A 15 13.22 -16.79 -1.51
N PRO A 16 12.13 -17.56 -1.59
CA PRO A 16 10.95 -17.18 -2.38
C PRO A 16 10.18 -16.02 -1.74
N LEU A 17 9.44 -15.28 -2.56
CA LEU A 17 8.67 -14.14 -2.08
C LEU A 17 7.17 -14.44 -2.14
N PRO A 18 6.40 -13.79 -1.25
CA PRO A 18 4.95 -13.96 -1.19
C PRO A 18 4.24 -13.35 -2.40
N SER A 19 2.92 -13.22 -2.30
CA SER A 19 2.13 -12.65 -3.38
C SER A 19 1.21 -11.56 -2.85
N ALA A 20 1.00 -10.53 -3.67
CA ALA A 20 0.13 -9.41 -3.29
C ALA A 20 -1.23 -9.90 -2.84
N PRO A 21 -1.89 -9.13 -1.97
CA PRO A 21 -3.21 -9.45 -1.45
C PRO A 21 -4.31 -9.37 -2.50
N ARG A 22 -5.45 -9.98 -2.22
CA ARG A 22 -6.58 -9.96 -3.16
C ARG A 22 -7.74 -9.15 -2.60
N ASP A 23 -8.79 -9.03 -3.39
CA ASP A 23 -9.98 -8.27 -2.97
C ASP A 23 -9.59 -6.85 -2.57
N VAL A 24 -8.65 -6.27 -3.30
CA VAL A 24 -8.20 -4.91 -3.02
C VAL A 24 -9.28 -3.89 -3.35
N VAL A 25 -9.98 -3.41 -2.33
CA VAL A 25 -11.04 -2.43 -2.51
C VAL A 25 -10.89 -1.27 -1.53
N ALA A 26 -11.76 -0.27 -1.67
CA ALA A 26 -11.73 0.89 -0.80
C ALA A 26 -12.96 0.94 0.10
N SER A 27 -12.78 0.57 1.36
CA SER A 27 -13.88 0.56 2.33
C SER A 27 -14.56 1.93 2.37
N LEU A 28 -13.80 2.98 2.10
CA LEU A 28 -14.33 4.33 2.11
C LEU A 28 -13.43 5.28 1.33
N VAL A 29 -14.01 6.35 0.81
CA VAL A 29 -13.26 7.34 0.04
C VAL A 29 -13.47 8.74 0.59
N SER A 30 -12.50 9.21 1.39
CA SER A 30 -12.58 10.54 1.99
C SER A 30 -12.04 11.60 1.03
N THR A 31 -12.33 12.86 1.33
CA THR A 31 -11.87 13.96 0.49
C THR A 31 -10.39 14.26 0.74
N ARG A 32 -9.91 13.88 1.92
CA ARG A 32 -8.51 14.11 2.28
C ARG A 32 -7.78 12.78 2.48
N PHE A 33 -8.52 11.68 2.34
CA PHE A 33 -7.94 10.35 2.50
C PHE A 33 -8.83 9.29 1.85
N ILE A 34 -8.41 8.04 1.95
CA ILE A 34 -9.16 6.93 1.37
C ILE A 34 -8.92 5.64 2.16
N LYS A 35 -10.01 5.00 2.58
CA LYS A 35 -9.92 3.75 3.34
C LYS A 35 -9.78 2.56 2.40
N LEU A 36 -8.75 1.75 2.63
CA LEU A 36 -8.51 0.58 1.80
C LEU A 36 -8.82 -0.70 2.56
N THR A 37 -9.15 -1.76 1.84
CA THR A 37 -9.47 -3.04 2.45
C THR A 37 -9.21 -4.20 1.49
N TRP A 38 -8.43 -5.17 1.93
CA TRP A 38 -8.10 -6.33 1.12
C TRP A 38 -8.09 -7.61 1.95
N ARG A 39 -8.01 -8.75 1.27
CA ARG A 39 -8.00 -10.04 1.96
C ARG A 39 -6.60 -10.65 1.95
N THR A 40 -6.47 -11.84 2.52
CA THR A 40 -5.18 -12.52 2.59
C THR A 40 -4.76 -13.03 1.21
N PRO A 41 -3.45 -12.97 0.94
CA PRO A 41 -2.89 -13.42 -0.34
C PRO A 41 -2.96 -14.93 -0.51
N ALA A 42 -3.00 -15.39 -1.76
CA ALA A 42 -3.07 -16.81 -2.05
C ALA A 42 -1.89 -17.56 -1.43
N SER A 43 -0.74 -16.89 -1.37
CA SER A 43 0.47 -17.49 -0.81
C SER A 43 0.39 -17.53 0.71
N ASP A 44 -0.08 -16.43 1.30
CA ASP A 44 -0.20 -16.35 2.75
C ASP A 44 -1.67 -16.30 3.18
N PRO A 45 -2.23 -17.47 3.52
CA PRO A 45 -3.63 -17.58 3.94
C PRO A 45 -3.88 -16.95 5.31
N HIS A 46 -2.79 -16.63 6.01
CA HIS A 46 -2.89 -16.01 7.33
C HIS A 46 -2.33 -14.59 7.32
N GLY A 47 -1.40 -14.33 6.39
CA GLY A 47 -0.80 -13.02 6.29
C GLY A 47 -0.72 -12.31 7.63
N ASP A 48 -0.42 -13.06 8.68
CA ASP A 48 -0.31 -12.50 10.02
C ASP A 48 1.14 -12.21 10.37
N ASN A 49 2.06 -12.85 9.67
CA ASN A 49 3.49 -12.67 9.90
C ASN A 49 4.12 -11.83 8.79
N LEU A 50 3.32 -10.96 8.18
CA LEU A 50 3.80 -10.09 7.11
C LEU A 50 3.02 -8.79 7.07
N THR A 51 3.73 -7.68 6.87
CA THR A 51 3.12 -6.37 6.80
C THR A 51 2.58 -6.08 5.41
N TYR A 52 1.75 -5.05 5.30
CA TYR A 52 1.17 -4.66 4.02
C TYR A 52 1.47 -3.20 3.71
N SER A 53 2.14 -2.96 2.59
CA SER A 53 2.49 -1.61 2.18
C SER A 53 1.54 -1.11 1.10
N VAL A 54 1.12 0.15 1.22
CA VAL A 54 0.22 0.76 0.26
C VAL A 54 0.88 1.92 -0.48
N PHE A 55 1.15 1.72 -1.76
CA PHE A 55 1.79 2.75 -2.57
C PHE A 55 0.73 3.52 -3.38
N TYR A 56 0.64 4.82 -3.10
CA TYR A 56 -0.32 5.68 -3.80
C TYR A 56 0.40 6.73 -4.62
N THR A 57 -0.19 7.09 -5.76
CA THR A 57 0.39 8.09 -6.66
C THR A 57 -0.65 8.64 -7.62
N LYS A 58 -0.70 9.96 -7.73
CA LYS A 58 -1.66 10.61 -8.63
C LYS A 58 -1.45 10.16 -10.07
N GLU A 59 -2.55 9.87 -10.76
CA GLU A 59 -2.49 9.43 -12.14
C GLU A 59 -1.51 10.28 -12.95
N GLY A 60 -0.48 9.63 -13.49
CA GLY A 60 0.51 10.34 -14.27
C GLY A 60 1.82 10.52 -13.52
N ILE A 61 1.72 11.01 -12.28
CA ILE A 61 2.90 11.24 -11.46
C ILE A 61 3.74 9.96 -11.33
N ALA A 62 5.06 10.12 -11.36
CA ALA A 62 5.96 8.99 -11.25
C ALA A 62 6.55 8.89 -9.85
N ARG A 63 5.81 9.40 -8.87
CA ARG A 63 6.26 9.37 -7.48
C ARG A 63 5.12 8.92 -6.55
N GLU A 64 5.30 7.75 -5.95
CA GLU A 64 4.29 7.21 -5.05
C GLU A 64 4.82 7.13 -3.63
N ARG A 65 3.91 7.10 -2.65
CA ARG A 65 4.30 7.02 -1.25
C ARG A 65 3.79 5.73 -0.61
N VAL A 66 4.65 5.09 0.17
CA VAL A 66 4.30 3.84 0.84
C VAL A 66 3.82 4.10 2.26
N GLU A 67 2.80 3.36 2.69
CA GLU A 67 2.26 3.51 4.03
C GLU A 67 2.13 2.15 4.71
N ASN A 68 3.01 1.88 5.68
CA ASN A 68 2.98 0.63 6.41
C ASN A 68 1.81 0.58 7.39
N THR A 69 0.99 -0.45 7.27
CA THR A 69 -0.17 -0.61 8.15
C THR A 69 0.25 -0.52 9.61
N SER A 70 -0.45 0.33 10.37
CA SER A 70 -0.15 0.51 11.79
C SER A 70 0.25 -0.82 12.43
N HIS A 71 -0.30 -1.91 11.91
CA HIS A 71 0.01 -3.24 12.43
C HIS A 71 0.14 -4.26 11.29
N PRO A 72 1.01 -5.25 11.49
CA PRO A 72 1.25 -6.30 10.49
C PRO A 72 0.05 -7.24 10.33
N GLY A 73 -0.42 -7.38 9.09
CA GLY A 73 -1.56 -8.24 8.83
C GLY A 73 -2.84 -7.46 8.63
N GLU A 74 -2.89 -6.24 9.17
CA GLU A 74 -4.07 -5.40 9.05
C GLU A 74 -4.66 -5.48 7.64
N MET A 75 -5.89 -5.97 7.55
CA MET A 75 -6.56 -6.09 6.26
C MET A 75 -7.21 -4.77 5.85
N GLN A 76 -6.86 -3.71 6.56
CA GLN A 76 -7.41 -2.38 6.28
C GLN A 76 -6.44 -1.29 6.71
N VAL A 77 -6.32 -0.26 5.86
CA VAL A 77 -5.43 0.85 6.15
C VAL A 77 -6.01 2.18 5.65
N THR A 78 -5.51 3.28 6.19
CA THR A 78 -5.98 4.60 5.80
C THR A 78 -4.87 5.41 5.16
N ILE A 79 -5.19 6.10 4.06
CA ILE A 79 -4.22 6.91 3.36
C ILE A 79 -4.60 8.39 3.41
N GLN A 80 -4.03 9.12 4.36
CA GLN A 80 -4.31 10.54 4.51
C GLN A 80 -3.36 11.38 3.66
N ASN A 81 -3.49 12.69 3.76
CA ASN A 81 -2.65 13.60 3.00
C ASN A 81 -2.91 13.46 1.49
N LEU A 82 -4.17 13.41 1.12
CA LEU A 82 -4.56 13.29 -0.28
C LEU A 82 -5.37 14.49 -0.74
N MET A 83 -5.54 14.61 -2.05
CA MET A 83 -6.30 15.72 -2.62
C MET A 83 -7.66 15.25 -3.11
N PRO A 84 -8.71 16.04 -2.83
CA PRO A 84 -10.08 15.72 -3.23
C PRO A 84 -10.29 15.84 -4.73
N ALA A 85 -11.32 15.18 -5.24
CA ALA A 85 -11.63 15.22 -6.66
C ALA A 85 -10.40 14.86 -7.50
N THR A 86 -9.57 13.98 -6.96
CA THR A 86 -8.36 13.55 -7.65
C THR A 86 -8.12 12.05 -7.47
N VAL A 87 -8.03 11.34 -8.59
CA VAL A 87 -7.81 9.90 -8.56
C VAL A 87 -6.47 9.56 -7.92
N TYR A 88 -6.33 8.34 -7.43
CA TYR A 88 -5.10 7.90 -6.79
C TYR A 88 -4.90 6.39 -6.98
N ILE A 89 -3.80 6.03 -7.64
CA ILE A 89 -3.50 4.64 -7.90
C ILE A 89 -2.91 3.97 -6.65
N PHE A 90 -3.73 3.18 -5.96
CA PHE A 90 -3.30 2.49 -4.76
C PHE A 90 -2.83 1.07 -5.09
N ARG A 91 -1.73 0.67 -4.46
CA ARG A 91 -1.17 -0.67 -4.69
C ARG A 91 -0.79 -1.33 -3.36
N VAL A 92 -1.43 -2.45 -3.06
CA VAL A 92 -1.15 -3.17 -1.83
C VAL A 92 -0.14 -4.29 -2.07
N MET A 93 0.79 -4.45 -1.13
CA MET A 93 1.82 -5.47 -1.24
C MET A 93 2.18 -6.02 0.14
N ALA A 94 2.37 -7.34 0.22
CA ALA A 94 2.72 -7.99 1.48
C ALA A 94 4.23 -7.95 1.71
N GLN A 95 4.63 -8.08 2.97
CA GLN A 95 6.05 -8.07 3.33
C GLN A 95 6.32 -9.01 4.50
N ASN A 96 7.21 -9.96 4.28
CA ASN A 96 7.57 -10.93 5.31
C ASN A 96 9.06 -10.87 5.62
N LYS A 97 9.50 -11.72 6.55
CA LYS A 97 10.91 -11.76 6.93
C LYS A 97 11.81 -11.57 5.72
N HIS A 98 11.31 -11.95 4.55
CA HIS A 98 12.07 -11.82 3.32
C HIS A 98 12.16 -10.37 2.87
N GLY A 99 11.03 -9.83 2.39
CA GLY A 99 11.01 -8.45 1.94
C GLY A 99 9.73 -8.11 1.22
N SER A 100 9.85 -7.40 0.10
CA SER A 100 8.68 -7.00 -0.68
C SER A 100 8.42 -8.00 -1.80
N GLY A 101 7.26 -8.65 -1.74
CA GLY A 101 6.91 -9.63 -2.76
C GLY A 101 6.31 -8.99 -3.99
N GLU A 102 5.13 -9.46 -4.38
CA GLU A 102 4.45 -8.93 -5.56
C GLU A 102 3.44 -7.86 -5.17
N SER A 103 3.31 -6.83 -6.00
CA SER A 103 2.38 -5.74 -5.74
C SER A 103 1.05 -5.97 -6.46
N SER A 104 -0.05 -5.86 -5.72
CA SER A 104 -1.38 -6.06 -6.29
C SER A 104 -1.63 -5.09 -7.45
N ALA A 105 -2.74 -5.30 -8.14
CA ALA A 105 -3.09 -4.44 -9.27
C ALA A 105 -3.38 -3.02 -8.81
N PRO A 106 -3.06 -2.04 -9.68
CA PRO A 106 -3.28 -0.62 -9.39
C PRO A 106 -4.75 -0.25 -9.35
N LEU A 107 -5.24 0.09 -8.16
CA LEU A 107 -6.64 0.47 -8.00
C LEU A 107 -6.83 1.98 -8.19
N ARG A 108 -7.77 2.34 -9.05
CA ARG A 108 -8.05 3.74 -9.32
C ARG A 108 -9.20 4.25 -8.47
N VAL A 109 -8.87 5.03 -7.43
CA VAL A 109 -9.88 5.57 -6.53
C VAL A 109 -9.97 7.08 -6.67
N GLU A 110 -11.19 7.59 -6.88
CA GLU A 110 -11.40 9.02 -7.02
C GLU A 110 -12.03 9.60 -5.76
N THR A 111 -11.35 10.57 -5.15
CA THR A 111 -11.84 11.21 -3.94
C THR A 111 -13.11 12.01 -4.22
N GLN A 112 -13.64 12.64 -3.17
CA GLN A 112 -14.85 13.44 -3.29
C GLN A 112 -14.53 14.92 -3.25
N PRO A 113 -15.22 15.71 -4.08
CA PRO A 113 -15.02 17.16 -4.16
C PRO A 113 -15.51 17.89 -2.91
N GLU A 114 -14.60 18.12 -1.97
CA GLU A 114 -14.94 18.79 -0.73
C GLU A 114 -15.02 20.31 -0.93
N SER A 115 -16.02 20.92 -0.32
CA SER A 115 -16.21 22.37 -0.45
C SER A 115 -15.84 22.86 -1.85
N GLY A 116 -16.35 22.17 -2.86
CA GLY A 116 -16.06 22.54 -4.24
C GLY A 116 -14.60 22.91 -4.42
N PRO A 117 -14.32 23.72 -5.47
CA PRO A 117 -12.96 24.15 -5.78
C PRO A 117 -12.41 25.13 -4.75
N SER A 118 -11.13 25.47 -4.89
CA SER A 118 -10.49 26.40 -3.97
C SER A 118 -10.79 27.85 -4.36
N SER A 119 -10.70 28.74 -3.37
CA SER A 119 -10.97 30.17 -3.60
C SER A 119 -9.71 30.99 -3.36
N GLY A 120 -9.19 30.92 -2.15
CA GLY A 120 -7.99 31.68 -1.81
C GLY A 120 -8.11 32.36 -0.46
N GLY A 1 10.40 2.22 -10.42
CA GLY A 1 11.58 1.38 -10.55
C GLY A 1 12.87 2.14 -10.30
N SER A 2 13.12 2.46 -9.04
CA SER A 2 14.32 3.20 -8.67
C SER A 2 15.48 2.25 -8.38
N SER A 3 16.69 2.80 -8.29
CA SER A 3 17.88 2.00 -8.02
C SER A 3 18.88 2.79 -7.20
N GLY A 4 19.61 2.09 -6.33
CA GLY A 4 20.59 2.74 -5.48
C GLY A 4 22.00 2.24 -5.76
N SER A 5 22.18 0.93 -5.75
CA SER A 5 23.48 0.32 -5.99
C SER A 5 24.43 0.62 -4.84
N SER A 6 23.92 0.49 -3.62
CA SER A 6 24.73 0.75 -2.42
C SER A 6 26.04 -0.03 -2.48
N GLY A 7 25.92 -1.36 -2.56
CA GLY A 7 27.11 -2.20 -2.61
C GLY A 7 27.03 -3.37 -1.65
N GLU A 8 26.41 -4.46 -2.09
CA GLU A 8 26.26 -5.66 -1.26
C GLU A 8 26.93 -6.85 -1.92
N HIS A 9 28.23 -7.02 -1.65
CA HIS A 9 28.99 -8.13 -2.21
C HIS A 9 28.46 -9.46 -1.69
N ALA A 10 28.26 -9.55 -0.38
CA ALA A 10 27.75 -10.77 0.23
C ALA A 10 26.34 -11.09 -0.25
N PRO A 11 26.04 -12.38 -0.41
CA PRO A 11 24.73 -12.85 -0.87
C PRO A 11 23.65 -12.64 0.18
N ALA A 12 22.68 -11.78 -0.13
CA ALA A 12 21.59 -11.49 0.78
C ALA A 12 20.29 -12.12 0.29
N THR A 13 20.39 -13.32 -0.28
CA THR A 13 19.22 -14.02 -0.80
C THR A 13 18.27 -14.40 0.33
N THR A 14 16.98 -14.25 0.09
CA THR A 14 15.96 -14.58 1.09
C THR A 14 15.05 -15.69 0.59
N GLY A 15 15.39 -16.27 -0.56
CA GLY A 15 14.59 -17.33 -1.11
C GLY A 15 13.36 -16.82 -1.83
N PRO A 16 12.27 -17.61 -1.78
CA PRO A 16 11.01 -17.25 -2.44
C PRO A 16 10.32 -16.07 -1.75
N LEU A 17 9.32 -15.51 -2.43
CA LEU A 17 8.58 -14.37 -1.88
C LEU A 17 7.07 -14.61 -1.97
N PRO A 18 6.31 -13.93 -1.09
CA PRO A 18 4.86 -14.06 -1.04
C PRO A 18 4.19 -13.43 -2.26
N SER A 19 2.86 -13.36 -2.23
CA SER A 19 2.10 -12.79 -3.32
C SER A 19 1.15 -11.70 -2.83
N ALA A 20 1.07 -10.60 -3.56
CA ALA A 20 0.21 -9.49 -3.19
C ALA A 20 -1.15 -9.99 -2.69
N PRO A 21 -1.84 -9.16 -1.90
CA PRO A 21 -3.14 -9.50 -1.34
C PRO A 21 -4.23 -9.53 -2.41
N ARG A 22 -5.42 -10.01 -2.02
CA ARG A 22 -6.54 -10.10 -2.95
C ARG A 22 -7.72 -9.25 -2.46
N ASP A 23 -8.75 -9.17 -3.27
CA ASP A 23 -9.94 -8.38 -2.93
C ASP A 23 -9.54 -6.97 -2.49
N VAL A 24 -8.70 -6.32 -3.29
CA VAL A 24 -8.25 -4.97 -2.99
C VAL A 24 -9.33 -3.94 -3.33
N VAL A 25 -9.94 -3.37 -2.30
CA VAL A 25 -10.99 -2.38 -2.48
C VAL A 25 -10.88 -1.27 -1.45
N ALA A 26 -11.70 -0.23 -1.61
CA ALA A 26 -11.70 0.90 -0.69
C ALA A 26 -12.97 0.92 0.16
N SER A 27 -12.83 0.52 1.42
CA SER A 27 -13.98 0.47 2.33
C SER A 27 -14.67 1.84 2.38
N LEU A 28 -13.91 2.89 2.14
CA LEU A 28 -14.46 4.25 2.15
C LEU A 28 -13.54 5.21 1.41
N VAL A 29 -14.12 6.29 0.88
CA VAL A 29 -13.35 7.29 0.14
C VAL A 29 -13.58 8.69 0.72
N SER A 30 -12.64 9.15 1.53
CA SER A 30 -12.74 10.46 2.15
C SER A 30 -12.20 11.54 1.21
N THR A 31 -12.55 12.79 1.49
CA THR A 31 -12.10 13.92 0.68
C THR A 31 -10.64 14.23 0.94
N ARG A 32 -10.14 13.84 2.11
CA ARG A 32 -8.76 14.07 2.48
C ARG A 32 -8.01 12.75 2.67
N PHE A 33 -8.72 11.65 2.52
CA PHE A 33 -8.14 10.33 2.68
C PHE A 33 -9.01 9.26 2.04
N ILE A 34 -8.55 8.01 2.10
CA ILE A 34 -9.29 6.89 1.52
C ILE A 34 -9.07 5.62 2.32
N LYS A 35 -10.17 4.98 2.72
CA LYS A 35 -10.10 3.75 3.49
C LYS A 35 -9.93 2.54 2.57
N LEU A 36 -8.85 1.80 2.78
CA LEU A 36 -8.57 0.61 1.96
C LEU A 36 -8.90 -0.66 2.74
N THR A 37 -9.21 -1.73 2.00
CA THR A 37 -9.53 -3.01 2.61
C THR A 37 -9.30 -4.17 1.64
N TRP A 38 -8.49 -5.12 2.05
CA TRP A 38 -8.18 -6.28 1.22
C TRP A 38 -8.15 -7.55 2.05
N ARG A 39 -8.09 -8.70 1.37
CA ARG A 39 -8.06 -9.99 2.04
C ARG A 39 -6.64 -10.56 2.04
N THR A 40 -6.49 -11.75 2.63
CA THR A 40 -5.19 -12.41 2.70
C THR A 40 -4.78 -12.96 1.34
N PRO A 41 -3.48 -12.87 1.04
CA PRO A 41 -2.92 -13.36 -0.24
C PRO A 41 -2.96 -14.87 -0.35
N ALA A 42 -3.05 -15.37 -1.57
CA ALA A 42 -3.09 -16.81 -1.81
C ALA A 42 -1.93 -17.52 -1.12
N SER A 43 -0.76 -16.89 -1.18
CA SER A 43 0.43 -17.47 -0.56
C SER A 43 0.29 -17.52 0.96
N ASP A 44 -0.23 -16.44 1.53
CA ASP A 44 -0.42 -16.36 2.98
C ASP A 44 -1.88 -16.08 3.32
N PRO A 45 -2.63 -17.14 3.63
CA PRO A 45 -4.05 -17.04 3.97
C PRO A 45 -4.27 -16.38 5.33
N HIS A 46 -3.17 -16.12 6.04
CA HIS A 46 -3.25 -15.50 7.35
C HIS A 46 -2.51 -14.16 7.36
N GLY A 47 -1.53 -14.03 6.47
CA GLY A 47 -0.76 -12.80 6.38
C GLY A 47 -0.63 -12.10 7.72
N ASP A 48 -0.40 -12.88 8.78
CA ASP A 48 -0.26 -12.34 10.12
C ASP A 48 1.20 -12.07 10.45
N ASN A 49 2.10 -12.75 9.74
CA ASN A 49 3.53 -12.59 9.95
C ASN A 49 4.15 -11.77 8.83
N LEU A 50 3.35 -10.95 8.17
CA LEU A 50 3.82 -10.11 7.08
C LEU A 50 3.05 -8.79 7.03
N THR A 51 3.78 -7.69 6.84
CA THR A 51 3.17 -6.37 6.78
C THR A 51 2.67 -6.08 5.37
N TYR A 52 1.78 -5.09 5.27
CA TYR A 52 1.22 -4.70 3.97
C TYR A 52 1.55 -3.25 3.65
N SER A 53 2.05 -3.01 2.44
CA SER A 53 2.42 -1.67 2.01
C SER A 53 1.43 -1.15 0.96
N VAL A 54 1.07 0.12 1.08
CA VAL A 54 0.14 0.73 0.14
C VAL A 54 0.77 1.93 -0.56
N PHE A 55 1.11 1.76 -1.84
CA PHE A 55 1.71 2.83 -2.62
C PHE A 55 0.66 3.62 -3.39
N TYR A 56 0.57 4.91 -3.09
CA TYR A 56 -0.40 5.78 -3.75
C TYR A 56 0.30 6.86 -4.56
N THR A 57 -0.23 7.14 -5.75
CA THR A 57 0.35 8.16 -6.63
C THR A 57 -0.69 8.70 -7.59
N LYS A 58 -0.82 10.02 -7.64
CA LYS A 58 -1.79 10.67 -8.52
C LYS A 58 -1.62 10.17 -9.96
N GLU A 59 -2.74 10.02 -10.65
CA GLU A 59 -2.72 9.54 -12.03
C GLU A 59 -1.74 10.36 -12.87
N GLY A 60 -0.64 9.72 -13.26
CA GLY A 60 0.36 10.41 -14.05
C GLY A 60 1.70 10.52 -13.34
N ILE A 61 1.65 10.73 -12.03
CA ILE A 61 2.86 10.85 -11.23
C ILE A 61 3.60 9.53 -11.15
N ALA A 62 4.86 9.54 -11.57
CA ALA A 62 5.69 8.33 -11.54
C ALA A 62 6.08 7.96 -10.11
N ARG A 63 6.09 8.96 -9.24
CA ARG A 63 6.45 8.75 -7.83
C ARG A 63 5.23 8.31 -7.02
N GLU A 64 5.46 7.49 -6.01
CA GLU A 64 4.38 6.99 -5.16
C GLU A 64 4.86 6.84 -3.72
N ARG A 65 3.98 7.18 -2.77
CA ARG A 65 4.31 7.07 -1.35
C ARG A 65 3.73 5.81 -0.75
N VAL A 66 4.52 5.11 0.05
CA VAL A 66 4.08 3.87 0.69
C VAL A 66 3.66 4.12 2.13
N GLU A 67 2.62 3.43 2.57
CA GLU A 67 2.11 3.57 3.92
C GLU A 67 2.01 2.21 4.62
N ASN A 68 2.96 1.93 5.52
CA ASN A 68 2.98 0.68 6.24
C ASN A 68 1.85 0.63 7.29
N THR A 69 1.03 -0.39 7.21
CA THR A 69 -0.08 -0.55 8.15
C THR A 69 0.40 -0.48 9.59
N SER A 70 -0.20 0.42 10.37
CA SER A 70 0.18 0.60 11.76
C SER A 70 0.58 -0.74 12.39
N HIS A 71 -0.14 -1.80 12.03
CA HIS A 71 0.13 -3.13 12.56
C HIS A 71 0.31 -4.13 11.42
N PRO A 72 1.20 -5.11 11.64
CA PRO A 72 1.49 -6.15 10.65
C PRO A 72 0.32 -7.11 10.46
N GLY A 73 -0.14 -7.25 9.23
CA GLY A 73 -1.25 -8.14 8.93
C GLY A 73 -2.54 -7.39 8.67
N GLU A 74 -2.67 -6.21 9.27
CA GLU A 74 -3.88 -5.40 9.09
C GLU A 74 -4.43 -5.55 7.68
N MET A 75 -5.67 -6.02 7.59
CA MET A 75 -6.33 -6.21 6.30
C MET A 75 -6.99 -4.92 5.82
N GLN A 76 -6.52 -3.80 6.36
CA GLN A 76 -7.07 -2.49 5.99
C GLN A 76 -6.21 -1.36 6.55
N VAL A 77 -6.24 -0.22 5.89
CA VAL A 77 -5.46 0.95 6.32
C VAL A 77 -5.99 2.23 5.70
N THR A 78 -5.79 3.35 6.39
CA THR A 78 -6.24 4.64 5.90
C THR A 78 -5.08 5.46 5.34
N ILE A 79 -5.31 6.10 4.20
CA ILE A 79 -4.28 6.92 3.58
C ILE A 79 -4.66 8.40 3.62
N GLN A 80 -4.20 9.10 4.65
CA GLN A 80 -4.49 10.52 4.80
C GLN A 80 -3.56 11.36 3.94
N ASN A 81 -3.63 12.67 4.11
CA ASN A 81 -2.79 13.60 3.35
C ASN A 81 -3.03 13.43 1.85
N LEU A 82 -4.30 13.36 1.46
CA LEU A 82 -4.67 13.19 0.07
C LEU A 82 -5.49 14.39 -0.41
N MET A 83 -5.59 14.54 -1.74
CA MET A 83 -6.35 15.63 -2.33
C MET A 83 -7.70 15.15 -2.85
N PRO A 84 -8.76 15.89 -2.52
CA PRO A 84 -10.12 15.55 -2.94
C PRO A 84 -10.33 15.74 -4.44
N ALA A 85 -11.33 15.06 -5.00
CA ALA A 85 -11.63 15.17 -6.42
C ALA A 85 -10.39 14.90 -7.27
N THR A 86 -9.54 14.00 -6.79
CA THR A 86 -8.31 13.65 -7.50
C THR A 86 -8.08 12.15 -7.50
N VAL A 87 -7.84 11.59 -8.69
CA VAL A 87 -7.61 10.16 -8.83
C VAL A 87 -6.28 9.76 -8.18
N TYR A 88 -6.25 8.57 -7.60
CA TYR A 88 -5.05 8.06 -6.94
C TYR A 88 -4.91 6.56 -7.14
N ILE A 89 -3.76 6.15 -7.67
CA ILE A 89 -3.50 4.74 -7.91
C ILE A 89 -2.86 4.07 -6.69
N PHE A 90 -3.66 3.28 -5.97
CA PHE A 90 -3.18 2.59 -4.78
C PHE A 90 -2.72 1.18 -5.12
N ARG A 91 -1.64 0.75 -4.49
CA ARG A 91 -1.10 -0.59 -4.72
C ARG A 91 -0.78 -1.27 -3.40
N VAL A 92 -1.47 -2.38 -3.14
CA VAL A 92 -1.25 -3.14 -1.91
C VAL A 92 -0.27 -4.29 -2.13
N MET A 93 0.71 -4.39 -1.25
CA MET A 93 1.73 -5.44 -1.35
C MET A 93 2.01 -6.05 0.02
N ALA A 94 2.37 -7.32 0.03
CA ALA A 94 2.68 -8.02 1.27
C ALA A 94 4.17 -8.05 1.53
N GLN A 95 4.55 -8.13 2.81
CA GLN A 95 5.96 -8.16 3.20
C GLN A 95 6.17 -9.04 4.42
N ASN A 96 6.94 -10.11 4.25
CA ASN A 96 7.22 -11.04 5.34
C ASN A 96 8.71 -11.01 5.70
N LYS A 97 9.09 -11.85 6.66
CA LYS A 97 10.47 -11.93 7.10
C LYS A 97 11.42 -11.72 5.94
N HIS A 98 11.02 -12.17 4.75
CA HIS A 98 11.85 -12.04 3.55
C HIS A 98 11.92 -10.57 3.12
N GLY A 99 10.80 -10.07 2.58
CA GLY A 99 10.76 -8.69 2.13
C GLY A 99 9.57 -8.41 1.24
N SER A 100 9.76 -7.56 0.24
CA SER A 100 8.69 -7.21 -0.68
C SER A 100 8.52 -8.28 -1.75
N GLY A 101 7.33 -8.89 -1.79
CA GLY A 101 7.06 -9.92 -2.77
C GLY A 101 6.51 -9.36 -4.07
N GLU A 102 5.19 -9.42 -4.22
CA GLU A 102 4.53 -8.92 -5.42
C GLU A 102 3.51 -7.83 -5.07
N SER A 103 3.51 -6.76 -5.86
CA SER A 103 2.59 -5.65 -5.62
C SER A 103 1.26 -5.90 -6.34
N SER A 104 0.17 -5.88 -5.58
CA SER A 104 -1.15 -6.10 -6.14
C SER A 104 -1.41 -5.17 -7.32
N ALA A 105 -2.55 -5.35 -7.96
CA ALA A 105 -2.92 -4.53 -9.12
C ALA A 105 -3.19 -3.09 -8.69
N PRO A 106 -2.89 -2.13 -9.59
CA PRO A 106 -3.10 -0.71 -9.33
C PRO A 106 -4.58 -0.34 -9.31
N LEU A 107 -5.06 0.04 -8.13
CA LEU A 107 -6.47 0.42 -7.97
C LEU A 107 -6.65 1.91 -8.19
N ARG A 108 -7.54 2.27 -9.12
CA ARG A 108 -7.81 3.67 -9.43
C ARG A 108 -8.96 4.19 -8.57
N VAL A 109 -8.62 4.95 -7.53
CA VAL A 109 -9.62 5.52 -6.63
C VAL A 109 -9.74 7.02 -6.83
N GLU A 110 -10.96 7.53 -6.75
CA GLU A 110 -11.21 8.96 -6.91
C GLU A 110 -11.92 9.54 -5.69
N THR A 111 -11.28 10.51 -5.05
CA THR A 111 -11.83 11.14 -3.86
C THR A 111 -13.08 11.96 -4.21
N GLN A 112 -13.65 12.60 -3.20
CA GLN A 112 -14.85 13.41 -3.41
C GLN A 112 -14.53 14.89 -3.27
N PRO A 113 -15.18 15.72 -4.11
CA PRO A 113 -14.98 17.17 -4.11
C PRO A 113 -15.56 17.83 -2.87
N GLU A 114 -14.69 18.19 -1.93
CA GLU A 114 -15.12 18.84 -0.70
C GLU A 114 -15.12 20.35 -0.84
N SER A 115 -15.73 20.84 -1.92
CA SER A 115 -15.80 22.27 -2.18
C SER A 115 -17.24 22.75 -2.22
N GLY A 116 -17.48 23.93 -1.64
CA GLY A 116 -18.83 24.48 -1.61
C GLY A 116 -19.48 24.33 -0.26
N PRO A 117 -20.82 24.40 -0.24
CA PRO A 117 -21.61 24.27 0.99
C PRO A 117 -21.57 22.87 1.56
N SER A 118 -20.59 22.59 2.41
CA SER A 118 -20.44 21.28 3.02
C SER A 118 -21.79 20.70 3.40
N SER A 119 -22.59 21.49 4.11
CA SER A 119 -23.91 21.06 4.54
C SER A 119 -24.90 21.08 3.37
N GLY A 120 -25.36 19.90 2.96
CA GLY A 120 -26.30 19.82 1.86
C GLY A 120 -27.63 20.45 2.19
#